data_8W4O
#
_entry.id   8W4O
#
_cell.length_a   1.00
_cell.length_b   1.00
_cell.length_c   1.00
_cell.angle_alpha   90.00
_cell.angle_beta   90.00
_cell.angle_gamma   90.00
#
_symmetry.space_group_name_H-M   'P 1'
#
loop_
_entity.id
_entity.type
_entity.pdbx_description
1 polymer 'FCPII-G, Fucoxanthin chlorophyll a/c binding protein'
2 polymer 'FCPII-H2, Fucoxanthin chlorophyll a/c binding protein'
3 polymer 'FCPII-H1, Fucoxanthin chlorophyll a/c binding protein'
4 non-polymer "(3S,3'S,5R,5'R,6S,6'R,8'R)-3,5'-dihydroxy-8-oxo-6',7'-didehydro-5,5',6,6',7,8-hexahydro-5,6-epoxy-beta,beta-caroten-3'- yl acetate"
5 non-polymer (1~{R})-3,5,5-trimethyl-4-[(1~{E},3~{E},5~{E},7~{E},9~{E},11~{E},13~{E},15~{E})-3,7,12,16-tetramethyl-18-[(4~{R})-2,6,6-trimethyl-4-oxidanyl-cyclohexen-1-yl]octadeca-1,3,5,7,9,11,13,15-octaen-17-ynyl]cyclohex-3-en-1-ol
6 non-polymer 'CHLOROPHYLL A'
7 non-polymer 1,2-DIPALMITOYL-PHOSPHATIDYL-GLYCEROLE
8 non-polymer 1,2-DISTEAROYL-MONOGALACTOSYL-DIGLYCERIDE
9 non-polymer 1,2-DI-O-ACYL-3-O-[6-DEOXY-6-SULFO-ALPHA-D-GLUCOPYRANOSYL]-SN-GLYCEROL
10 non-polymer "(3S,3'R,5R,6S,7cis)-7',8'-didehydro-5,6-dihydro-5,6-epoxy-beta,beta-carotene-3,3'-diol"
#
loop_
_entity_poly.entity_id
_entity_poly.type
_entity_poly.pdbx_seq_one_letter_code
_entity_poly.pdbx_strand_id
1 'polypeptide(L)'
;APPGLVGALPPVGFFDPAGFAAKASPEELSRYREVEIMHGRFAQLAVLGFIIPEKCAYDGSFGDDFLAPTGRALEVFNTD
PLWLGLTLAVISALETVRLIETEPGTRTDAKIESLGWRPKTESEYINYQVRELQQGRLAMLAFAGEVAQELVNDKPLLVN
LQDSGFVSW
;
5
2 'polypeptide(L)'
;FENELGVIAPTGFFDPLGLSKNISKEKFDEYRTAELKHGRAAMLAVLGYIAPETYRFGFDIAPGVSTYDIPNGVAAIDYI
PALGWAQIIFLIGAVDYWGVLGDFSFGKPDLGDKEEERKLQELQHGRLAMLAFLELLRHDSQNFVSPGFDGYDKMITGLP
FMYG
;
7
3 'polypeptide(L)'
;FENELGVIAPTGFFDPLGFTQDIDQEKFDQYRTAELKHGRVAQLAVVGYVVPEFFRWGFDIAPGIACADVPNGVAAINAI
PALGWAQIIFAIGAVDVRGWFGNFDIGKPDLKGKEEERALQELQHGRLAMLAILELLRHDSQNLVKPGFDGLDNLITGLP
FLYN
;
6
#
loop_
_chem_comp.id
_chem_comp.type
_chem_comp.name
_chem_comp.formula
A86 non-polymer '(3S,3'S,5R,5'R,6S,6'R,8'R)-3,5'-dihydroxy-8-oxo-6',7'-didehydro-5,5',6,6',7,8-hexahydro-5,6-epoxy-beta,beta-caroten-3'- yl acetate' 'C42 H58 O6'
CLA non-polymer 'CHLOROPHYLL A' 'C55 H72 Mg N4 O5'
DD6 non-polymer (3S,3'R,5R,6S,7cis)-7',8'-didehydro-5,6-dihydro-5,6-epoxy-beta,beta-carotene-3,3'-diol 'C40 H54 O3'
ET4 non-polymer (1~{R})-3,5,5-trimethyl-4-[(1~{E},3~{E},5~{E},7~{E},9~{E},11~{E},13~{E},15~{E})-3,7,12,16-tetramethyl-18-[(4~{R})-2,6,6-trimethyl-4-oxidanyl-cyclohexen-1-yl]octadeca-1,3,5,7,9,11,13,15-octaen-17-ynyl]cyclohex-3-en-1-ol 'C40 H54 O2'
LHG non-polymer 1,2-DIPALMITOYL-PHOSPHATIDYL-GLYCEROLE 'C38 H75 O10 P'
LMG non-polymer 1,2-DISTEAROYL-MONOGALACTOSYL-DIGLYCERIDE 'C45 H86 O10'
SQD non-polymer 1,2-DI-O-ACYL-3-O-[6-DEOXY-6-SULFO-ALPHA-D-GLUCOPYRANOSYL]-SN-GLYCEROL 'C41 H78 O12 S'
#
# COMPACT_ATOMS: atom_id res chain seq x y z
N ALA A 1 14.24 41.46 -7.68
CA ALA A 1 15.39 41.72 -6.81
C ALA A 1 16.56 40.75 -7.02
N PRO A 2 16.31 39.42 -7.01
CA PRO A 2 17.44 38.47 -7.12
C PRO A 2 18.02 38.42 -8.52
N PRO A 3 19.21 37.81 -8.69
CA PRO A 3 19.88 37.75 -10.01
C PRO A 3 19.75 36.45 -10.78
N GLY A 4 18.83 35.56 -10.41
CA GLY A 4 18.67 34.30 -11.11
C GLY A 4 19.02 33.08 -10.29
N LEU A 5 19.47 33.27 -9.05
CA LEU A 5 19.70 32.15 -8.14
C LEU A 5 18.41 31.34 -8.02
N VAL A 6 18.54 30.01 -8.14
CA VAL A 6 17.36 29.14 -8.18
C VAL A 6 16.52 29.29 -6.93
N GLY A 7 17.10 29.79 -5.84
CA GLY A 7 16.35 29.91 -4.60
C GLY A 7 15.19 30.87 -4.71
N ALA A 8 14.67 31.23 -3.52
CA ALA A 8 13.50 32.10 -3.35
C ALA A 8 12.21 31.33 -3.57
N LEU A 9 11.37 31.30 -2.54
CA LEU A 9 10.15 30.48 -2.50
C LEU A 9 8.97 31.30 -2.02
N PRO A 10 7.75 30.78 -2.19
CA PRO A 10 6.55 31.54 -1.84
C PRO A 10 6.47 31.97 -0.39
N PRO A 11 6.80 31.07 0.62
CA PRO A 11 6.58 31.44 2.03
C PRO A 11 6.92 32.89 2.33
N VAL A 12 8.10 33.31 1.88
CA VAL A 12 8.52 34.70 2.04
C VAL A 12 8.71 35.34 0.68
N GLY A 13 9.72 34.88 -0.07
CA GLY A 13 10.10 35.54 -1.31
C GLY A 13 11.60 35.61 -1.51
N PHE A 14 12.15 36.81 -1.72
CA PHE A 14 13.59 37.01 -1.78
C PHE A 14 14.03 37.55 -0.42
N PHE A 15 14.47 36.66 0.45
CA PHE A 15 14.86 37.02 1.82
C PHE A 15 16.28 37.56 1.80
N ASP A 16 16.42 38.87 1.92
CA ASP A 16 17.73 39.50 2.02
C ASP A 16 17.63 40.83 2.76
N PRO A 17 17.25 40.83 4.04
CA PRO A 17 17.11 42.10 4.76
C PRO A 17 18.40 42.89 4.87
N ALA A 18 19.54 42.21 5.06
CA ALA A 18 20.79 42.90 5.34
C ALA A 18 21.46 43.46 4.10
N GLY A 19 20.99 43.11 2.91
CA GLY A 19 21.58 43.64 1.70
C GLY A 19 22.97 43.09 1.42
N PHE A 20 23.08 41.77 1.32
CA PHE A 20 24.33 41.13 0.90
C PHE A 20 24.36 40.79 -0.58
N ALA A 21 23.23 40.35 -1.15
CA ALA A 21 23.20 40.09 -2.59
C ALA A 21 22.82 41.34 -3.37
N ALA A 22 23.43 42.46 -2.99
CA ALA A 22 23.57 43.65 -3.83
C ALA A 22 24.93 44.29 -3.71
N LYS A 23 25.65 44.08 -2.60
CA LYS A 23 26.97 44.64 -2.36
C LYS A 23 28.08 43.65 -2.67
N ALA A 24 27.77 42.58 -3.39
CA ALA A 24 28.73 41.55 -3.73
C ALA A 24 29.04 41.58 -5.23
N SER A 25 30.05 40.83 -5.61
CA SER A 25 30.49 40.70 -6.99
C SER A 25 29.86 39.47 -7.63
N PRO A 26 29.90 39.37 -8.95
CA PRO A 26 29.36 38.16 -9.61
C PRO A 26 29.96 36.85 -9.11
N GLU A 27 31.26 36.83 -8.82
CA GLU A 27 31.87 35.62 -8.25
C GLU A 27 31.52 35.44 -6.78
N GLU A 28 31.37 36.54 -6.04
CA GLU A 28 31.06 36.46 -4.62
C GLU A 28 29.71 35.80 -4.39
N LEU A 29 28.72 36.13 -5.23
CA LEU A 29 27.40 35.51 -5.07
C LEU A 29 27.46 34.01 -5.35
N SER A 30 28.23 33.61 -6.36
CA SER A 30 28.43 32.19 -6.61
C SER A 30 29.00 31.51 -5.38
N ARG A 31 30.03 32.11 -4.78
CA ARG A 31 30.63 31.52 -3.59
C ARG A 31 29.63 31.45 -2.44
N TYR A 32 28.80 32.49 -2.28
CA TYR A 32 27.77 32.47 -1.25
C TYR A 32 26.84 31.28 -1.43
N ARG A 33 26.38 31.05 -2.66
CA ARG A 33 25.48 29.93 -2.91
C ARG A 33 26.16 28.60 -2.61
N GLU A 34 27.43 28.47 -2.99
CA GLU A 34 28.16 27.23 -2.70
C GLU A 34 28.24 26.99 -1.20
N VAL A 35 28.61 28.04 -0.47
CA VAL A 35 28.68 28.03 0.98
C VAL A 35 27.35 27.50 1.55
N GLU A 36 26.24 28.07 1.05
CA GLU A 36 24.92 27.61 1.48
C GLU A 36 24.73 26.12 1.25
N ILE A 37 24.93 25.67 0.00
CA ILE A 37 24.66 24.28 -0.34
C ILE A 37 25.46 23.34 0.54
N MET A 38 26.75 23.64 0.71
CA MET A 38 27.63 22.74 1.44
C MET A 38 27.27 22.68 2.92
N HIS A 39 27.09 23.86 3.54
CA HIS A 39 26.66 23.88 4.93
C HIS A 39 25.40 23.05 5.11
N GLY A 40 24.45 23.20 4.19
CA GLY A 40 23.20 22.47 4.30
C GLY A 40 23.40 20.97 4.22
N ARG A 41 24.21 20.53 3.26
CA ARG A 41 24.45 19.09 3.10
C ARG A 41 25.00 18.51 4.40
N PHE A 42 26.07 19.13 4.90
CA PHE A 42 26.66 18.66 6.16
C PHE A 42 25.62 18.64 7.26
N ALA A 43 24.93 19.77 7.45
CA ALA A 43 23.93 19.90 8.51
C ALA A 43 22.94 18.75 8.46
N GLN A 44 22.26 18.57 7.33
CA GLN A 44 21.29 17.49 7.18
C GLN A 44 21.86 16.18 7.69
N LEU A 45 23.09 15.85 7.27
CA LEU A 45 23.71 14.63 7.76
C LEU A 45 23.87 14.68 9.28
N ALA A 46 24.24 15.84 9.83
CA ALA A 46 24.49 15.96 11.26
C ALA A 46 23.21 15.83 12.07
N VAL A 47 22.11 16.35 11.54
CA VAL A 47 20.81 16.22 12.21
C VAL A 47 20.41 14.77 12.29
N LEU A 48 20.52 14.05 11.17
CA LEU A 48 20.21 12.62 11.23
C LEU A 48 21.14 11.90 12.20
N GLY A 49 22.42 12.30 12.23
CA GLY A 49 23.36 11.68 13.15
C GLY A 49 23.04 11.95 14.61
N PHE A 50 22.57 13.16 14.92
CA PHE A 50 22.14 13.43 16.28
C PHE A 50 20.94 12.58 16.64
N ILE A 51 19.99 12.44 15.71
CA ILE A 51 18.74 11.77 16.04
C ILE A 51 18.97 10.29 16.30
N ILE A 52 19.70 9.61 15.42
CA ILE A 52 19.66 8.15 15.47
C ILE A 52 20.51 7.56 16.61
N PRO A 53 21.80 7.90 16.76
CA PRO A 53 22.53 7.44 17.96
C PRO A 53 21.81 7.74 19.28
N GLU A 54 21.26 8.94 19.44
CA GLU A 54 20.60 9.27 20.70
C GLU A 54 19.40 8.36 20.94
N LYS A 55 18.59 8.13 19.90
CA LYS A 55 17.46 7.22 20.04
C LYS A 55 17.92 5.82 20.41
N CYS A 56 18.99 5.34 19.77
CA CYS A 56 19.51 4.02 20.11
C CYS A 56 20.02 3.97 21.54
N ALA A 57 20.39 5.11 22.12
CA ALA A 57 20.66 5.14 23.56
C ALA A 57 19.37 5.08 24.36
N TYR A 58 18.32 5.76 23.91
CA TYR A 58 17.06 5.75 24.64
C TYR A 58 16.41 4.36 24.65
N ASP A 59 16.65 3.56 23.62
CA ASP A 59 16.00 2.27 23.49
C ASP A 59 16.85 1.12 24.01
N GLY A 60 17.95 1.41 24.70
CA GLY A 60 18.80 0.37 25.26
C GLY A 60 19.29 -0.61 24.22
N SER A 61 19.56 -0.13 23.01
CA SER A 61 19.84 -0.98 21.87
C SER A 61 21.32 -1.10 21.55
N PHE A 62 22.17 -0.32 22.21
CA PHE A 62 23.61 -0.38 21.96
C PHE A 62 24.38 -0.73 23.23
N GLY A 63 23.72 -1.30 24.21
CA GLY A 63 24.31 -1.52 25.52
C GLY A 63 23.93 -0.42 26.48
N ASP A 64 24.54 -0.47 27.66
CA ASP A 64 24.27 0.48 28.73
C ASP A 64 25.42 1.46 28.94
N ASP A 65 26.33 1.58 27.96
CA ASP A 65 27.42 2.53 28.02
C ASP A 65 27.45 3.50 26.85
N PHE A 66 26.68 3.25 25.81
CA PHE A 66 26.61 4.12 24.64
C PHE A 66 26.12 5.50 25.06
N LEU A 67 26.99 6.50 24.98
CA LEU A 67 26.70 7.85 25.48
C LEU A 67 26.33 7.80 26.96
N ALA A 68 27.34 7.42 27.76
CA ALA A 68 27.18 6.88 29.10
C ALA A 68 26.40 7.77 30.08
N PRO A 69 26.88 8.98 30.45
CA PRO A 69 26.27 9.65 31.61
C PRO A 69 24.82 10.07 31.37
N THR A 70 24.57 10.75 30.25
CA THR A 70 23.25 11.27 29.93
C THR A 70 22.64 10.61 28.70
N GLY A 71 23.34 10.61 27.59
CA GLY A 71 22.79 10.10 26.34
C GLY A 71 22.96 11.11 25.23
N ARG A 72 23.51 12.27 25.58
CA ARG A 72 23.74 13.33 24.59
C ARG A 72 24.80 12.90 23.60
N ALA A 73 24.58 13.23 22.33
CA ALA A 73 25.60 12.97 21.32
C ALA A 73 26.80 13.89 21.48
N LEU A 74 26.66 14.99 22.21
CA LEU A 74 27.78 15.85 22.57
C LEU A 74 28.64 15.24 23.67
N GLU A 75 28.36 14.00 24.08
CA GLU A 75 29.14 13.31 25.10
C GLU A 75 30.24 12.44 24.51
N VAL A 76 30.30 12.28 23.19
CA VAL A 76 31.40 11.57 22.57
C VAL A 76 32.72 12.27 22.86
N PHE A 77 32.68 13.57 23.14
CA PHE A 77 33.87 14.30 23.54
C PHE A 77 34.46 13.78 24.85
N ASN A 78 33.66 13.05 25.65
CA ASN A 78 34.14 12.43 26.87
C ASN A 78 34.48 10.96 26.68
N THR A 79 33.55 10.18 26.14
CA THR A 79 33.81 8.77 25.84
C THR A 79 34.17 8.65 24.37
N ASP A 80 35.33 8.04 24.09
CA ASP A 80 35.90 7.92 22.75
C ASP A 80 36.19 9.27 22.12
N PRO A 81 37.19 10.03 22.60
CA PRO A 81 37.57 11.27 21.92
C PRO A 81 38.42 11.03 20.68
N LEU A 82 39.32 10.05 20.75
CA LEU A 82 40.20 9.76 19.63
C LEU A 82 39.42 9.26 18.42
N TRP A 83 38.31 8.54 18.65
CA TRP A 83 37.46 8.13 17.54
C TRP A 83 36.92 9.34 16.79
N LEU A 84 36.43 10.33 17.53
CA LEU A 84 35.97 11.57 16.91
C LEU A 84 37.09 12.27 16.17
N GLY A 85 38.29 12.30 16.76
CA GLY A 85 39.41 12.92 16.09
C GLY A 85 39.75 12.27 14.77
N LEU A 86 39.82 10.94 14.76
CA LEU A 86 40.13 10.22 13.53
C LEU A 86 39.02 10.40 12.50
N THR A 87 37.77 10.50 12.94
CA THR A 87 36.69 10.71 11.99
C THR A 87 36.77 12.10 11.35
N LEU A 88 37.04 13.13 12.15
CA LEU A 88 37.27 14.45 11.57
C LEU A 88 38.46 14.42 10.61
N ALA A 89 39.48 13.62 10.93
CA ALA A 89 40.64 13.51 10.05
C ALA A 89 40.27 12.89 8.70
N VAL A 90 39.49 11.81 8.73
CA VAL A 90 39.08 11.16 7.48
C VAL A 90 38.22 12.10 6.64
N ILE A 91 37.29 12.81 7.29
CA ILE A 91 36.50 13.81 6.59
C ILE A 91 37.41 14.85 5.96
N SER A 92 38.42 15.29 6.70
CA SER A 92 39.34 16.30 6.19
C SER A 92 40.10 15.79 4.97
N ALA A 93 40.51 14.52 5.00
CA ALA A 93 41.23 13.96 3.85
C ALA A 93 40.37 13.92 2.60
N LEU A 94 39.15 13.39 2.73
CA LEU A 94 38.27 13.35 1.57
C LEU A 94 37.93 14.75 1.08
N GLU A 95 37.84 15.73 1.99
CA GLU A 95 37.57 17.09 1.55
C GLU A 95 38.80 17.75 0.95
N THR A 96 40.00 17.34 1.34
CA THR A 96 41.19 17.80 0.64
C THR A 96 41.18 17.26 -0.79
N VAL A 97 40.72 16.02 -0.97
CA VAL A 97 40.49 15.52 -2.31
C VAL A 97 39.53 16.43 -3.07
N ARG A 98 38.44 16.84 -2.41
CA ARG A 98 37.54 17.82 -3.02
C ARG A 98 38.29 19.08 -3.44
N LEU A 99 38.95 19.75 -2.48
CA LEU A 99 39.65 21.01 -2.76
C LEU A 99 40.63 20.86 -3.90
N ILE A 100 41.27 19.70 -4.03
CA ILE A 100 42.22 19.49 -5.11
C ILE A 100 41.48 19.38 -6.44
N GLU A 101 40.49 18.49 -6.53
CA GLU A 101 39.87 18.25 -7.82
C GLU A 101 38.96 19.38 -8.27
N THR A 102 37.81 19.56 -7.61
CA THR A 102 36.85 20.60 -7.96
C THR A 102 37.56 21.92 -8.18
N GLU A 103 37.10 22.78 -9.08
CA GLU A 103 37.73 24.07 -9.35
C GLU A 103 36.85 25.23 -8.91
N PRO A 104 37.41 26.42 -8.65
CA PRO A 104 36.60 27.52 -8.11
C PRO A 104 35.36 27.74 -8.95
N GLY A 105 34.21 27.88 -8.30
CA GLY A 105 32.97 27.92 -9.05
C GLY A 105 32.21 26.62 -8.98
N THR A 106 32.90 25.47 -9.03
CA THR A 106 32.12 24.24 -8.86
C THR A 106 31.97 23.86 -7.38
N ARG A 107 32.88 23.05 -6.87
CA ARG A 107 32.88 22.73 -5.44
C ARG A 107 31.55 22.22 -4.96
N THR A 108 30.75 21.68 -5.85
CA THR A 108 29.49 21.07 -5.41
C THR A 108 29.11 19.88 -6.29
N ASP A 109 29.59 19.89 -7.53
CA ASP A 109 29.30 18.83 -8.49
C ASP A 109 30.33 17.73 -8.28
N ALA A 110 29.90 16.66 -7.62
CA ALA A 110 30.77 15.51 -7.41
C ALA A 110 30.87 14.61 -8.63
N LYS A 111 30.35 15.05 -9.78
CA LYS A 111 30.34 14.25 -11.00
C LYS A 111 29.71 12.89 -10.75
N ILE A 112 28.78 12.83 -9.80
CA ILE A 112 28.06 11.59 -9.53
C ILE A 112 26.82 11.57 -10.40
N GLU A 113 27.00 11.31 -11.68
CA GLU A 113 25.88 11.36 -12.61
C GLU A 113 25.29 9.99 -12.87
N SER A 114 26.14 9.04 -13.27
CA SER A 114 25.68 7.66 -13.47
C SER A 114 25.51 6.91 -12.17
N LEU A 115 26.34 7.23 -11.17
CA LEU A 115 26.27 6.52 -9.90
C LEU A 115 24.97 6.78 -9.15
N GLY A 116 24.15 7.71 -9.61
CA GLY A 116 22.88 7.96 -8.95
C GLY A 116 21.79 8.32 -9.92
N TRP A 117 20.62 8.68 -9.38
CA TRP A 117 19.47 9.08 -10.17
C TRP A 117 19.38 10.59 -10.25
N ARG A 118 18.61 11.08 -11.23
CA ARG A 118 18.40 12.52 -11.39
C ARG A 118 17.10 12.74 -12.15
N PRO A 119 16.40 13.85 -11.90
CA PRO A 119 15.22 14.17 -12.70
C PRO A 119 15.58 14.34 -14.17
N LYS A 120 14.68 13.87 -15.04
CA LYS A 120 14.96 13.82 -16.47
C LYS A 120 14.63 15.13 -17.18
N THR A 121 13.58 15.82 -16.78
CA THR A 121 13.23 17.09 -17.42
C THR A 121 14.16 18.18 -16.88
N GLU A 122 13.84 19.43 -17.18
CA GLU A 122 14.61 20.55 -16.66
C GLU A 122 13.91 21.31 -15.55
N SER A 123 12.60 21.53 -15.68
CA SER A 123 11.85 22.21 -14.63
C SER A 123 11.97 21.47 -13.30
N GLU A 124 11.79 20.14 -13.33
CA GLU A 124 11.90 19.35 -12.12
C GLU A 124 13.26 19.53 -11.46
N TYR A 125 14.32 19.65 -12.27
CA TYR A 125 15.64 19.88 -11.71
C TYR A 125 15.66 21.16 -10.87
N ILE A 126 15.25 22.28 -11.47
CA ILE A 126 15.11 23.54 -10.74
C ILE A 126 14.39 23.32 -9.41
N ASN A 127 13.32 22.52 -9.44
CA ASN A 127 12.62 22.19 -8.20
C ASN A 127 13.53 21.44 -7.22
N TYR A 128 14.29 20.47 -7.72
CA TYR A 128 15.12 19.65 -6.82
C TYR A 128 16.24 20.45 -6.20
N GLN A 129 16.83 21.37 -6.96
CA GLN A 129 17.81 22.30 -6.41
C GLN A 129 17.20 23.13 -5.28
N VAL A 130 16.01 23.69 -5.54
CA VAL A 130 15.34 24.48 -4.52
C VAL A 130 15.09 23.63 -3.27
N ARG A 131 14.69 22.38 -3.46
CA ARG A 131 14.47 21.48 -2.34
C ARG A 131 15.74 21.30 -1.53
N GLU A 132 16.80 20.79 -2.17
CA GLU A 132 18.09 20.63 -1.50
C GLU A 132 18.43 21.85 -0.66
N LEU A 133 18.27 23.05 -1.24
CA LEU A 133 18.57 24.26 -0.50
C LEU A 133 17.67 24.42 0.73
N GLN A 134 16.38 24.14 0.59
CA GLN A 134 15.44 24.37 1.69
C GLN A 134 15.68 23.39 2.83
N GLN A 135 15.81 22.10 2.49
CA GLN A 135 16.16 21.10 3.50
C GLN A 135 17.46 21.47 4.20
N GLY A 136 18.44 21.99 3.45
CA GLY A 136 19.68 22.42 4.08
C GLY A 136 19.49 23.55 5.06
N ARG A 137 18.68 24.55 4.69
CA ARG A 137 18.42 25.68 5.59
C ARG A 137 17.78 25.18 6.89
N LEU A 138 16.72 24.38 6.76
CA LEU A 138 16.05 23.86 7.94
C LEU A 138 16.99 23.04 8.80
N ALA A 139 17.87 22.25 8.15
CA ALA A 139 18.81 21.43 8.90
C ALA A 139 19.83 22.29 9.64
N MET A 140 20.28 23.38 9.02
CA MET A 140 21.19 24.29 9.73
C MET A 140 20.53 24.79 11.01
N LEU A 141 19.29 25.28 10.90
CA LEU A 141 18.60 25.77 12.08
C LEU A 141 18.46 24.66 13.13
N ALA A 142 18.09 23.47 12.68
CA ALA A 142 17.87 22.36 13.61
C ALA A 142 19.16 21.99 14.34
N PHE A 143 20.28 21.94 13.62
CA PHE A 143 21.55 21.57 14.26
C PHE A 143 21.95 22.61 15.29
N ALA A 144 21.84 23.89 14.95
CA ALA A 144 22.18 24.92 15.93
C ALA A 144 21.31 24.79 17.17
N GLY A 145 20.01 24.56 16.97
CA GLY A 145 19.12 24.44 18.11
C GLY A 145 19.44 23.23 18.98
N GLU A 146 19.70 22.09 18.35
CA GLU A 146 20.03 20.88 19.11
C GLU A 146 21.26 21.11 19.96
N VAL A 147 22.33 21.66 19.36
CA VAL A 147 23.56 21.86 20.09
C VAL A 147 23.34 22.81 21.27
N ALA A 148 22.65 23.92 21.02
CA ALA A 148 22.44 24.89 22.09
C ALA A 148 21.61 24.31 23.23
N GLN A 149 20.51 23.63 22.89
CA GLN A 149 19.63 23.06 23.91
C GLN A 149 20.37 22.04 24.77
N GLU A 150 21.10 21.13 24.13
CA GLU A 150 21.82 20.11 24.87
C GLU A 150 22.90 20.72 25.75
N LEU A 151 23.62 21.72 25.24
CA LEU A 151 24.59 22.40 26.07
C LEU A 151 23.93 23.17 27.20
N VAL A 152 22.64 23.49 27.08
CA VAL A 152 21.93 24.18 28.16
C VAL A 152 21.61 23.21 29.29
N ASN A 153 20.77 22.22 29.03
CA ASN A 153 20.36 21.29 30.10
C ASN A 153 20.73 19.86 29.71
N ASP A 154 21.82 19.34 30.29
CA ASP A 154 22.34 18.10 29.75
C ASP A 154 21.26 17.02 29.83
N LYS A 155 20.66 16.73 28.68
CA LYS A 155 19.48 15.88 28.53
C LYS A 155 19.26 15.64 27.05
N PRO A 156 18.97 14.41 26.63
CA PRO A 156 18.81 14.13 25.21
C PRO A 156 17.57 14.81 24.64
N LEU A 157 17.50 14.82 23.30
CA LEU A 157 16.40 15.50 22.62
C LEU A 157 15.06 14.85 22.96
N LEU A 158 14.97 13.53 22.79
CA LEU A 158 13.71 12.83 23.03
C LEU A 158 13.31 12.91 24.49
N VAL A 159 14.28 12.89 25.41
CA VAL A 159 13.97 13.00 26.83
C VAL A 159 13.54 14.42 27.18
N ASN A 160 14.20 15.43 26.61
CA ASN A 160 13.73 16.80 26.80
C ASN A 160 12.31 16.97 26.29
N LEU A 161 11.94 16.23 25.25
CA LEU A 161 10.56 16.26 24.79
C LEU A 161 9.63 15.53 25.75
N GLN A 162 10.06 14.38 26.26
CA GLN A 162 9.20 13.58 27.14
C GLN A 162 8.92 14.31 28.44
N ASP A 163 9.97 14.63 29.19
CA ASP A 163 9.82 15.59 30.26
C ASP A 163 9.45 16.94 29.65
N SER A 164 9.03 17.87 30.52
CA SER A 164 8.46 19.16 30.13
C SER A 164 7.14 19.00 29.39
N GLY A 165 6.63 17.78 29.25
CA GLY A 165 5.29 17.54 28.73
C GLY A 165 5.01 18.03 27.33
N PHE A 166 5.93 17.76 26.40
CA PHE A 166 5.75 18.16 25.01
C PHE A 166 5.38 17.00 24.09
N VAL A 167 5.49 15.76 24.56
CA VAL A 167 5.05 14.61 23.78
C VAL A 167 4.13 13.78 24.65
N SER A 168 3.74 12.59 24.17
CA SER A 168 2.78 11.76 24.89
C SER A 168 3.23 10.31 24.93
N TRP A 169 4.52 10.07 25.16
CA TRP A 169 5.01 8.69 25.22
C TRP A 169 5.50 8.33 26.60
N PHE B 1 -23.42 -19.70 -33.99
CA PHE B 1 -22.43 -20.14 -33.02
C PHE B 1 -22.33 -21.66 -32.99
N GLU B 2 -23.02 -22.31 -33.92
CA GLU B 2 -23.07 -23.76 -33.98
C GLU B 2 -21.82 -24.36 -34.62
N ASN B 3 -20.75 -23.57 -34.76
CA ASN B 3 -19.49 -24.08 -35.27
C ASN B 3 -18.29 -23.70 -34.42
N GLU B 4 -18.47 -22.87 -33.39
CA GLU B 4 -17.39 -22.54 -32.50
C GLU B 4 -16.97 -23.76 -31.68
N LEU B 5 -15.78 -23.68 -31.10
CA LEU B 5 -15.23 -24.80 -30.35
C LEU B 5 -16.15 -25.16 -29.19
N GLY B 6 -16.27 -26.46 -28.92
CA GLY B 6 -17.19 -26.92 -27.89
C GLY B 6 -18.39 -27.70 -28.38
N VAL B 7 -18.20 -28.58 -29.36
CA VAL B 7 -19.25 -29.48 -29.83
C VAL B 7 -18.68 -30.89 -29.99
N ILE B 8 -19.11 -31.81 -29.13
CA ILE B 8 -18.67 -33.20 -29.18
C ILE B 8 -19.90 -34.07 -29.48
N ALA B 9 -19.71 -35.39 -29.63
CA ALA B 9 -20.79 -36.25 -30.10
C ALA B 9 -21.97 -36.33 -29.11
N PRO B 10 -21.79 -36.69 -27.84
CA PRO B 10 -22.96 -36.74 -26.96
C PRO B 10 -23.49 -35.32 -26.79
N THR B 11 -24.70 -35.04 -27.29
CA THR B 11 -25.19 -33.66 -27.25
C THR B 11 -24.29 -32.72 -28.05
N GLY B 12 -24.43 -32.70 -29.38
CA GLY B 12 -23.60 -31.84 -30.20
C GLY B 12 -23.57 -30.37 -29.83
N PHE B 13 -24.64 -29.61 -30.05
CA PHE B 13 -24.71 -28.21 -29.64
C PHE B 13 -25.64 -28.14 -28.43
N PHE B 14 -25.07 -27.90 -27.26
CA PHE B 14 -25.83 -27.87 -26.02
C PHE B 14 -26.27 -26.43 -25.77
N ASP B 15 -27.55 -26.16 -26.03
CA ASP B 15 -28.13 -24.87 -25.72
C ASP B 15 -29.65 -25.01 -25.61
N PRO B 16 -30.14 -25.79 -24.65
CA PRO B 16 -31.60 -26.02 -24.59
C PRO B 16 -32.40 -24.76 -24.34
N LEU B 17 -32.00 -23.94 -23.37
CA LEU B 17 -32.77 -22.78 -22.97
C LEU B 17 -32.58 -21.60 -23.91
N GLY B 18 -31.81 -21.75 -24.98
CA GLY B 18 -31.60 -20.66 -25.91
C GLY B 18 -30.86 -19.49 -25.32
N LEU B 19 -29.84 -19.75 -24.50
CA LEU B 19 -29.08 -18.67 -23.86
C LEU B 19 -28.04 -18.05 -24.77
N SER B 20 -27.83 -18.59 -25.98
CA SER B 20 -26.81 -18.09 -26.88
C SER B 20 -27.38 -17.73 -28.24
N LYS B 21 -28.66 -17.41 -28.31
CA LYS B 21 -29.28 -16.93 -29.54
C LYS B 21 -29.34 -15.42 -29.52
N ASN B 22 -29.05 -14.81 -30.68
CA ASN B 22 -29.03 -13.38 -30.92
C ASN B 22 -27.84 -12.67 -30.29
N ILE B 23 -26.99 -13.39 -29.55
CA ILE B 23 -25.88 -12.73 -28.90
C ILE B 23 -24.80 -12.35 -29.92
N SER B 24 -24.02 -11.33 -29.58
CA SER B 24 -22.90 -10.90 -30.39
C SER B 24 -21.64 -11.67 -30.00
N LYS B 25 -20.71 -11.77 -30.94
CA LYS B 25 -19.51 -12.59 -30.73
C LYS B 25 -18.70 -12.09 -29.53
N GLU B 26 -18.78 -10.80 -29.22
CA GLU B 26 -18.08 -10.29 -28.04
C GLU B 26 -18.58 -10.98 -26.77
N LYS B 27 -19.90 -11.06 -26.61
CA LYS B 27 -20.45 -11.77 -25.46
C LYS B 27 -20.04 -13.23 -25.49
N PHE B 28 -20.28 -13.93 -26.60
CA PHE B 28 -19.93 -15.35 -26.66
C PHE B 28 -18.46 -15.56 -26.30
N ASP B 29 -17.61 -14.59 -26.61
CA ASP B 29 -16.24 -14.60 -26.11
C ASP B 29 -16.22 -14.52 -24.58
N GLU B 30 -17.01 -13.60 -24.00
CA GLU B 30 -17.03 -13.47 -22.54
C GLU B 30 -17.57 -14.75 -21.88
N TYR B 31 -18.62 -15.32 -22.46
CA TYR B 31 -19.21 -16.56 -21.96
C TYR B 31 -18.20 -17.70 -22.00
N ARG B 32 -17.45 -17.82 -23.11
CA ARG B 32 -16.45 -18.87 -23.18
C ARG B 32 -15.32 -18.63 -22.17
N THR B 33 -14.94 -17.37 -21.97
CA THR B 33 -13.93 -17.07 -20.95
C THR B 33 -14.41 -17.49 -19.56
N ALA B 34 -15.66 -17.18 -19.24
CA ALA B 34 -16.23 -17.59 -17.96
C ALA B 34 -16.27 -19.11 -17.84
N GLU B 35 -16.65 -19.80 -18.90
CA GLU B 35 -16.72 -21.25 -18.88
C GLU B 35 -15.34 -21.86 -18.61
N LEU B 36 -14.32 -21.37 -19.31
CA LEU B 36 -12.98 -21.92 -19.12
C LEU B 36 -12.46 -21.63 -17.71
N LYS B 37 -12.65 -20.41 -17.22
CA LYS B 37 -12.15 -20.08 -15.89
C LYS B 37 -12.86 -20.91 -14.83
N HIS B 38 -14.18 -21.05 -14.92
CA HIS B 38 -14.92 -21.87 -13.98
C HIS B 38 -14.45 -23.32 -14.05
N GLY B 39 -14.20 -23.83 -15.24
CA GLY B 39 -13.76 -25.21 -15.36
C GLY B 39 -12.41 -25.46 -14.72
N ARG B 40 -11.46 -24.55 -14.96
CA ARG B 40 -10.15 -24.69 -14.33
C ARG B 40 -10.26 -24.62 -12.81
N ALA B 41 -11.04 -23.66 -12.30
CA ALA B 41 -11.22 -23.55 -10.85
C ALA B 41 -11.90 -24.79 -10.29
N ALA B 42 -12.86 -25.35 -11.02
CA ALA B 42 -13.57 -26.53 -10.53
C ALA B 42 -12.68 -27.76 -10.52
N MET B 43 -11.80 -27.89 -11.52
CA MET B 43 -10.81 -28.96 -11.47
C MET B 43 -9.95 -28.82 -10.22
N LEU B 44 -9.41 -27.61 -10.00
CA LEU B 44 -8.57 -27.40 -8.83
C LEU B 44 -9.34 -27.65 -7.53
N ALA B 45 -10.65 -27.39 -7.53
CA ALA B 45 -11.46 -27.72 -6.36
C ALA B 45 -11.54 -29.23 -6.16
N VAL B 46 -12.07 -29.94 -7.15
CA VAL B 46 -12.24 -31.39 -7.08
C VAL B 46 -10.90 -32.08 -6.79
N LEU B 47 -9.80 -31.35 -6.96
CA LEU B 47 -8.51 -31.88 -6.49
C LEU B 47 -8.10 -31.38 -5.11
N GLY B 48 -8.65 -30.26 -4.64
CA GLY B 48 -8.34 -29.77 -3.30
C GLY B 48 -9.27 -30.26 -2.21
N TYR B 49 -10.40 -30.85 -2.60
CA TYR B 49 -11.29 -31.53 -1.68
C TYR B 49 -10.82 -32.93 -1.34
N ILE B 50 -9.85 -33.47 -2.06
CA ILE B 50 -9.39 -34.84 -1.89
C ILE B 50 -8.05 -34.90 -1.17
N ALA B 51 -7.10 -34.07 -1.59
CA ALA B 51 -5.74 -34.15 -1.07
C ALA B 51 -5.66 -34.01 0.44
N PRO B 52 -6.32 -33.04 1.10
CA PRO B 52 -6.13 -32.91 2.55
C PRO B 52 -6.63 -34.11 3.34
N GLU B 53 -7.50 -34.95 2.77
CA GLU B 53 -8.03 -36.08 3.52
C GLU B 53 -6.95 -37.08 3.91
N THR B 54 -5.77 -37.01 3.30
CA THR B 54 -4.66 -37.87 3.69
C THR B 54 -3.32 -37.15 3.80
N TYR B 55 -3.27 -35.85 3.53
CA TYR B 55 -2.00 -35.12 3.60
C TYR B 55 -2.27 -33.66 3.91
N ARG B 56 -1.88 -33.23 5.10
CA ARG B 56 -1.90 -31.84 5.50
C ARG B 56 -0.49 -31.27 5.39
N PHE B 57 -0.38 -30.06 4.84
CA PHE B 57 0.92 -29.48 4.51
C PHE B 57 1.83 -29.40 5.73
N GLY B 58 1.46 -28.59 6.71
CA GLY B 58 2.23 -28.52 7.93
C GLY B 58 2.42 -27.14 8.53
N PHE B 59 2.32 -26.09 7.72
CA PHE B 59 2.64 -24.75 8.19
C PHE B 59 1.53 -24.23 9.10
N ASP B 60 1.68 -22.96 9.52
CA ASP B 60 0.71 -22.28 10.36
C ASP B 60 0.09 -21.17 9.54
N ILE B 61 -1.18 -21.34 9.15
CA ILE B 61 -1.83 -20.37 8.28
C ILE B 61 -1.92 -19.01 8.96
N ALA B 62 -2.25 -19.00 10.25
CA ALA B 62 -2.44 -17.78 11.01
C ALA B 62 -1.69 -17.94 12.33
N PRO B 63 -1.62 -16.93 13.21
CA PRO B 63 -0.63 -17.00 14.30
C PRO B 63 -0.78 -18.20 15.21
N GLY B 64 -1.98 -18.73 15.38
CA GLY B 64 -2.18 -19.86 16.26
C GLY B 64 -2.65 -21.11 15.55
N VAL B 65 -3.33 -20.96 14.42
CA VAL B 65 -3.97 -22.08 13.76
C VAL B 65 -2.94 -22.84 12.93
N SER B 66 -3.09 -24.16 12.87
CA SER B 66 -2.18 -25.03 12.15
C SER B 66 -2.93 -25.80 11.08
N THR B 67 -2.32 -25.95 9.90
CA THR B 67 -2.96 -26.76 8.87
C THR B 67 -2.68 -28.22 9.17
N TYR B 68 -2.94 -28.62 10.41
CA TYR B 68 -3.01 -30.01 10.82
C TYR B 68 -4.32 -30.33 11.51
N ASP B 69 -5.12 -29.32 11.85
CA ASP B 69 -6.35 -29.48 12.60
C ASP B 69 -7.58 -28.94 11.90
N ILE B 70 -7.44 -27.91 11.07
CA ILE B 70 -8.61 -27.30 10.44
C ILE B 70 -9.30 -28.34 9.57
N PRO B 71 -10.58 -28.58 9.78
CA PRO B 71 -11.28 -29.59 8.99
C PRO B 71 -11.36 -29.19 7.54
N ASN B 72 -11.42 -30.20 6.67
CA ASN B 72 -11.46 -29.97 5.24
C ASN B 72 -12.88 -29.70 4.76
N GLY B 73 -12.98 -28.91 3.69
CA GLY B 73 -14.27 -28.61 3.09
C GLY B 73 -14.88 -27.31 3.59
N VAL B 74 -16.21 -27.23 3.50
CA VAL B 74 -16.87 -25.99 3.89
C VAL B 74 -16.89 -26.04 5.41
N ALA B 75 -15.70 -25.96 6.00
CA ALA B 75 -15.55 -25.79 7.42
C ALA B 75 -14.23 -25.07 7.71
N ALA B 76 -13.26 -25.29 6.83
CA ALA B 76 -11.96 -24.64 6.97
C ALA B 76 -12.10 -23.14 6.85
N ILE B 77 -13.12 -22.69 6.11
CA ILE B 77 -13.36 -21.26 5.90
C ILE B 77 -13.42 -20.54 7.24
N ASP B 78 -14.39 -20.91 8.09
CA ASP B 78 -14.56 -20.21 9.35
C ASP B 78 -13.41 -20.45 10.33
N TYR B 79 -12.36 -21.16 9.93
CA TYR B 79 -11.18 -21.35 10.76
C TYR B 79 -10.07 -20.35 10.42
N ILE B 80 -9.68 -20.30 9.16
CA ILE B 80 -8.68 -19.31 8.75
C ILE B 80 -9.25 -17.91 8.98
N PRO B 81 -8.55 -17.02 9.67
CA PRO B 81 -9.10 -15.70 9.95
C PRO B 81 -9.38 -14.92 8.68
N ALA B 82 -10.34 -14.01 8.78
CA ALA B 82 -10.85 -13.32 7.60
C ALA B 82 -9.77 -12.50 6.91
N LEU B 83 -8.84 -11.92 7.68
CA LEU B 83 -7.76 -11.15 7.08
C LEU B 83 -6.88 -12.02 6.18
N GLY B 84 -6.60 -13.25 6.62
CA GLY B 84 -5.82 -14.14 5.79
C GLY B 84 -6.54 -14.53 4.51
N TRP B 85 -7.83 -14.86 4.63
CA TRP B 85 -8.62 -15.14 3.45
C TRP B 85 -8.56 -13.97 2.47
N ALA B 86 -8.76 -12.75 2.99
CA ALA B 86 -8.72 -11.56 2.14
C ALA B 86 -7.36 -11.41 1.47
N GLN B 87 -6.29 -11.59 2.23
CA GLN B 87 -4.95 -11.44 1.69
C GLN B 87 -4.72 -12.44 0.57
N ILE B 88 -5.40 -13.58 0.61
CA ILE B 88 -5.35 -14.52 -0.51
C ILE B 88 -6.17 -13.99 -1.69
N ILE B 89 -7.47 -13.77 -1.48
CA ILE B 89 -8.40 -13.36 -2.53
C ILE B 89 -7.76 -12.28 -3.38
N PHE B 90 -7.14 -11.28 -2.75
CA PHE B 90 -6.56 -10.19 -3.52
C PHE B 90 -5.36 -10.65 -4.35
N LEU B 91 -4.58 -11.61 -3.86
CA LEU B 91 -3.46 -12.10 -4.66
C LEU B 91 -3.95 -12.92 -5.85
N ILE B 92 -4.96 -13.76 -5.64
CA ILE B 92 -5.54 -14.48 -6.77
C ILE B 92 -6.06 -13.50 -7.80
N GLY B 93 -6.64 -12.39 -7.34
CA GLY B 93 -7.05 -11.35 -8.26
C GLY B 93 -5.89 -10.72 -8.99
N ALA B 94 -4.78 -10.49 -8.30
CA ALA B 94 -3.59 -9.97 -8.97
C ALA B 94 -3.18 -10.90 -10.10
N VAL B 95 -3.26 -12.21 -9.87
CA VAL B 95 -2.97 -13.16 -10.92
C VAL B 95 -4.05 -13.17 -12.01
N ASP B 96 -5.27 -12.73 -11.68
CA ASP B 96 -6.38 -12.86 -12.63
C ASP B 96 -6.60 -11.63 -13.51
N TYR B 97 -6.41 -10.42 -12.98
CA TYR B 97 -6.69 -9.19 -13.73
C TYR B 97 -5.43 -8.57 -14.33
N TRP B 98 -4.41 -8.33 -13.51
CA TRP B 98 -3.16 -7.77 -14.02
C TRP B 98 -2.26 -8.83 -14.63
N GLY B 99 -2.62 -10.10 -14.53
CA GLY B 99 -1.86 -11.17 -15.16
C GLY B 99 -0.43 -11.23 -14.71
N VAL B 100 -0.20 -11.37 -13.41
CA VAL B 100 1.13 -11.46 -12.84
C VAL B 100 1.32 -12.85 -12.27
N LEU B 101 2.56 -13.33 -12.29
CA LEU B 101 2.94 -14.65 -11.79
C LEU B 101 2.24 -15.78 -12.54
N GLY B 102 1.54 -15.48 -13.62
CA GLY B 102 0.79 -16.49 -14.34
C GLY B 102 0.82 -16.31 -15.85
N ASP B 103 1.83 -15.59 -16.35
CA ASP B 103 1.96 -15.35 -17.78
C ASP B 103 3.33 -15.78 -18.30
N PHE B 104 4.06 -16.60 -17.56
CA PHE B 104 5.38 -17.03 -17.99
C PHE B 104 5.29 -17.74 -19.34
N SER B 105 5.95 -17.16 -20.34
CA SER B 105 5.77 -17.61 -21.73
C SER B 105 6.18 -19.07 -21.90
N PHE B 106 7.14 -19.55 -21.12
CA PHE B 106 7.56 -20.94 -21.22
C PHE B 106 6.57 -21.90 -20.57
N GLY B 107 5.38 -21.42 -20.23
CA GLY B 107 4.30 -22.29 -19.81
C GLY B 107 3.27 -22.46 -20.91
N LYS B 108 3.27 -21.53 -21.88
CA LYS B 108 2.40 -21.60 -23.03
C LYS B 108 3.12 -22.32 -24.16
N PRO B 109 2.82 -23.58 -24.42
CA PRO B 109 3.54 -24.34 -25.45
C PRO B 109 2.93 -24.09 -26.82
N ASP B 110 3.44 -24.80 -27.81
CA ASP B 110 2.96 -24.74 -29.19
C ASP B 110 2.33 -26.09 -29.50
N LEU B 111 1.01 -26.18 -29.34
CA LEU B 111 0.32 -27.44 -29.58
C LEU B 111 0.28 -27.81 -31.05
N GLY B 112 0.65 -26.88 -31.94
CA GLY B 112 0.76 -27.22 -33.36
C GLY B 112 -0.56 -27.69 -33.92
N ASP B 113 -0.53 -28.85 -34.58
CA ASP B 113 -1.75 -29.43 -35.10
C ASP B 113 -2.44 -30.25 -34.02
N LYS B 114 -2.57 -29.65 -32.82
CA LYS B 114 -3.42 -30.19 -31.78
C LYS B 114 -4.10 -29.08 -30.98
N GLU B 115 -3.84 -27.83 -31.31
CA GLU B 115 -4.39 -26.75 -30.52
C GLU B 115 -5.89 -26.63 -30.64
N GLU B 116 -6.50 -27.48 -31.46
CA GLU B 116 -7.93 -27.46 -31.58
C GLU B 116 -8.49 -28.73 -30.98
N GLU B 117 -7.63 -29.51 -30.38
CA GLU B 117 -8.07 -30.77 -29.82
C GLU B 117 -7.77 -30.78 -28.36
N ARG B 118 -6.67 -30.16 -27.98
CA ARG B 118 -6.38 -30.07 -26.56
C ARG B 118 -7.25 -29.03 -25.86
N LYS B 119 -7.60 -27.94 -26.55
CA LYS B 119 -8.51 -26.96 -25.97
C LYS B 119 -9.88 -27.59 -25.69
N LEU B 120 -10.36 -28.41 -26.61
CA LEU B 120 -11.63 -29.10 -26.41
C LEU B 120 -11.56 -30.07 -25.24
N GLN B 121 -10.43 -30.78 -25.10
CA GLN B 121 -10.26 -31.66 -23.95
C GLN B 121 -10.30 -30.87 -22.65
N GLU B 122 -9.64 -29.71 -22.63
CA GLU B 122 -9.66 -28.86 -21.44
C GLU B 122 -11.08 -28.43 -21.10
N LEU B 123 -11.84 -27.99 -22.12
CA LEU B 123 -13.21 -27.53 -21.87
C LEU B 123 -14.08 -28.67 -21.35
N GLN B 124 -13.97 -29.86 -21.94
CA GLN B 124 -14.83 -30.96 -21.51
C GLN B 124 -14.46 -31.42 -20.10
N HIS B 125 -13.16 -31.46 -19.78
CA HIS B 125 -12.76 -31.76 -18.42
C HIS B 125 -13.32 -30.75 -17.45
N GLY B 126 -13.35 -29.47 -17.84
CA GLY B 126 -13.89 -28.45 -16.97
C GLY B 126 -15.38 -28.64 -16.75
N ARG B 127 -16.09 -29.01 -17.80
CA ARG B 127 -17.52 -29.25 -17.70
C ARG B 127 -17.80 -30.39 -16.73
N LEU B 128 -17.02 -31.48 -16.81
CA LEU B 128 -17.22 -32.56 -15.85
C LEU B 128 -16.85 -32.14 -14.44
N ALA B 129 -15.74 -31.40 -14.29
CA ALA B 129 -15.26 -31.03 -12.97
C ALA B 129 -16.23 -30.08 -12.26
N MET B 130 -16.95 -29.24 -13.01
CA MET B 130 -17.92 -28.36 -12.38
C MET B 130 -19.00 -29.17 -11.68
N LEU B 131 -19.54 -30.18 -12.36
CA LEU B 131 -20.57 -31.03 -11.75
C LEU B 131 -20.00 -31.83 -10.59
N ALA B 132 -18.75 -32.29 -10.72
CA ALA B 132 -18.12 -33.00 -9.61
C ALA B 132 -18.02 -32.10 -8.38
N PHE B 133 -17.63 -30.84 -8.57
CA PHE B 133 -17.59 -29.91 -7.46
C PHE B 133 -18.97 -29.66 -6.88
N LEU B 134 -19.98 -29.58 -7.74
CA LEU B 134 -21.35 -29.41 -7.26
C LEU B 134 -21.72 -30.55 -6.31
N GLU B 135 -21.44 -31.79 -6.70
CA GLU B 135 -21.77 -32.92 -5.85
C GLU B 135 -20.95 -32.90 -4.56
N LEU B 136 -19.66 -32.62 -4.64
CA LEU B 136 -18.83 -32.59 -3.44
C LEU B 136 -19.32 -31.53 -2.47
N LEU B 137 -19.66 -30.35 -2.98
CA LEU B 137 -20.19 -29.29 -2.13
C LEU B 137 -21.52 -29.71 -1.52
N ARG B 138 -22.39 -30.35 -2.30
CA ARG B 138 -23.67 -30.80 -1.76
C ARG B 138 -23.45 -31.73 -0.57
N HIS B 139 -22.65 -32.78 -0.76
CA HIS B 139 -22.40 -33.72 0.32
C HIS B 139 -21.79 -33.02 1.53
N ASP B 140 -20.73 -32.26 1.31
CA ASP B 140 -20.01 -31.60 2.38
C ASP B 140 -20.91 -30.70 3.19
N SER B 141 -21.63 -29.79 2.52
CA SER B 141 -22.45 -28.82 3.24
C SER B 141 -23.65 -29.48 3.91
N GLN B 142 -24.35 -30.36 3.18
CA GLN B 142 -25.51 -31.04 3.75
C GLN B 142 -25.14 -31.80 5.01
N ASN B 143 -23.93 -32.36 5.08
CA ASN B 143 -23.53 -33.04 6.29
C ASN B 143 -22.96 -32.10 7.34
N PHE B 144 -22.38 -30.98 6.92
CA PHE B 144 -21.87 -30.01 7.88
C PHE B 144 -23.01 -29.35 8.65
N VAL B 145 -24.18 -29.23 8.04
CA VAL B 145 -25.34 -28.68 8.76
C VAL B 145 -25.95 -29.75 9.66
N SER B 146 -26.38 -30.87 9.07
CA SER B 146 -26.97 -31.97 9.81
C SER B 146 -26.03 -33.18 9.74
N PRO B 147 -25.17 -33.39 10.73
CA PRO B 147 -24.25 -34.53 10.67
C PRO B 147 -25.00 -35.85 10.59
N GLY B 148 -24.52 -36.72 9.71
CA GLY B 148 -25.12 -38.01 9.49
C GLY B 148 -26.07 -38.07 8.30
N PHE B 149 -26.50 -36.92 7.78
CA PHE B 149 -27.41 -36.90 6.65
C PHE B 149 -26.78 -37.61 5.46
N ASP B 150 -27.60 -38.36 4.72
CA ASP B 150 -27.21 -39.21 3.61
C ASP B 150 -26.52 -40.49 4.07
N GLY B 151 -26.26 -40.60 5.36
CA GLY B 151 -25.69 -41.85 5.87
C GLY B 151 -24.20 -42.07 5.63
N TYR B 152 -23.72 -41.78 4.41
CA TYR B 152 -22.31 -41.94 4.11
C TYR B 152 -21.51 -40.89 4.87
N ASP B 153 -21.03 -41.27 6.07
CA ASP B 153 -20.43 -40.29 6.97
C ASP B 153 -19.13 -39.71 6.42
N LYS B 154 -18.44 -40.46 5.56
CA LYS B 154 -17.12 -40.03 5.07
C LYS B 154 -17.28 -38.89 4.06
N MET B 155 -16.15 -38.41 3.53
CA MET B 155 -16.19 -37.35 2.54
C MET B 155 -16.14 -37.85 1.10
N ILE B 156 -14.97 -38.36 0.67
CA ILE B 156 -14.83 -38.80 -0.71
C ILE B 156 -15.34 -40.22 -0.74
N THR B 157 -16.67 -40.37 -0.72
CA THR B 157 -17.29 -41.67 -0.55
C THR B 157 -16.79 -42.64 -1.62
N GLY B 158 -16.77 -42.18 -2.87
CA GLY B 158 -16.40 -43.03 -3.98
C GLY B 158 -14.98 -43.53 -3.94
N LEU B 159 -14.13 -42.98 -3.09
CA LEU B 159 -12.80 -43.56 -2.99
C LEU B 159 -12.63 -44.16 -1.60
N PRO B 160 -13.23 -45.33 -1.34
CA PRO B 160 -13.21 -45.86 0.03
C PRO B 160 -11.82 -46.27 0.49
N PHE B 161 -10.94 -46.68 -0.43
CA PHE B 161 -9.62 -47.13 -0.03
C PHE B 161 -8.83 -46.03 0.67
N MET B 162 -9.05 -44.77 0.28
CA MET B 162 -8.44 -43.64 0.99
C MET B 162 -8.85 -43.59 2.45
N TYR B 163 -9.98 -44.18 2.81
CA TYR B 163 -10.57 -44.05 4.14
C TYR B 163 -10.89 -42.59 4.44
N GLY B 164 -11.80 -42.04 3.65
CA GLY B 164 -12.24 -40.66 3.79
C GLY B 164 -12.77 -40.35 5.18
N PHE C 1 1.94 15.44 -19.97
CA PHE C 1 0.77 15.30 -19.10
C PHE C 1 0.76 16.37 -18.03
N GLU C 2 1.41 17.50 -18.31
CA GLU C 2 1.48 18.59 -17.35
C GLU C 2 0.19 19.39 -17.25
N ASN C 3 -0.76 19.18 -18.17
CA ASN C 3 -2.05 19.87 -18.17
C ASN C 3 -3.15 18.81 -18.17
N GLU C 4 -3.53 18.35 -16.98
CA GLU C 4 -4.62 17.39 -16.82
C GLU C 4 -5.12 17.49 -15.39
N LEU C 5 -6.42 17.30 -15.22
CA LEU C 5 -7.09 17.56 -13.95
C LEU C 5 -6.31 16.99 -12.77
N GLY C 6 -5.90 17.87 -11.87
CA GLY C 6 -5.09 17.48 -10.74
C GLY C 6 -3.99 18.47 -10.42
N VAL C 7 -3.75 19.41 -11.33
CA VAL C 7 -2.74 20.44 -11.12
C VAL C 7 -3.39 21.58 -10.34
N ILE C 8 -2.99 21.74 -9.08
CA ILE C 8 -3.57 22.75 -8.21
C ILE C 8 -2.49 23.23 -7.25
N ALA C 9 -2.60 24.48 -6.83
CA ALA C 9 -1.64 25.05 -5.90
C ALA C 9 -1.68 24.28 -4.57
N PRO C 10 -0.58 24.28 -3.81
CA PRO C 10 0.70 24.95 -4.06
C PRO C 10 1.62 24.25 -5.06
N THR C 11 1.60 22.92 -5.06
CA THR C 11 2.48 22.15 -5.94
C THR C 11 1.86 22.04 -7.32
N GLY C 12 2.50 22.65 -8.32
CA GLY C 12 1.98 22.67 -9.66
C GLY C 12 1.78 21.30 -10.28
N PHE C 13 2.86 20.54 -10.42
CA PHE C 13 2.83 19.21 -11.01
C PHE C 13 3.65 18.28 -10.12
N PHE C 14 2.98 17.53 -9.26
CA PHE C 14 3.67 16.70 -8.26
C PHE C 14 3.95 15.32 -8.85
N ASP C 15 4.98 15.27 -9.67
CA ASP C 15 5.57 14.00 -10.12
C ASP C 15 7.06 14.06 -9.86
N PRO C 16 7.46 14.08 -8.59
CA PRO C 16 8.89 14.22 -8.28
C PRO C 16 9.73 13.07 -8.78
N LEU C 17 9.31 11.84 -8.48
CA LEU C 17 10.10 10.67 -8.86
C LEU C 17 9.69 10.15 -10.24
N GLY C 18 9.62 11.06 -11.21
CA GLY C 18 9.46 10.75 -12.62
C GLY C 18 8.62 9.56 -13.02
N PHE C 19 7.34 9.54 -12.66
CA PHE C 19 6.47 8.43 -13.03
C PHE C 19 5.75 8.66 -14.34
N THR C 20 5.44 9.90 -14.68
CA THR C 20 4.75 10.23 -15.93
C THR C 20 5.72 10.56 -17.06
N GLN C 21 6.97 10.11 -16.96
CA GLN C 21 7.98 10.54 -17.92
C GLN C 21 7.74 9.93 -19.30
N ASP C 22 7.78 8.61 -19.39
CA ASP C 22 7.59 7.91 -20.66
C ASP C 22 6.40 6.97 -20.50
N ILE C 23 5.20 7.51 -20.72
CA ILE C 23 3.96 6.74 -20.62
C ILE C 23 3.01 7.25 -21.70
N ASP C 24 2.17 6.34 -22.19
CA ASP C 24 1.11 6.70 -23.11
C ASP C 24 -0.15 7.05 -22.34
N GLN C 25 -1.13 7.61 -23.06
CA GLN C 25 -2.36 8.06 -22.42
C GLN C 25 -3.08 6.90 -21.70
N GLU C 26 -2.90 5.67 -22.18
CA GLU C 26 -3.54 4.53 -21.53
C GLU C 26 -3.02 4.34 -20.11
N LYS C 27 -1.70 4.43 -19.93
CA LYS C 27 -1.13 4.20 -18.60
C LYS C 27 -1.50 5.33 -17.64
N PHE C 28 -1.48 6.57 -18.12
CA PHE C 28 -1.92 7.66 -17.26
C PHE C 28 -3.40 7.57 -16.93
N ASP C 29 -4.21 7.08 -17.86
CA ASP C 29 -5.62 6.84 -17.57
C ASP C 29 -5.78 5.79 -16.48
N GLN C 30 -4.98 4.72 -16.55
CA GLN C 30 -5.01 3.70 -15.51
C GLN C 30 -4.61 4.31 -14.16
N TYR C 31 -3.57 5.14 -14.16
CA TYR C 31 -3.14 5.79 -12.92
C TYR C 31 -4.24 6.67 -12.34
N ARG C 32 -4.91 7.45 -13.20
CA ARG C 32 -5.98 8.31 -12.72
C ARG C 32 -7.16 7.50 -12.19
N THR C 33 -7.48 6.39 -12.84
CA THR C 33 -8.55 5.53 -12.35
C THR C 33 -8.20 4.99 -10.97
N ALA C 34 -6.97 4.51 -10.80
CA ALA C 34 -6.55 4.02 -9.49
C ALA C 34 -6.61 5.11 -8.44
N GLU C 35 -6.15 6.32 -8.79
CA GLU C 35 -6.17 7.43 -7.84
C GLU C 35 -7.58 7.77 -7.41
N LEU C 36 -8.49 7.90 -8.36
CA LEU C 36 -9.87 8.28 -8.04
C LEU C 36 -10.54 7.22 -7.16
N LYS C 37 -10.38 5.94 -7.53
CA LYS C 37 -11.00 4.88 -6.75
C LYS C 37 -10.41 4.82 -5.34
N HIS C 38 -9.09 4.91 -5.23
CA HIS C 38 -8.44 4.92 -3.93
C HIS C 38 -8.96 6.05 -3.06
N GLY C 39 -9.06 7.25 -3.64
CA GLY C 39 -9.53 8.39 -2.87
C GLY C 39 -10.94 8.20 -2.36
N ARG C 40 -11.85 7.74 -3.24
CA ARG C 40 -13.23 7.51 -2.82
C ARG C 40 -13.28 6.50 -1.68
N VAL C 41 -12.53 5.40 -1.82
CA VAL C 41 -12.50 4.38 -0.77
C VAL C 41 -12.02 4.98 0.54
N ALA C 42 -10.98 5.81 0.48
CA ALA C 42 -10.42 6.39 1.70
C ALA C 42 -11.43 7.32 2.39
N GLN C 43 -12.14 8.14 1.62
CA GLN C 43 -13.13 9.02 2.24
C GLN C 43 -14.23 8.21 2.92
N LEU C 44 -14.75 7.20 2.23
CA LEU C 44 -15.77 6.36 2.84
C LEU C 44 -15.23 5.68 4.08
N ALA C 45 -13.97 5.27 4.06
CA ALA C 45 -13.38 4.58 5.21
C ALA C 45 -13.26 5.50 6.42
N VAL C 46 -12.88 6.76 6.20
CA VAL C 46 -12.77 7.69 7.33
C VAL C 46 -14.16 7.95 7.93
N VAL C 47 -15.16 8.18 7.07
CA VAL C 47 -16.51 8.35 7.58
C VAL C 47 -16.95 7.11 8.35
N GLY C 48 -16.54 5.94 7.87
CA GLY C 48 -16.89 4.70 8.55
C GLY C 48 -16.22 4.55 9.91
N TYR C 49 -14.99 5.03 10.04
CA TYR C 49 -14.37 4.99 11.37
C TYR C 49 -15.12 5.91 12.32
N VAL C 50 -15.50 7.10 11.86
CA VAL C 50 -16.09 8.06 12.78
C VAL C 50 -17.48 7.62 13.22
N VAL C 51 -18.31 7.14 12.29
CA VAL C 51 -19.74 7.03 12.59
C VAL C 51 -20.07 5.89 13.56
N PRO C 52 -19.55 4.64 13.38
CA PRO C 52 -19.76 3.62 14.42
C PRO C 52 -19.29 3.97 15.83
N GLU C 53 -18.67 5.13 16.03
CA GLU C 53 -18.35 5.56 17.39
C GLU C 53 -19.54 6.16 18.12
N PHE C 54 -20.61 6.52 17.40
CA PHE C 54 -21.81 7.03 18.04
C PHE C 54 -23.08 6.50 17.41
N PHE C 55 -23.01 5.45 16.59
CA PHE C 55 -24.19 4.81 16.01
C PHE C 55 -23.83 3.46 15.41
N ARG C 56 -24.59 2.43 15.75
CA ARG C 56 -24.39 1.10 15.19
C ARG C 56 -25.71 0.55 14.71
N TRP C 57 -25.68 -0.16 13.59
CA TRP C 57 -26.91 -0.69 13.00
C TRP C 57 -27.61 -1.63 13.97
N GLY C 58 -28.90 -1.83 13.73
CA GLY C 58 -29.74 -2.64 14.59
C GLY C 58 -29.91 -4.09 14.18
N PHE C 59 -29.23 -4.56 13.16
CA PHE C 59 -29.33 -5.96 12.75
C PHE C 59 -28.24 -6.77 13.45
N ASP C 60 -28.07 -8.02 13.05
CA ASP C 60 -27.08 -8.92 13.63
C ASP C 60 -26.24 -9.49 12.49
N ILE C 61 -25.15 -8.79 12.15
CA ILE C 61 -24.20 -9.34 11.20
C ILE C 61 -23.68 -10.66 11.74
N ALA C 62 -23.60 -11.66 10.85
CA ALA C 62 -23.16 -13.02 11.16
C ALA C 62 -24.21 -13.75 12.00
N PRO C 63 -24.14 -15.09 12.11
CA PRO C 63 -25.12 -15.84 12.90
C PRO C 63 -25.43 -15.23 14.27
N GLY C 64 -24.40 -15.04 15.09
CA GLY C 64 -24.58 -14.38 16.37
C GLY C 64 -24.03 -12.97 16.34
N ILE C 65 -22.95 -12.74 17.07
CA ILE C 65 -22.14 -11.53 16.95
C ILE C 65 -22.94 -10.28 17.33
N ALA C 66 -23.94 -9.94 16.51
CA ALA C 66 -24.75 -8.73 16.64
C ALA C 66 -23.92 -7.50 16.27
N CYS C 67 -24.56 -6.51 15.63
CA CYS C 67 -23.85 -5.36 15.10
C CYS C 67 -23.43 -4.37 16.17
N ALA C 68 -23.90 -4.53 17.41
CA ALA C 68 -23.62 -3.57 18.47
C ALA C 68 -22.57 -4.08 19.47
N ASP C 69 -21.89 -5.19 19.15
CA ASP C 69 -20.84 -5.71 20.01
C ASP C 69 -19.46 -5.66 19.37
N VAL C 70 -19.40 -5.58 18.05
CA VAL C 70 -18.14 -5.73 17.31
C VAL C 70 -17.22 -4.56 17.61
N PRO C 71 -15.91 -4.78 17.77
CA PRO C 71 -14.98 -3.66 17.92
C PRO C 71 -14.97 -2.78 16.68
N ASN C 72 -14.38 -1.60 16.82
CA ASN C 72 -14.57 -0.53 15.84
C ASN C 72 -13.43 -0.38 14.84
N GLY C 73 -12.21 -0.74 15.19
CA GLY C 73 -11.07 -0.35 14.37
C GLY C 73 -10.48 -1.42 13.47
N VAL C 74 -9.18 -1.68 13.58
CA VAL C 74 -8.51 -2.66 12.74
C VAL C 74 -9.10 -3.98 13.10
N ALA C 75 -9.53 -4.14 14.34
CA ALA C 75 -10.26 -5.35 14.68
C ALA C 75 -11.51 -5.36 13.80
N ALA C 76 -12.44 -6.28 14.09
CA ALA C 76 -13.69 -6.40 13.35
C ALA C 76 -13.44 -6.95 11.95
N ILE C 77 -12.17 -7.07 11.57
CA ILE C 77 -11.78 -7.90 10.44
C ILE C 77 -11.54 -9.32 10.91
N ASN C 78 -11.41 -9.54 12.21
CA ASN C 78 -11.24 -10.87 12.78
C ASN C 78 -12.37 -11.24 13.74
N ALA C 79 -13.45 -10.45 13.77
CA ALA C 79 -14.61 -10.75 14.60
C ALA C 79 -15.85 -11.04 13.78
N ILE C 80 -15.78 -10.94 12.46
CA ILE C 80 -16.89 -11.28 11.57
C ILE C 80 -16.48 -12.53 10.80
N PRO C 81 -17.31 -13.58 10.78
CA PRO C 81 -16.96 -14.81 10.07
C PRO C 81 -16.44 -14.56 8.67
N ALA C 82 -15.44 -15.36 8.28
CA ALA C 82 -14.72 -15.13 7.03
C ALA C 82 -15.65 -15.23 5.81
N LEU C 83 -16.66 -16.08 5.88
CA LEU C 83 -17.57 -16.22 4.75
C LEU C 83 -18.32 -14.90 4.49
N GLY C 84 -18.77 -14.24 5.55
CA GLY C 84 -19.44 -12.96 5.37
C GLY C 84 -18.53 -11.90 4.78
N TRP C 85 -17.27 -11.86 5.24
CA TRP C 85 -16.32 -10.91 4.68
C TRP C 85 -16.07 -11.19 3.20
N ALA C 86 -15.95 -12.47 2.83
CA ALA C 86 -15.75 -12.81 1.44
C ALA C 86 -16.94 -12.41 0.58
N GLN C 87 -18.15 -12.62 1.10
CA GLN C 87 -19.35 -12.23 0.34
C GLN C 87 -19.42 -10.71 0.17
N ILE C 88 -19.08 -9.96 1.22
CA ILE C 88 -19.04 -8.50 1.09
C ILE C 88 -18.01 -8.09 0.04
N ILE C 89 -16.84 -8.74 0.07
CA ILE C 89 -15.79 -8.43 -0.89
C ILE C 89 -16.28 -8.65 -2.32
N PHE C 90 -16.91 -9.79 -2.56
CA PHE C 90 -17.36 -10.10 -3.92
C PHE C 90 -18.52 -9.22 -4.35
N ALA C 91 -19.37 -8.78 -3.41
CA ALA C 91 -20.43 -7.84 -3.77
C ALA C 91 -19.84 -6.49 -4.17
N ILE C 92 -18.88 -5.99 -3.39
CA ILE C 92 -18.20 -4.76 -3.77
C ILE C 92 -17.54 -4.93 -5.14
N GLY C 93 -17.01 -6.12 -5.41
CA GLY C 93 -16.45 -6.37 -6.72
C GLY C 93 -17.48 -6.31 -7.82
N ALA C 94 -18.65 -6.91 -7.59
CA ALA C 94 -19.71 -6.83 -8.59
C ALA C 94 -20.06 -5.39 -8.90
N VAL C 95 -20.18 -4.55 -7.86
CA VAL C 95 -20.42 -3.13 -8.09
C VAL C 95 -19.23 -2.48 -8.79
N ASP C 96 -18.03 -3.02 -8.60
CA ASP C 96 -16.82 -2.40 -9.14
C ASP C 96 -16.66 -2.70 -10.63
N VAL C 97 -16.51 -3.98 -10.99
CA VAL C 97 -16.27 -4.35 -12.38
C VAL C 97 -17.56 -4.27 -13.19
N ARG C 98 -18.54 -5.12 -12.89
CA ARG C 98 -19.78 -5.11 -13.66
C ARG C 98 -20.49 -3.78 -13.55
N GLY C 99 -20.22 -3.01 -12.50
CA GLY C 99 -20.89 -1.75 -12.26
C GLY C 99 -22.39 -1.95 -12.20
N TRP C 100 -22.87 -2.60 -11.15
CA TRP C 100 -24.29 -2.95 -11.14
C TRP C 100 -25.20 -2.02 -10.36
N PHE C 101 -25.26 -2.17 -9.05
CA PHE C 101 -26.21 -1.37 -8.29
C PHE C 101 -25.51 -0.05 -8.01
N GLY C 102 -24.82 0.46 -9.03
CA GLY C 102 -23.93 1.58 -8.91
C GLY C 102 -23.81 2.42 -10.16
N ASN C 103 -24.89 2.57 -10.92
CA ASN C 103 -24.80 3.39 -12.12
C ASN C 103 -26.09 4.15 -12.37
N PHE C 104 -27.00 4.14 -11.40
CA PHE C 104 -28.32 4.76 -11.56
C PHE C 104 -28.19 6.18 -12.10
N ASP C 105 -28.94 6.47 -13.17
CA ASP C 105 -28.78 7.73 -13.89
C ASP C 105 -29.05 8.95 -13.00
N ILE C 106 -29.78 8.75 -11.89
CA ILE C 106 -29.99 9.84 -10.93
C ILE C 106 -28.72 10.16 -10.15
N GLY C 107 -27.64 9.41 -10.40
CA GLY C 107 -26.36 9.66 -9.77
C GLY C 107 -25.36 10.43 -10.60
N LYS C 108 -25.78 11.00 -11.73
CA LYS C 108 -24.90 11.80 -12.59
C LYS C 108 -25.57 13.14 -12.84
N PRO C 109 -25.55 14.04 -11.85
CA PRO C 109 -26.27 15.31 -11.99
C PRO C 109 -25.61 16.20 -13.02
N ASP C 110 -26.38 17.20 -13.47
CA ASP C 110 -25.91 18.16 -14.47
C ASP C 110 -25.12 19.25 -13.77
N LEU C 111 -23.80 19.07 -13.71
CA LEU C 111 -22.91 20.04 -13.09
C LEU C 111 -22.70 21.21 -14.05
N LYS C 112 -23.76 22.02 -14.18
CA LYS C 112 -23.77 23.11 -15.13
C LYS C 112 -22.56 24.02 -14.95
N GLY C 113 -21.65 24.02 -15.91
CA GLY C 113 -20.45 24.84 -15.85
C GLY C 113 -19.32 24.37 -14.96
N LYS C 114 -19.63 23.95 -13.74
CA LYS C 114 -18.63 23.72 -12.70
C LYS C 114 -17.98 22.34 -12.77
N GLU C 115 -18.00 21.67 -13.92
CA GLU C 115 -17.59 20.27 -13.99
C GLU C 115 -16.13 20.09 -13.57
N GLU C 116 -15.21 20.85 -14.19
CA GLU C 116 -13.80 20.67 -13.90
C GLU C 116 -13.48 21.02 -12.45
N GLU C 117 -14.10 22.08 -11.94
CA GLU C 117 -13.87 22.46 -10.54
C GLU C 117 -14.28 21.35 -9.59
N ARG C 118 -15.44 20.73 -9.83
CA ARG C 118 -15.90 19.67 -8.94
C ARG C 118 -15.05 18.41 -9.07
N ALA C 119 -14.55 18.11 -10.28
CA ALA C 119 -13.62 17.00 -10.42
C ALA C 119 -12.35 17.23 -9.63
N LEU C 120 -11.80 18.44 -9.72
CA LEU C 120 -10.59 18.77 -8.97
C LEU C 120 -10.83 18.68 -7.47
N GLN C 121 -11.97 19.18 -7.00
CA GLN C 121 -12.28 19.11 -5.57
C GLN C 121 -12.38 17.66 -5.12
N GLU C 122 -13.03 16.82 -5.92
CA GLU C 122 -13.17 15.41 -5.55
C GLU C 122 -11.81 14.73 -5.45
N LEU C 123 -10.92 15.00 -6.42
CA LEU C 123 -9.60 14.40 -6.36
C LEU C 123 -8.83 14.85 -5.12
N GLN C 124 -8.87 16.16 -4.82
CA GLN C 124 -8.13 16.68 -3.67
C GLN C 124 -8.64 16.06 -2.36
N HIS C 125 -9.96 15.96 -2.22
CA HIS C 125 -10.51 15.32 -1.04
C HIS C 125 -10.06 13.87 -0.95
N GLY C 126 -9.97 13.19 -2.09
CA GLY C 126 -9.43 11.84 -2.07
C GLY C 126 -8.02 11.77 -1.52
N ARG C 127 -7.16 12.71 -1.94
CA ARG C 127 -5.79 12.75 -1.41
C ARG C 127 -5.80 12.90 0.11
N LEU C 128 -6.54 13.90 0.59
CA LEU C 128 -6.59 14.15 2.03
C LEU C 128 -7.10 12.93 2.79
N ALA C 129 -8.13 12.28 2.25
CA ALA C 129 -8.68 11.10 2.92
C ALA C 129 -7.69 9.94 2.91
N MET C 130 -6.89 9.81 1.88
CA MET C 130 -5.89 8.74 1.84
C MET C 130 -4.88 8.93 2.97
N LEU C 131 -4.43 10.16 3.18
CA LEU C 131 -3.51 10.41 4.31
C LEU C 131 -4.20 10.17 5.65
N ALA C 132 -5.46 10.63 5.79
CA ALA C 132 -6.18 10.45 7.05
C ALA C 132 -6.38 8.98 7.37
N ILE C 133 -6.71 8.16 6.36
CA ILE C 133 -6.93 6.74 6.60
C ILE C 133 -5.63 6.07 7.01
N LEU C 134 -4.50 6.49 6.42
CA LEU C 134 -3.23 5.96 6.89
C LEU C 134 -2.99 6.26 8.36
N GLU C 135 -3.26 7.50 8.77
CA GLU C 135 -3.03 7.85 10.18
C GLU C 135 -3.91 7.04 11.11
N LEU C 136 -5.19 6.90 10.77
CA LEU C 136 -6.10 6.13 11.63
C LEU C 136 -5.64 4.68 11.73
N LEU C 137 -5.26 4.08 10.61
CA LEU C 137 -4.80 2.71 10.62
C LEU C 137 -3.56 2.55 11.48
N ARG C 138 -2.59 3.45 11.34
CA ARG C 138 -1.36 3.35 12.10
C ARG C 138 -1.65 3.42 13.60
N HIS C 139 -2.41 4.45 14.02
CA HIS C 139 -2.71 4.58 15.44
C HIS C 139 -3.38 3.32 15.97
N ASP C 140 -4.44 2.88 15.32
CA ASP C 140 -5.15 1.73 15.85
C ASP C 140 -4.31 0.48 15.89
N SER C 141 -3.70 0.12 14.77
CA SER C 141 -2.95 -1.12 14.73
C SER C 141 -1.81 -1.11 15.74
N GLN C 142 -1.05 -0.01 15.80
CA GLN C 142 0.06 0.05 16.75
C GLN C 142 -0.44 -0.05 18.18
N ASN C 143 -1.53 0.64 18.51
CA ASN C 143 -2.04 0.56 19.88
C ASN C 143 -2.82 -0.72 20.14
N LEU C 144 -3.03 -1.54 19.12
CA LEU C 144 -3.56 -2.88 19.34
C LEU C 144 -2.46 -3.91 19.59
N VAL C 145 -1.36 -3.86 18.82
CA VAL C 145 -0.28 -4.83 19.01
C VAL C 145 0.34 -4.67 20.40
N LYS C 146 0.49 -3.43 20.86
CA LYS C 146 1.00 -3.15 22.20
C LYS C 146 0.14 -2.03 22.79
N PRO C 147 -0.87 -2.38 23.61
CA PRO C 147 -1.73 -1.35 24.22
C PRO C 147 -0.94 -0.21 24.84
N GLY C 148 -1.13 0.99 24.30
CA GLY C 148 -0.24 2.10 24.59
C GLY C 148 0.60 2.41 23.37
N PHE C 149 1.90 2.57 23.56
CA PHE C 149 2.86 2.80 22.47
C PHE C 149 2.57 4.10 21.73
N ASP C 150 1.56 4.84 22.16
CA ASP C 150 1.34 6.19 21.68
C ASP C 150 0.95 7.16 22.79
N GLY C 151 0.55 6.68 23.95
CA GLY C 151 0.06 7.54 25.01
C GLY C 151 -1.35 8.03 24.76
N LEU C 152 -1.60 8.50 23.54
CA LEU C 152 -2.94 8.96 23.17
C LEU C 152 -3.92 7.80 23.25
N ASP C 153 -4.81 7.85 24.24
CA ASP C 153 -5.84 6.83 24.35
C ASP C 153 -6.92 7.08 23.30
N ASN C 154 -7.93 6.20 23.28
CA ASN C 154 -9.09 6.33 22.41
C ASN C 154 -8.74 6.10 20.95
N LEU C 155 -9.70 5.59 20.16
CA LEU C 155 -9.43 5.29 18.76
C LEU C 155 -9.38 6.56 17.92
N ILE C 156 -10.48 7.30 17.87
CA ILE C 156 -10.47 8.56 17.14
C ILE C 156 -9.94 9.65 18.03
N THR C 157 -8.62 9.71 18.17
CA THR C 157 -8.00 10.70 19.02
C THR C 157 -7.92 12.00 18.27
N GLY C 158 -8.82 12.92 18.58
CA GLY C 158 -8.83 14.17 17.89
C GLY C 158 -10.16 14.81 18.09
N LEU C 159 -11.20 14.00 18.15
CA LEU C 159 -12.50 14.51 18.42
C LEU C 159 -12.86 13.95 19.77
N PRO C 160 -12.46 14.64 20.82
CA PRO C 160 -12.69 14.07 22.14
C PRO C 160 -14.14 14.04 22.57
N PHE C 161 -15.04 14.70 21.86
CA PHE C 161 -16.40 14.74 22.34
C PHE C 161 -16.98 13.34 22.32
N LEU C 162 -16.64 12.57 21.32
CA LEU C 162 -17.19 11.21 21.21
C LEU C 162 -16.69 10.35 22.34
N TYR C 163 -15.88 10.92 23.22
CA TYR C 163 -15.30 10.17 24.32
C TYR C 163 -14.64 8.92 23.81
N ASN C 164 -13.95 9.04 22.69
CA ASN C 164 -13.27 7.90 22.12
C ASN C 164 -12.29 8.40 21.11
C A86 D . 17.52 32.87 19.92
O A86 D . 13.19 30.20 9.34
C1 A86 D . 17.11 31.51 20.42
C10 A86 D . 13.21 29.37 11.75
C11 A86 D . 12.46 28.69 10.86
C12 A86 D . 11.66 27.48 11.24
C13 A86 D . 12.50 29.21 9.49
C14 A86 D . 11.77 28.68 8.28
C15 A86 D . 12.31 29.62 7.20
C16 A86 D . 11.30 30.41 6.38
C17 A86 D . 10.44 29.57 5.45
C18 A86 D . 11.51 29.12 4.49
C19 A86 D . 12.50 28.17 5.17
C2 A86 D . 16.52 30.64 19.59
C20 A86 D . 13.14 28.51 6.52
C21 A86 D . 14.03 27.41 7.09
C22 A86 D . 11.98 31.56 5.66
C23 A86 D . 10.32 31.02 7.38
C24 A86 D . 17.42 31.13 21.83
C25 A86 D . 17.81 32.08 22.68
C26 A86 D . 18.14 31.81 24.08
C27 A86 D . 18.31 32.89 24.87
C28 A86 D . 18.18 34.25 24.24
C29 A86 D . 18.64 32.86 26.31
C3 A86 D . 16.22 30.99 18.20
C30 A86 D . 19.71 32.52 26.89
C31 A86 D . 20.86 32.37 27.36
C32 A86 D . 20.97 31.93 28.81
C33 A86 D . 22.21 32.54 29.44
C34 A86 D . 23.43 31.96 28.72
C35 A86 D . 23.28 32.60 27.35
C36 A86 D . 22.08 32.19 26.49
C37 A86 D . 21.97 33.06 25.25
C38 A86 D . 25.05 32.02 30.60
C39 A86 D . 24.45 30.81 31.25
C4 A86 D . 15.51 30.14 17.45
C40 A86 D . 21.00 30.41 28.93
C41 A86 D . 19.76 32.44 29.57
C5 A86 D . 15.21 30.42 16.04
C6 A86 D . 14.43 29.60 15.33
C7 A86 D . 13.79 28.40 15.97
C8 A86 D . 14.16 29.85 13.89
C9 A86 D . 13.38 29.05 13.16
O1 A86 D . 13.66 29.80 6.71
O2 A86 D . 10.96 28.52 3.31
O3 A86 D . 22.22 30.83 26.10
O4 A86 D . 24.61 32.52 29.29
O5 A86 D . 26.02 32.57 31.10
C10 ET4 E . 22.67 32.12 8.93
C11 ET4 E . 22.77 30.84 9.71
C12 ET4 E . 23.40 29.72 9.30
C13 ET4 E . 23.54 28.40 10.06
C14 ET4 E . 24.56 27.53 9.78
C15 ET4 E . 24.89 26.21 10.41
C18 ET4 E . 26.53 22.75 10.25
C17 ET4 E . 25.89 23.87 10.71
C16 ET4 E . 25.62 25.14 9.96
C01 ET4 E . 20.75 37.45 7.13
C02 ET4 E . 20.23 38.57 6.20
C03 ET4 E . 20.77 38.41 4.78
C04 ET4 E . 20.23 37.06 4.24
C05 ET4 E . 20.50 35.88 5.16
C06 ET4 E . 20.51 36.04 6.51
C07 ET4 E . 20.48 34.79 7.29
C08 ET4 E . 21.60 34.25 8.05
C09 ET4 E . 21.60 32.94 8.87
C19 ET4 E . 26.80 21.47 11.07
C20 ET4 E . 27.80 20.57 11.00
C21 ET4 E . 27.95 19.36 11.89
C22 ET4 E . 29.01 18.52 12.12
C23 ET4 E . 28.89 17.40 13.08
C24 ET4 E . 20.27 34.49 4.59
C25 ET4 E . 20.12 37.58 8.52
C26 ET4 E . 22.29 37.62 7.31
C27 ET4 E . 20.38 32.53 9.67
C28 ET4 E . 22.56 28.06 11.16
C29 ET4 E . 30.22 18.91 11.30
C30 ET4 E . 27.03 22.80 8.83
C32 ET4 E . 28.80 16.51 13.89
C33 ET4 E . 28.70 15.47 14.88
C34 ET4 E . 29.43 15.78 16.15
C35 ET4 E . 29.52 14.64 17.16
C36 ET4 E . 28.17 14.00 17.30
C37 ET4 E . 27.78 13.47 15.91
C38 ET4 E . 27.76 14.47 14.83
C39 ET4 E . 26.80 14.19 13.72
C41 ET4 E . 30.86 16.18 15.83
C42 ET4 E . 28.62 16.90 16.84
O31 ET4 E . 20.38 39.52 4.00
O40 ET4 E . 28.06 12.95 18.23
C A86 F . 18.94 13.71 4.82
O A86 F . 13.15 20.26 14.52
C1 A86 F . 18.22 14.65 3.93
C10 A86 F . 14.78 18.53 11.97
C11 A86 F . 14.09 19.49 12.56
C12 A86 F . 13.42 20.54 11.74
C13 A86 F . 13.99 19.55 14.02
C14 A86 F . 14.89 18.72 14.90
C15 A86 F . 14.59 18.98 16.37
C16 A86 F . 13.72 18.03 17.20
C17 A86 F . 13.27 18.66 18.52
C18 A86 F . 14.43 19.40 19.16
C19 A86 F . 14.58 20.67 18.36
C2 A86 F . 17.51 15.65 4.47
C20 A86 F . 15.06 20.31 16.95
C21 A86 F . 15.88 21.41 16.32
C22 A86 F . 14.53 16.79 17.53
C23 A86 F . 12.50 17.63 16.40
C24 A86 F . 18.28 14.46 2.46
C25 A86 F . 19.02 13.53 1.90
C26 A86 F . 18.99 13.44 0.44
C27 A86 F . 19.81 12.69 -0.29
C28 A86 F . 20.88 11.85 0.35
C29 A86 F . 19.66 12.70 -1.76
C3 A86 F . 17.46 15.79 5.92
C30 A86 F . 20.41 12.05 -2.53
C31 A86 F . 21.15 11.44 -3.32
C32 A86 F . 22.28 12.20 -3.94
C33 A86 F . 22.87 11.48 -5.13
C34 A86 F . 23.04 10.00 -4.83
C35 A86 F . 21.63 9.42 -4.78
C36 A86 F . 20.86 9.98 -3.61
C37 A86 F . 19.36 9.83 -3.88
C38 A86 F . 24.88 8.62 -5.40
C39 A86 F . 25.13 8.57 -3.93
C4 A86 F . 16.69 16.73 6.46
C40 A86 F . 23.35 12.38 -2.87
C41 A86 F . 21.76 13.56 -4.37
C5 A86 F . 16.60 16.87 7.91
C6 A86 F . 16.07 17.97 8.46
C7 A86 F . 15.56 19.07 7.60
C8 A86 F . 15.98 18.05 9.92
C9 A86 F . 14.88 18.47 10.50
O1 A86 F . 15.84 19.14 17.04
O2 A86 F . 14.11 19.72 20.51
O3 A86 F . 21.18 9.22 -2.44
O4 A86 F . 23.75 9.38 -5.89
O5 A86 F . 25.59 8.04 -6.20
MG CLA G . 7.19 25.73 2.46
CHA CLA G . 8.65 23.55 0.17
CHB CLA G . 4.91 26.65 0.13
CHC CLA G . 5.75 27.80 4.79
CHD CLA G . 9.55 24.67 4.89
NA CLA G . 6.87 25.18 0.47
C1A CLA G . 7.57 24.25 -0.30
C2A CLA G . 6.98 24.15 -1.71
C3A CLA G . 5.83 25.18 -1.69
C4A CLA G . 5.85 25.72 -0.27
CMA CLA G . 6.04 26.25 -2.74
CAA CLA G . 6.42 22.76 -1.96
NB CLA G . 5.60 26.95 2.47
C1B CLA G . 4.82 27.23 1.41
C2B CLA G . 3.83 28.28 1.77
C3B CLA G . 4.06 28.61 3.08
C4B CLA G . 5.20 27.78 3.55
CMB CLA G . 2.84 28.81 0.83
CAB CLA G . 3.39 29.59 3.92
CBB CLA G . 2.90 29.35 5.12
NC CLA G . 7.61 26.18 4.46
C1C CLA G . 6.90 27.06 5.21
C2C CLA G . 7.45 27.13 6.56
C3C CLA G . 8.51 26.22 6.60
C4C CLA G . 8.61 25.63 5.27
CMC CLA G . 6.94 27.99 7.63
CAC CLA G . 9.40 25.94 7.74
CBC CLA G . 8.75 25.06 8.77
ND CLA G . 8.81 24.51 2.55
C1D CLA G . 9.65 24.13 3.62
C2D CLA G . 10.63 23.12 3.13
C3D CLA G . 10.30 22.89 1.81
C4D CLA G . 9.15 23.75 1.50
CMD CLA G . 11.69 22.55 3.95
CAD CLA G . 10.63 22.15 0.61
OBD CLA G . 11.56 21.38 0.39
CBD CLA G . 9.54 22.51 -0.45
CGD CLA G . 10.15 22.99 -1.75
O1D CLA G . 10.74 24.04 -1.95
O2D CLA G . 10.00 22.12 -2.78
CED CLA G . 9.94 22.70 -4.09
MG CLA H . 20.45 31.72 2.86
CHA CLA H . 18.92 33.46 0.30
CHB CLA H . 23.48 32.27 1.43
CHC CLA H . 21.93 30.13 5.52
CHD CLA H . 17.26 31.17 4.31
NA CLA H . 21.06 32.68 1.11
C1A CLA H . 20.28 33.35 0.19
C2A CLA H . 21.13 33.91 -0.96
C3A CLA H . 22.54 33.37 -0.65
C4A CLA H . 22.37 32.72 0.73
CMA CLA H . 23.00 32.40 -1.70
CAA CLA H . 21.10 35.43 -0.93
CBA CLA H . 21.47 35.93 0.46
CGA CLA H . 22.93 36.24 0.49
O1A CLA H . 23.54 37.11 -0.13
O2A CLA H . 23.61 35.42 1.33
NB CLA H . 22.33 31.24 3.35
C1B CLA H . 23.43 31.65 2.69
C2B CLA H . 24.65 31.35 3.49
C3B CLA H . 24.22 30.74 4.64
C4B CLA H . 22.75 30.66 4.57
CMB CLA H . 25.97 31.71 2.98
CAB CLA H . 24.94 30.22 5.78
CBB CLA H . 26.27 30.16 5.95
NC CLA H . 19.72 30.79 4.58
C1C CLA H . 20.50 30.20 5.52
C2C CLA H . 19.67 29.65 6.58
C3C CLA H . 18.35 29.95 6.24
C4C CLA H . 18.39 30.67 4.98
CMC CLA H . 20.19 28.96 7.74
CAC CLA H . 17.13 29.62 6.99
CBC CLA H . 16.66 30.79 7.82
ND CLA H . 18.52 32.15 2.46
C1D CLA H . 17.30 31.86 3.12
C2D CLA H . 16.17 32.40 2.34
C3D CLA H . 16.74 33.06 1.26
C4D CLA H . 18.20 32.85 1.37
CMD CLA H . 14.77 32.27 2.73
CAD CLA H . 16.49 33.81 0.05
OBD CLA H . 15.43 34.18 -0.44
CBD CLA H . 17.88 34.10 -0.59
CGD CLA H . 17.97 33.57 -1.99
O1D CLA H . 17.66 32.45 -2.40
O2D CLA H . 18.45 34.48 -2.89
CED CLA H . 18.14 34.27 -4.26
C1 CLA H . 23.10 35.41 2.67
C2 CLA H . 24.14 34.91 3.61
C3 CLA H . 25.31 35.54 3.82
C4 CLA H . 25.70 36.78 3.12
C5 CLA H . 26.30 35.00 4.79
C6 CLA H . 25.69 34.36 6.03
C7 CLA H . 24.97 35.36 6.90
C8 CLA H . 25.70 35.84 8.16
C9 CLA H . 27.19 35.96 7.96
C10 CLA H . 25.41 34.93 9.37
C11 CLA H . 25.24 35.77 10.62
C12 CLA H . 25.07 34.93 11.86
C13 CLA H . 23.66 34.36 11.98
C14 CLA H . 22.63 35.47 12.05
C15 CLA H . 23.54 33.44 13.19
C16 CLA H . 22.14 32.86 13.31
MG CLA I . 30.51 28.62 8.75
CHA CLA I . 32.06 30.15 6.05
CHB CLA I . 28.52 31.35 9.14
CHC CLA I . 28.91 27.01 11.31
CHD CLA I . 32.67 25.86 8.35
NA CLA I . 30.35 30.45 7.75
C1A CLA I . 31.07 30.89 6.63
C2A CLA I . 30.64 32.29 6.21
C3A CLA I . 29.63 32.70 7.31
C4A CLA I . 29.47 31.42 8.13
CMA CLA I . 30.16 33.83 8.16
CAA CLA I . 29.96 32.24 4.87
CBA CLA I . 29.54 33.62 4.40
CGA CLA I . 30.68 34.56 4.56
O1A CLA I . 30.69 35.67 5.08
O2A CLA I . 31.84 34.07 4.04
NB CLA I . 29.01 29.10 10.00
C1B CLA I . 28.29 30.24 9.96
C2B CLA I . 27.18 30.18 10.96
C3B CLA I . 27.29 28.95 11.57
C4B CLA I . 28.46 28.25 10.98
CMB CLA I . 26.22 31.26 11.15
CAB CLA I . 26.48 28.35 12.61
CBB CLA I . 26.10 28.96 13.73
NC CLA I . 30.76 26.77 9.66
C1C CLA I . 29.98 26.30 10.69
C2C CLA I . 30.43 24.97 11.08
C3C CLA I . 31.48 24.65 10.24
C4C CLA I . 31.69 25.78 9.37
CMC CLA I . 29.81 24.16 12.14
CAC CLA I . 32.27 23.39 10.25
CBC CLA I . 33.50 23.47 11.11
ND CLA I . 32.02 28.07 7.52
C1D CLA I . 32.84 26.90 7.49
C2D CLA I . 33.82 27.05 6.39
C3D CLA I . 33.54 28.27 5.78
C4D CLA I . 32.42 28.86 6.53
CMD CLA I . 34.83 26.06 6.05
CAD CLA I . 33.91 29.20 4.73
OBD CLA I . 34.76 29.10 3.86
CBD CLA I . 32.98 30.44 4.89
CGD CLA I . 33.78 31.69 5.14
O1D CLA I . 33.77 32.41 6.13
O2D CLA I . 34.62 32.01 4.11
CED CLA I . 35.37 33.22 4.23
MG CLA J . 27.94 9.62 13.12
CHA CLA J . 29.20 7.73 15.75
CHB CLA J . 30.55 11.78 13.40
CHC CLA J . 26.63 11.44 10.51
CHD CLA J . 25.25 7.34 12.85
NA CLA J . 29.59 9.72 14.39
C1A CLA J . 29.94 8.85 15.42
C2A CLA J . 31.24 9.28 16.10
C3A CLA J . 31.63 10.57 15.34
C4A CLA J . 30.52 10.72 14.30
CMA CLA J . 31.73 11.76 16.24
CAA CLA J . 32.30 8.21 15.95
CBA CLA J . 32.93 8.32 14.59
CGA CLA J . 32.37 7.36 13.59
O1A CLA J . 31.20 7.07 13.38
O2A CLA J . 33.34 6.77 12.84
NB CLA J . 28.48 11.30 12.16
C1B CLA J . 29.59 12.03 12.40
C2B CLA J . 29.67 13.17 11.45
C3B CLA J . 28.56 13.09 10.64
C4B CLA J . 27.79 11.89 11.07
CMB CLA J . 30.75 14.15 11.46
CAB CLA J . 28.14 13.93 9.55
CBB CLA J . 27.87 15.22 9.65
NC CLA J . 26.25 9.43 11.92
C1C CLA J . 25.90 10.29 10.91
C2C CLA J . 24.66 9.85 10.29
C3C CLA J . 24.27 8.69 10.94
C4C CLA J . 25.27 8.42 11.97
CMC CLA J . 24.00 10.53 9.17
CAC CLA J . 23.08 7.87 10.67
CBC CLA J . 23.39 6.68 9.80
ND CLA J . 27.32 7.93 14.04
C1D CLA J . 26.19 7.09 13.83
C2D CLA J . 26.24 5.97 14.79
C3D CLA J . 27.38 6.17 15.55
C4D CLA J . 28.01 7.40 15.04
CMD CLA J . 25.24 4.90 14.88
CAD CLA J . 28.20 5.66 16.63
OBD CLA J . 28.05 4.66 17.32
CBD CLA J . 29.39 6.65 16.79
CGD CLA J . 29.49 7.21 18.18
O1D CLA J . 29.61 8.39 18.53
O2D CLA J . 29.43 6.26 19.15
CED CLA J . 30.44 6.30 20.17
C1 CLA J . 32.96 6.34 11.51
C2 CLA J . 33.49 7.35 10.55
C3 CLA J . 33.44 7.16 9.22
C4 CLA J . 32.86 5.92 8.63
C5 CLA J . 33.97 8.19 8.27
C6 CLA J . 33.46 8.03 6.85
C7 CLA J . 34.57 7.52 5.93
C8 CLA J . 34.08 7.03 4.58
C9 CLA J . 32.64 6.55 4.65
C10 CLA J . 34.98 5.91 4.07
C11 CLA J . 35.71 6.30 2.81
C12 CLA J . 37.21 6.25 2.99
C13 CLA J . 37.89 5.65 1.76
C14 CLA J . 38.21 4.18 1.99
C15 CLA J . 39.16 6.42 1.41
C16 CLA J . 39.91 5.75 0.26
MG CLA K . 33.52 13.21 -2.28
CHA CLA K . 30.77 14.49 -0.59
CHB CLA K . 33.64 10.62 -0.08
CHC CLA K . 36.15 11.92 -4.04
CHD CLA K . 33.37 15.97 -4.51
NA CLA K . 32.39 12.69 -0.60
C1A CLA K . 31.29 13.35 -0.06
C2A CLA K . 30.77 12.63 1.19
C3A CLA K . 31.78 11.46 1.39
C4A CLA K . 32.67 11.58 0.15
CMA CLA K . 32.55 11.61 2.67
CAA CLA K . 29.35 12.10 1.03
CBA CLA K . 28.96 11.25 2.21
CGA CLA K . 29.06 12.02 3.51
O1A CLA K . 29.58 13.10 3.74
O2A CLA K . 28.48 11.35 4.55
NB CLA K . 34.71 11.62 -2.06
C1B CLA K . 34.53 10.61 -1.17
C2B CLA K . 35.41 9.46 -1.50
C3B CLA K . 36.12 9.82 -2.63
C4B CLA K . 35.69 11.20 -2.99
CMB CLA K . 35.41 8.23 -0.72
CAB CLA K . 37.11 9.11 -3.39
CBB CLA K . 37.10 7.80 -3.62
NC CLA K . 34.57 13.85 -3.95
C1C CLA K . 35.63 13.17 -4.50
C2C CLA K . 36.15 13.87 -5.65
C3C CLA K . 35.36 15.01 -5.80
C4C CLA K . 34.38 15.00 -4.72
CMC CLA K . 37.26 13.42 -6.48
CAC CLA K . 35.52 16.04 -6.84
CBC CLA K . 34.42 15.96 -7.88
ND CLA K . 32.36 14.85 -2.57
C1D CLA K . 32.43 15.91 -3.50
C2D CLA K . 31.32 16.86 -3.23
C3D CLA K . 30.62 16.33 -2.16
C4D CLA K . 31.34 15.10 -1.77
CMD CLA K . 31.04 18.05 -4.02
CAD CLA K . 29.49 16.47 -1.26
OBD CLA K . 28.54 17.24 -1.31
CBD CLA K . 29.60 15.35 -0.18
CGD CLA K . 29.74 15.90 1.20
O1D CLA K . 30.54 16.75 1.61
O2D CLA K . 28.86 15.36 2.09
CED CLA K . 28.44 16.17 3.18
C1 CLA K . 29.30 10.35 5.19
C2 CLA K . 30.11 11.04 6.22
C3 CLA K . 29.99 10.75 7.53
C4 CLA K . 30.81 11.45 8.56
C5 CLA K . 29.04 9.72 8.01
C6 CLA K . 29.71 8.39 8.30
C7 CLA K . 29.35 7.89 9.67
C8 CLA K . 28.88 6.44 9.64
C9 CLA K . 27.37 6.39 9.58
C10 CLA K . 29.42 5.67 10.84
C11 CLA K . 28.53 4.52 11.24
C12 CLA K . 29.22 3.56 12.18
C13 CLA K . 28.22 2.63 12.85
C14 CLA K . 28.64 2.31 14.27
C15 CLA K . 28.02 1.35 12.06
C16 CLA K . 26.78 0.61 12.52
MG CLA L . 36.06 22.42 4.61
CHA CLA L . 34.06 24.56 2.76
CHB CLA L . 38.65 23.03 2.48
CHC CLA L . 38.04 20.35 6.51
CHD CLA L . 33.30 21.73 6.72
NA CLA L . 36.29 23.61 2.90
C1A CLA L . 35.34 24.44 2.30
C2A CLA L . 35.93 25.14 1.08
C3A CLA L . 37.35 24.55 0.97
C4A CLA L . 37.47 23.68 2.21
CMA CLA L . 37.48 23.70 -0.28
CAA CLA L . 36.04 26.64 1.32
NB CLA L . 37.99 21.86 4.55
C1B CLA L . 38.88 22.18 3.57
C2B CLA L . 40.17 21.46 3.80
C3B CLA L . 39.99 20.70 4.93
C4B CLA L . 38.61 20.94 5.43
CMB CLA L . 41.32 21.57 2.92
CAB CLA L . 40.92 19.81 5.59
CBB CLA L . 41.41 19.98 6.81
NC CLA L . 35.73 21.27 6.30
C1C CLA L . 36.68 20.50 6.92
C2C CLA L . 36.11 19.84 8.09
C3C CLA L . 34.76 20.21 8.14
C4C CLA L . 34.53 21.11 7.02
CMC CLA L . 36.84 18.96 8.99
CAC CLA L . 33.77 19.79 9.14
CBC CLA L . 33.16 18.45 8.81
ND CLA L . 34.11 22.93 4.73
C1D CLA L . 33.09 22.59 5.65
C2D CLA L . 31.86 23.30 5.29
C3D CLA L . 32.17 24.06 4.18
C4D CLA L . 33.58 23.81 3.88
CMD CLA L . 30.59 23.17 6.00
CAD CLA L . 31.68 25.01 3.19
OBD CLA L . 30.55 25.46 3.04
CBD CLA L . 32.88 25.38 2.27
CGD CLA L . 32.58 25.10 0.83
O1D CLA L . 32.79 24.05 0.20
O2D CLA L . 32.00 26.14 0.17
CED CLA L . 32.87 27.12 -0.40
MG CLA M . 22.05 16.48 -3.23
CHA CLA M . 23.60 16.63 -6.34
CHB CLA M . 19.09 17.36 -4.68
CHC CLA M . 20.56 16.32 -0.15
CHD CLA M . 25.15 15.61 -1.78
NA CLA M . 21.46 16.92 -5.20
C1A CLA M . 22.26 16.92 -6.34
C2A CLA M . 21.43 17.29 -7.58
C3A CLA M . 20.04 17.62 -7.00
C4A CLA M . 20.19 17.26 -5.53
CMA CLA M . 19.69 19.07 -7.19
CAA CLA M . 21.34 16.11 -8.52
CBA CLA M . 21.18 14.80 -7.77
CGA CLA M . 19.75 14.38 -7.77
O1A CLA M . 19.00 14.21 -8.73
O2A CLA M . 19.25 14.16 -6.52
NB CLA M . 20.20 16.84 -2.54
C1B CLA M . 19.10 17.08 -3.30
C2B CLA M . 17.87 17.04 -2.46
C3B CLA M . 18.28 16.75 -1.18
C4B CLA M . 19.76 16.62 -1.21
CMB CLA M . 16.54 17.26 -3.01
CAB CLA M . 17.53 16.57 0.04
CBB CLA M . 16.38 15.91 0.14
NC CLA M . 22.74 16.05 -1.32
C1C CLA M . 21.96 16.05 -0.19
C2C CLA M . 22.77 15.72 0.98
C3C CLA M . 24.06 15.50 0.52
C4C CLA M . 24.04 15.72 -0.93
CMC CLA M . 22.25 15.64 2.35
CAC CLA M . 25.24 15.15 1.32
CBC CLA M . 25.63 13.69 1.16
ND CLA M . 23.93 16.11 -3.85
C1D CLA M . 25.12 15.78 -3.15
C2D CLA M . 26.23 15.69 -4.12
C3D CLA M . 25.71 16.00 -5.35
C4D CLA M . 24.27 16.27 -5.13
CMD CLA M . 27.61 15.32 -3.78
CAD CLA M . 25.96 16.16 -6.77
OBD CLA M . 27.01 15.98 -7.39
CBD CLA M . 24.64 16.62 -7.43
CGD CLA M . 24.81 17.99 -8.02
O1D CLA M . 24.61 19.07 -7.47
O2D CLA M . 25.24 17.99 -9.31
CED CLA M . 25.48 19.25 -9.92
C1 CLA M . 18.08 13.32 -6.45
C2 CLA M . 17.46 13.55 -5.12
C3 CLA M . 16.56 12.71 -4.60
C4 CLA M . 16.10 11.50 -5.31
C5 CLA M . 15.96 12.97 -3.25
C6 CLA M . 15.75 11.69 -2.47
C7 CLA M . 16.30 11.82 -1.07
C8 CLA M . 16.07 10.56 -0.24
C9 CLA M . 14.60 10.21 -0.24
C10 CLA M . 16.56 10.75 1.18
MG CLA N . 11.34 16.94 4.15
CHA CLA N . 10.22 17.38 0.88
CHB CLA N . 13.34 14.40 3.12
CHC CLA N . 12.36 16.51 7.40
CHD CLA N . 9.18 19.54 5.18
NA CLA N . 11.71 16.06 2.28
C1A CLA N . 11.15 16.39 1.04
C2A CLA N . 11.70 15.46 -0.06
C3A CLA N . 12.72 14.57 0.69
C4A CLA N . 12.60 15.03 2.14
CMA CLA N . 12.40 13.10 0.53
CAA CLA N . 12.37 16.20 -1.20
CBA CLA N . 11.64 15.90 -2.49
CGA CLA N . 12.08 14.60 -3.08
O1A CLA N . 13.07 14.36 -3.78
O2A CLA N . 11.23 13.57 -2.79
NB CLA N . 12.64 15.72 5.08
C1B CLA N . 13.32 14.70 4.49
C2B CLA N . 14.06 13.93 5.52
C3B CLA N . 13.78 14.52 6.74
C4B CLA N . 12.88 15.67 6.47
CMB CLA N . 14.89 12.76 5.19
CAB CLA N . 14.22 14.19 8.07
CBB CLA N . 15.40 13.68 8.42
NC CLA N . 10.88 17.88 5.95
C1C CLA N . 11.41 17.54 7.16
C2C CLA N . 10.87 18.39 8.21
C3C CLA N . 9.94 19.24 7.59
C4C CLA N . 9.95 18.91 6.18
CMC CLA N . 11.23 18.31 9.62
CAC CLA N . 9.12 20.26 8.27
CBC CLA N . 9.33 21.67 7.79
ND CLA N . 10.01 18.20 3.30
C1D CLA N . 9.20 19.22 3.85
C2D CLA N . 8.42 19.85 2.75
C3D CLA N . 8.77 19.19 1.59
C4D CLA N . 9.76 18.17 1.99
CMD CLA N . 7.47 20.95 2.94
CAD CLA N . 8.57 19.08 0.17
OBD CLA N . 7.83 19.73 -0.57
CBD CLA N . 9.50 17.92 -0.33
CGD CLA N . 8.68 16.87 -1.04
O1D CLA N . 8.26 16.91 -2.19
O2D CLA N . 8.42 15.77 -0.28
CED CLA N . 8.10 14.57 -0.98
MG CLA O . 15.34 25.67 20.42
CHA CLA O . 14.86 25.51 23.85
CHB CLA O . 12.66 23.63 19.95
CHC CLA O . 15.82 25.92 17.02
CHD CLA O . 18.19 27.70 20.95
NA CLA O . 14.00 24.73 21.71
C1A CLA O . 13.95 24.80 23.11
C2A CLA O . 12.80 23.96 23.66
C3A CLA O . 12.17 23.33 22.40
C4A CLA O . 12.98 23.93 21.26
CMA CLA O . 12.27 21.83 22.42
CAA CLA O . 11.79 24.82 24.39
CBA CLA O . 11.35 26.00 23.54
NB CLA O . 14.42 24.91 18.80
C1B CLA O . 13.32 24.12 18.80
C2B CLA O . 12.90 23.82 17.41
C3B CLA O . 13.79 24.46 16.58
C4B CLA O . 14.77 25.16 17.45
CMB CLA O . 11.74 22.99 17.10
CAB CLA O . 13.86 24.52 15.15
CBB CLA O . 13.81 23.47 14.33
NC CLA O . 16.74 26.65 19.22
C1C CLA O . 16.74 26.63 17.85
C2C CLA O . 17.84 27.42 17.33
C3C CLA O . 18.53 27.91 18.44
C4C CLA O . 17.84 27.42 19.62
CMC CLA O . 18.11 27.60 15.90
CAC CLA O . 19.76 28.74 18.44
CBC CLA O . 19.57 30.14 17.88
ND CLA O . 16.33 26.47 21.98
C1D CLA O . 17.50 27.26 22.07
C2D CLA O . 17.79 27.54 23.50
C3D CLA O . 16.79 26.92 24.21
C4D CLA O . 15.92 26.25 23.23
CMD CLA O . 18.91 28.34 23.98
CAD CLA O . 16.26 26.64 25.54
OBD CLA O . 16.62 27.05 26.63
CBD CLA O . 15.02 25.70 25.33
CGD CLA O . 15.20 24.38 26.04
O1D CLA O . 14.39 23.45 26.13
O2D CLA O . 16.41 24.23 26.64
CED CLA O . 16.41 24.17 28.07
MG CLA P . 4.21 18.28 20.52
CHA CLA P . 1.10 18.39 22.05
CHB CLA P . 3.43 15.26 19.16
CHC CLA P . 7.30 18.22 19.04
CHD CLA P . 4.97 21.42 21.97
NA CLA P . 2.52 17.06 20.60
C1A CLA P . 1.32 17.28 21.28
C2A CLA P . 0.34 16.13 21.07
C3A CLA P . 1.14 15.13 20.19
C4A CLA P . 2.46 15.86 19.94
CMA CLA P . 1.35 13.82 20.89
CAA CLA P . -0.88 16.60 20.31
NB CLA P . 5.18 16.99 19.33
C1B CLA P . 4.69 15.82 18.87
C2B CLA P . 5.69 15.16 17.98
C3B CLA P . 6.79 16.00 17.94
C4B CLA P . 6.49 17.17 18.80
CMB CLA P . 5.45 13.88 17.32
CAB CLA P . 8.04 15.86 17.24
CBB CLA P . 8.83 14.79 17.31
NC CLA P . 5.83 19.59 20.52
C1C CLA P . 7.00 19.36 19.84
C2C CLA P . 7.93 20.47 20.05
C3C CLA P . 7.27 21.38 20.87
C4C CLA P . 5.96 20.82 21.16
CMC CLA P . 9.27 20.56 19.47
CAC CLA P . 7.79 22.68 21.33
CBC CLA P . 8.05 22.73 22.82
ND CLA P . 3.31 19.63 21.72
C1D CLA P . 3.73 20.88 22.26
C2D CLA P . 2.66 21.43 23.11
C3D CLA P . 1.63 20.52 23.07
C4D CLA P . 2.08 19.41 22.20
CMD CLA P . 2.75 22.70 23.83
CAD CLA P . 0.30 20.19 23.54
OBD CLA P . -0.45 20.81 24.30
CBD CLA P . -0.09 18.82 22.90
CGD CLA P . -0.41 17.79 23.94
MG CLA Q . 24.17 3.78 -7.30
CHA CLA Q . 26.03 2.51 -9.96
CHB CLA Q . 21.38 3.73 -9.23
CHC CLA Q . 22.41 5.11 -4.68
CHD CLA Q . 27.15 4.01 -5.41
NA CLA Q . 23.80 3.18 -9.27
C1A CLA Q . 24.69 2.67 -10.22
C2A CLA Q . 23.99 2.38 -11.54
C3A CLA Q . 22.54 2.84 -11.30
C4A CLA Q . 22.54 3.28 -9.83
CMA CLA Q . 22.16 3.98 -12.21
CAA CLA Q . 24.01 0.89 -11.82
NB CLA Q . 22.26 4.31 -7.01
C1B CLA Q . 21.25 4.18 -7.91
C2B CLA Q . 19.97 4.61 -7.30
C3B CLA Q . 20.26 5.00 -6.00
C4B CLA Q . 21.72 4.81 -5.81
CMB CLA Q . 18.70 4.61 -8.03
CAB CLA Q . 19.40 5.52 -4.97
CBB CLA Q . 18.42 6.41 -5.15
NC CLA Q . 24.69 4.42 -5.38
C1C CLA Q . 23.81 4.92 -4.47
C2C CLA Q . 24.50 5.27 -3.25
C3C CLA Q . 25.85 4.97 -3.44
C4C CLA Q . 25.96 4.44 -4.80
CMC CLA Q . 23.87 5.83 -2.06
CAC CLA Q . 26.95 5.16 -2.49
CBC CLA Q . 27.13 3.97 -1.60
ND CLA Q . 26.14 3.34 -7.54
C1D CLA Q . 27.26 3.50 -6.68
C2D CLA Q . 28.47 3.02 -7.39
C3D CLA Q . 28.05 2.62 -8.64
C4D CLA Q . 26.60 2.86 -8.69
CMD CLA Q . 29.81 3.01 -6.81
CAD CLA Q . 28.45 2.08 -9.93
OBD CLA Q . 29.56 1.75 -10.32
CBD CLA Q . 27.17 2.01 -10.82
CGD CLA Q . 27.32 2.79 -12.09
O1 LHG R . 33.42 8.99 -14.55
C1 LHG R . 34.77 9.07 -14.06
C2 LHG R . 35.69 9.22 -15.25
O2 LHG R . 35.59 8.11 -16.12
C3 LHG R . 37.18 9.39 -14.90
O3 LHG R . 37.44 8.34 -13.99
P LHG R . 38.92 8.22 -13.30
O4 LHG R . 39.22 9.53 -12.68
O5 LHG R . 39.68 7.34 -14.24
O6 LHG R . 38.45 7.29 -11.99
C4 LHG R . 38.20 5.92 -12.12
C5 LHG R . 37.16 5.63 -11.03
C6 LHG R . 35.81 6.25 -11.38
O7 LHG R . 37.00 4.21 -10.97
C7 LHG R . 37.91 3.57 -10.16
O9 LHG R . 39.08 3.43 -10.47
C8 LHG R . 37.23 2.80 -9.07
C9 LHG R . 38.26 2.25 -8.10
C10 LHG R . 37.59 1.57 -6.92
O8 LHG R . 35.47 7.04 -10.24
C23 LHG R . 35.00 6.37 -9.14
O10 LHG R . 33.90 5.84 -9.18
C24 LHG R . 35.86 6.29 -7.87
C11 LHG R . 36.97 2.70 -6.12
C12 LHG R . 36.44 2.17 -4.81
C13 LHG R . 35.69 3.27 -4.06
C14 LHG R . 35.02 2.76 -2.78
C15 LHG R . 36.08 2.74 -1.69
C16 LHG R . 35.45 2.39 -0.34
C17 LHG R . 34.46 3.45 0.10
C18 LHG R . 34.20 3.18 1.57
C19 LHG R . 33.42 1.92 1.88
C20 LHG R . 32.02 2.24 1.38
C25 LHG R . 35.20 6.76 -6.61
C26 LHG R . 34.11 5.82 -6.13
C27 LHG R . 33.55 6.41 -4.87
C28 LHG R . 32.32 5.69 -4.39
C29 LHG R . 31.86 6.38 -3.13
C30 LHG R . 32.60 6.01 -1.87
C31 LHG R . 32.07 6.63 -0.60
C32 LHG R . 30.61 6.36 -0.32
C33 LHG R . 30.27 7.04 0.99
C1 LMG S . 19.17 -5.01 20.44
O1 LMG S . 19.49 -5.42 19.13
C2 LMG S . 17.78 -5.65 20.75
O2 LMG S . 16.88 -4.58 20.68
C3 LMG S . 17.80 -6.15 22.23
O3 LMG S . 18.42 -7.39 22.19
C4 LMG S . 18.63 -5.17 23.11
O4 LMG S . 18.65 -5.66 24.42
C5 LMG S . 20.09 -5.14 22.56
O5 LMG S . 20.98 -5.43 24.71
C6 LMG S . 20.98 -6.03 23.46
O6 LMG S . 20.15 -5.64 21.24
C7 LMG S . 18.74 -4.75 18.12
C8 LMG S . 19.79 -4.03 17.22
C9 LMG S . 20.00 -4.88 15.94
O7 LMG S . 19.23 -2.81 16.80
C10 LMG S . 20.05 -1.76 16.55
O9 LMG S . 21.25 -1.91 16.67
C11 LMG S . 19.34 -0.64 15.85
C12 LMG S . 19.44 -0.81 14.34
C13 LMG S . 20.83 -0.49 13.80
C14 LMG S . 21.18 0.89 14.30
C15 LMG S . 22.20 1.49 13.36
C16 LMG S . 21.64 1.51 11.96
C17 LMG S . 21.98 2.85 11.35
C18 LMG S . 23.50 2.94 11.33
C19 LMG S . 23.97 2.40 9.99
C20 LMG S . 25.19 3.21 9.62
O8 LMG S . 19.52 -4.09 14.86
C28 LMG S . 20.15 -4.24 13.66
O10 LMG S . 19.48 -4.23 12.63
C29 LMG S . 21.64 -4.15 13.73
C30 LMG S . 22.28 -5.30 13.00
C31 LMG S . 23.19 -4.73 11.94
C32 LMG S . 22.49 -4.90 10.60
C33 LMG S . 23.17 -6.06 9.90
C34 LMG S . 24.00 -5.51 8.76
C35 LMG S . 23.09 -5.45 7.55
C36 LMG S . 23.78 -6.22 6.46
C37 LMG S . 24.57 -5.24 5.62
C38 LMG S . 24.77 -6.00 4.34
C39 LMG S . 25.84 -5.32 3.53
C40 LMG S . 25.55 -5.79 2.13
C41 LMG S . 26.76 -5.54 1.27
C42 LMG S . 26.27 -5.80 -0.14
C43 LMG S . 25.46 -4.61 -0.59
C44 LMG S . 25.83 -4.34 -2.04
C45 LMG S . 26.01 -2.85 -2.19
O1 LHG T . 40.43 1.18 26.14
C1 LHG T . 39.26 1.97 25.98
C2 LHG T . 39.55 3.37 26.45
O2 LHG T . 38.74 4.31 25.78
C3 LHG T . 40.98 3.80 26.22
O3 LHG T . 41.15 3.37 24.87
P LHG T . 41.08 4.42 23.64
O4 LHG T . 41.82 5.64 24.08
O5 LHG T . 39.74 4.20 23.05
O6 LHG T . 42.21 3.65 22.69
C4 LHG T . 43.33 4.36 22.24
C5 LHG T . 43.57 3.84 20.81
C6 LHG T . 44.78 2.93 20.75
O7 LHG T . 42.43 3.09 20.45
C7 LHG T . 41.55 3.79 19.69
O9 LHG T . 40.74 4.56 20.19
C8 LHG T . 41.41 3.18 18.35
C9 LHG T . 42.34 3.86 17.37
C10 LHG T . 43.48 2.94 17.03
O8 LHG T . 45.78 3.71 20.06
C23 LHG T . 46.75 4.31 20.82
O10 LHG T . 46.51 4.65 21.96
C24 LHG T . 48.12 4.61 20.23
C11 LHG T . 44.57 3.91 16.66
C12 LHG T . 44.96 3.69 15.23
C13 LHG T . 46.46 3.61 15.16
C14 LHG T . 46.96 3.42 13.74
C15 LHG T . 46.16 2.28 13.15
C16 LHG T . 46.80 1.83 11.87
C17 LHG T . 46.29 0.44 11.51
C18 LHG T . 45.82 0.60 10.10
C19 LHG T . 46.65 -0.19 9.09
C20 LHG T . 45.91 0.08 7.80
C25 LHG T . 48.37 6.06 19.89
O3 LHG U . 38.50 13.68 -10.64
P LHG U . 37.63 13.61 -12.00
O4 LHG U . 38.56 13.86 -13.13
O5 LHG U . 36.32 14.20 -11.61
O6 LHG U . 37.49 11.95 -11.98
C4 LHG U . 36.31 11.33 -11.59
C5 LHG U . 36.38 11.33 -10.06
C6 LHG U . 35.05 11.75 -9.45
O7 LHG U . 36.65 10.00 -9.67
C7 LHG U . 37.93 9.81 -9.30
O9 LHG U . 38.88 10.35 -9.86
C8 LHG U . 37.99 9.16 -7.97
C9 LHG U . 39.43 8.84 -7.62
C10 LHG U . 39.80 7.50 -8.19
O8 LHG U . 34.51 10.54 -8.88
C23 LHG U . 34.10 10.61 -7.58
O10 LHG U . 34.73 11.29 -6.80
C24 LHG U . 32.70 10.18 -7.20
C11 LHG U . 41.30 7.49 -8.02
C25 LHG U . 32.18 10.77 -5.91
C26 LHG U . 32.09 9.83 -4.72
C27 LHG U . 31.46 10.68 -3.64
C28 LHG U . 30.01 11.04 -3.86
C29 LHG U . 29.36 10.97 -2.48
C30 LHG U . 27.87 11.08 -2.46
C31 LHG U . 27.15 10.11 -1.54
C32 LHG U . 25.86 10.63 -0.93
C33 LHG U . 25.19 9.44 -0.25
O6 SQD V . 9.17 6.31 16.93
C44 SQD V . 10.37 6.96 17.30
C45 SQD V . 10.07 8.46 17.43
C46 SQD V . 11.25 9.19 18.06
O47 SQD V . 9.74 9.02 16.17
C7 SQD V . 8.64 9.91 16.05
O49 SQD V . 7.70 9.82 16.81
C8 SQD V . 8.56 10.81 14.81
C9 SQD V . 7.27 11.63 14.87
C10 SQD V . 6.62 11.60 13.50
C11 SQD V . 5.68 12.81 13.35
C12 SQD V . 5.31 13.00 11.90
C13 SQD V . 3.78 12.98 11.76
C14 SQD V . 3.31 14.26 11.07
C15 SQD V . 2.00 14.72 11.67
C16 SQD V . 1.22 15.52 10.65
O48 SQD V . 11.15 10.56 17.70
C23 SQD V . 12.33 11.33 17.53
O10 SQD V . 13.40 10.89 17.93
C24 SQD V . 12.21 12.80 17.17
C25 SQD V . 11.44 12.94 15.85
C26 SQD V . 12.42 13.15 14.69
C27 SQD V . 11.61 13.44 13.43
C28 SQD V . 12.33 12.86 12.19
C29 SQD V . 11.31 12.60 11.07
C30 SQD V . 10.28 13.73 11.06
C31 SQD V . 9.41 13.65 9.79
C32 SQD V . 8.51 14.89 9.74
C33 SQD V . 7.74 14.93 8.42
C34 SQD V . 8.62 14.38 7.29
C35 SQD V . 8.18 14.98 5.97
C36 SQD V . 8.50 14.03 4.86
C37 SQD V . 7.61 14.25 3.65
C38 SQD V . 6.60 15.33 3.87
C1 SQD V . 8.03 6.52 17.76
C2 SQD V . 6.74 6.25 17.04
O2 SQD V . 6.58 7.16 16.01
C3 SQD V . 5.59 6.43 17.98
O3 SQD V . 4.44 6.02 17.37
C4 SQD V . 5.76 5.66 19.25
O4 SQD V . 4.80 6.04 20.15
C5 SQD V . 7.12 5.87 19.85
C6 SQD V . 7.33 4.88 20.96
O5 SQD V . 8.16 5.75 18.93
S SQD V . 8.94 5.15 21.67
O7 SQD V . 9.32 6.53 21.55
O8 SQD V . 8.96 4.70 23.07
O9 SQD V . 9.97 4.51 20.89
C A86 W . 7.83 10.66 7.21
O A86 W . -1.36 18.68 2.90
C1 A86 W . 6.96 10.60 8.42
C10 A86 W . 0.41 16.01 3.80
C11 A86 W . -0.75 16.68 3.83
C12 A86 W . -1.62 16.62 5.05
C13 A86 W . -1.14 17.50 2.70
C14 A86 W . -1.39 16.92 1.32
C15 A86 W . -1.72 17.97 0.26
C16 A86 W . -0.50 18.74 -0.31
C17 A86 W . -0.79 19.86 -1.30
C18 A86 W . -1.58 19.27 -2.43
C19 A86 W . -2.92 18.84 -1.90
C2 A86 W . 5.75 11.17 8.43
C20 A86 W . -2.96 17.99 -0.63
C21 A86 W . -4.35 17.52 -0.25
C22 A86 W . 0.32 17.69 -1.04
C23 A86 W . 0.46 19.36 0.69
C24 A86 W . 7.44 9.93 9.64
C25 A86 W . 8.65 9.38 9.71
C26 A86 W . 9.01 8.75 10.98
C27 A86 W . 10.21 8.18 11.22
C28 A86 W . 11.29 8.13 10.19
C29 A86 W . 10.37 7.60 12.56
C3 A86 W . 5.25 11.87 7.25
C30 A86 W . 11.38 7.01 13.05
C31 A86 W . 12.26 6.41 13.70
C32 A86 W . 13.72 6.83 13.62
C33 A86 W . 14.43 6.41 14.91
C34 A86 W . 14.38 4.89 15.15
C35 A86 W . 12.88 4.71 15.30
C36 A86 W . 11.91 5.01 14.16
C37 A86 W . 11.97 3.97 13.04
C38 A86 W . 16.40 4.12 14.04
C39 A86 W . 17.20 2.87 14.30
C4 A86 W . 4.06 12.45 7.28
C40 A86 W . 14.33 6.29 12.33
C41 A86 W . 13.73 8.35 13.55
C5 A86 W . 3.58 13.18 6.11
C6 A86 W . 2.40 13.81 6.13
C7 A86 W . 1.52 13.75 7.34
C8 A86 W . 1.97 14.57 4.94
C9 A86 W . 0.82 15.22 4.96
O1 A86 W . -2.06 16.91 -0.66
O2 A86 W . -1.77 20.28 -3.43
O3 A86 W . 10.58 5.03 14.68
O4 A86 W . 14.95 4.04 14.15
O5 A86 W . 16.94 5.17 13.77
C A86 X . -32.16 -33.01 -10.97
O A86 X . -22.20 -36.32 -18.45
C1 A86 X . -31.43 -33.75 -9.89
C10 A86 X . -24.22 -34.92 -16.19
C11 A86 X . -23.03 -35.45 -16.50
C12 A86 X . -22.27 -36.22 -15.46
C13 A86 X . -22.47 -35.31 -17.83
C14 A86 X . -22.16 -33.95 -18.43
C15 A86 X . -21.67 -34.05 -19.88
C16 A86 X . -22.79 -34.20 -20.94
C17 A86 X . -22.35 -34.38 -22.39
C18 A86 X . -21.49 -33.19 -22.74
C19 A86 X . -20.22 -33.25 -21.92
C2 A86 X . -30.20 -34.22 -10.12
C20 A86 X . -20.36 -33.49 -20.42
C21 A86 X . -19.03 -33.41 -19.66
C22 A86 X . -23.60 -32.91 -20.87
C23 A86 X . -23.80 -35.32 -20.72
C24 A86 X . -32.07 -34.00 -8.58
C25 A86 X . -33.30 -33.59 -8.32
C26 A86 X . -33.82 -33.90 -7.00
C27 A86 X . -35.05 -33.57 -6.56
C28 A86 X . -36.03 -32.83 -7.41
C29 A86 X . -35.37 -33.99 -5.18
C3 A86 X . -29.56 -34.01 -11.41
C30 A86 X . -36.41 -33.82 -4.52
C31 A86 X . -37.37 -33.74 -3.72
C32 A86 X . -38.80 -33.96 -4.22
C33 A86 X . -39.65 -34.47 -3.04
C34 A86 X . -39.69 -33.46 -1.86
C35 A86 X . -38.21 -33.48 -1.48
C36 A86 X . -37.13 -32.99 -2.44
C37 A86 X . -37.11 -31.47 -2.60
C38 A86 X . -41.63 -32.11 -2.42
C39 A86 X . -42.51 -31.30 -1.51
C4 A86 X . -28.34 -34.48 -11.64
C40 A86 X . -39.31 -32.69 -4.90
C41 A86 X . -38.75 -35.07 -5.26
C5 A86 X . -27.74 -34.29 -12.95
C6 A86 X . -26.53 -34.78 -13.22
C7 A86 X . -25.78 -35.56 -12.18
C8 A86 X . -25.95 -34.59 -14.56
C9 A86 X . -24.76 -35.09 -14.85
O1 A86 X . -21.32 -32.64 -19.82
O2 A86 X . -21.14 -33.27 -24.12
O3 A86 X . -35.87 -33.40 -1.93
O4 A86 X . -40.19 -32.16 -2.13
O5 A86 X . -42.09 -32.71 -3.38
C A86 Y . -0.92 -18.18 0.18
O A86 Y . -8.63 -20.28 -9.63
C1 A86 Y . -1.54 -19.29 0.98
C10 A86 Y . -6.32 -20.17 -7.16
C11 A86 Y . -7.12 -20.83 -8.00
C12 A86 Y . -7.71 -22.14 -7.58
C13 A86 Y . -7.46 -20.30 -9.30
C14 A86 Y . -6.35 -19.90 -10.25
C15 A86 Y . -6.80 -19.41 -11.63
C16 A86 Y . -7.44 -18.02 -11.83
C17 A86 Y . -7.94 -17.74 -13.25
C18 A86 Y . -6.79 -17.94 -14.20
C19 A86 Y . -6.39 -19.39 -14.20
C2 A86 Y . -2.47 -20.05 0.40
C20 A86 Y . -6.18 -20.08 -12.85
C21 A86 Y . -5.58 -21.46 -12.95
C22 A86 Y . -6.33 -17.01 -11.54
C23 A86 Y . -8.60 -17.67 -10.92
C24 A86 Y . -1.16 -19.49 2.37
C25 A86 Y . -0.29 -18.67 2.94
C26 A86 Y . 0.07 -18.94 4.32
C27 A86 Y . 0.91 -18.18 5.00
C28 A86 Y . 1.59 -17.01 4.39
C29 A86 Y . 1.16 -18.58 6.41
C3 A86 Y . -2.83 -19.73 -0.97
C30 A86 Y . 1.99 -18.01 7.15
C31 A86 Y . 2.81 -17.45 7.88
C32 A86 Y . 2.46 -16.33 8.78
C33 A86 Y . 3.67 -15.51 9.18
C34 A86 Y . 4.60 -16.47 9.94
C35 A86 Y . 5.08 -17.32 8.79
C36 A86 Y . 4.04 -18.26 8.20
C37 A86 Y . 4.56 -18.91 6.94
C38 A86 Y . 5.57 -14.94 11.58
C39 A86 Y . 4.31 -14.97 12.41
C4 A86 Y . -3.74 -20.45 -1.62
C40 A86 Y . 1.75 -16.87 10.04
C41 A86 Y . 1.49 -15.41 8.03
C5 A86 Y . -4.05 -20.01 -2.97
C6 A86 Y . -4.93 -20.67 -3.71
C7 A86 Y . -5.63 -21.89 -3.19
C8 A86 Y . -5.22 -20.15 -5.05
C9 A86 Y . -6.06 -20.77 -5.86
O1 A86 Y . -5.40 -19.33 -11.96
O2 A86 Y . -7.23 -17.60 -15.51
O3 A86 Y . 3.70 -19.27 9.15
O4 A86 Y . 5.75 -15.75 10.38
O5 A86 Y . 6.53 -14.29 11.96
C DD6 Z . -16.69 -22.98 -9.59
C1 DD6 Z . -17.44 -23.90 -8.68
C10 DD6 Z . -23.89 -25.35 -15.87
C11 DD6 Z . -24.66 -26.33 -16.38
C12 DD6 Z . -24.87 -27.56 -15.56
C13 DD6 Z . -25.30 -26.26 -17.71
C14 DD6 Z . -25.59 -25.13 -18.34
C15 DD6 Z . -26.24 -25.21 -19.71
C16 DD6 Z . -25.41 -24.89 -20.94
C17 DD6 Z . -26.25 -24.16 -21.96
C18 DD6 Z . -27.52 -24.94 -22.28
C19 DD6 Z . -28.46 -24.87 -21.08
C2 DD6 Z . -18.63 -24.38 -9.09
C20 DD6 Z . -27.75 -25.24 -19.79
C21 DD6 Z . -28.54 -25.19 -18.49
C22 DD6 Z . -24.87 -26.18 -21.55
C23 DD6 Z . -24.25 -24.01 -20.53
C24 DD6 Z . -16.86 -24.24 -7.37
C25 DD6 Z . -15.68 -23.73 -6.98
C26 DD6 Z . -15.11 -24.08 -5.67
C27 DD6 Z . -14.19 -23.32 -5.08
C28 DD6 Z . -13.75 -22.06 -5.75
C29 DD6 Z . -13.70 -23.64 -3.96
C3 DD6 Z . -19.16 -24.02 -10.40
C30 DD6 Z . -13.24 -23.91 -2.91
C31 DD6 Z . -12.75 -24.17 -1.77
C32 DD6 Z . -13.36 -23.52 -0.56
C33 DD6 Z . -12.68 -23.90 0.74
C34 DD6 Z . -12.20 -25.33 0.69
C35 DD6 Z . -11.10 -25.38 -0.37
C36 DD6 Z . -11.72 -25.00 -1.69
C37 DD6 Z . -11.13 -25.59 -2.93
C4 DD6 Z . -20.21 -24.67 -10.90
C40 DD6 Z . -13.26 -22.01 -0.76
C41 DD6 Z . -14.82 -23.93 -0.49
C5 DD6 Z . -20.77 -24.32 -12.21
C6 DD6 Z . -21.68 -25.13 -12.78
C7 DD6 Z . -22.07 -26.38 -12.08
C8 DD6 Z . -22.28 -24.85 -14.10
C9 DD6 Z . -23.30 -25.58 -14.55
O1 DD6 Z . -26.96 -26.42 -19.90
O2 DD6 Z . -28.17 -24.34 -23.40
O4 DD6 Z . -11.66 -25.71 1.96
C DD6 AA . -12.06 -33.48 -14.35
C1 DD6 AA . -11.40 -33.51 -13.01
C10 DD6 AA . -3.70 -29.99 -16.99
C11 DD6 AA . -2.85 -29.16 -16.37
C12 DD6 AA . -2.77 -29.16 -14.88
C13 DD6 AA . -1.98 -28.25 -17.12
C14 DD6 AA . -0.95 -27.80 -16.42
C15 DD6 AA . 0.16 -26.87 -16.88
C16 DD6 AA . 0.39 -26.51 -18.34
C17 DD6 AA . 1.57 -25.54 -18.41
C18 DD6 AA . 2.89 -26.06 -17.85
C19 DD6 AA . 2.78 -26.87 -16.55
C2 DD6 AA . -10.25 -32.87 -12.78
C20 DD6 AA . 1.36 -27.01 -15.98
C21 DD6 AA . 1.18 -27.88 -14.74
C22 DD6 AA . 0.65 -27.76 -19.18
C23 DD6 AA . -0.83 -25.78 -18.90
C24 DD6 AA . -11.98 -34.24 -11.87
C25 DD6 AA . -13.29 -34.27 -11.60
C26 DD6 AA . -13.69 -35.04 -10.43
C27 DD6 AA . -14.52 -36.07 -10.48
C28 DD6 AA . -15.11 -36.53 -11.78
C29 DD6 AA . -14.79 -36.66 -9.41
C3 DD6 AA . -9.52 -32.09 -13.79
C30 DD6 AA . -15.03 -37.18 -8.37
C31 DD6 AA . -15.27 -37.67 -7.25
C32 DD6 AA . -14.83 -39.06 -6.88
C33 DD6 AA . -15.87 -39.70 -5.97
C34 DD6 AA . -16.19 -38.78 -4.81
C35 DD6 AA . -16.85 -37.53 -5.35
C36 DD6 AA . -15.93 -36.91 -6.37
C37 DD6 AA . -15.74 -35.42 -6.39
C4 DD6 AA . -8.48 -32.64 -14.40
C40 DD6 AA . -14.67 -39.89 -8.14
C41 DD6 AA . -13.50 -38.97 -6.15
C5 DD6 AA . -7.75 -31.83 -15.37
C6 DD6 AA . -6.58 -31.32 -14.96
C7 DD6 AA . -6.11 -31.60 -13.56
C8 DD6 AA . -5.74 -30.48 -15.81
C9 DD6 AA . -4.51 -30.86 -16.15
O1 DD6 AA . 0.55 -25.85 -15.97
O2 DD6 AA . 3.60 -26.80 -18.84
O4 DD6 AA . -17.08 -39.43 -3.90
MG CLA BA . -16.91 -37.98 -23.96
CHA CLA BA . -13.78 -36.70 -24.75
CHB CLA BA . -17.23 -39.18 -27.13
CHC CLA BA . -19.95 -39.32 -23.09
CHD CLA BA . -16.48 -36.85 -20.63
NA CLA BA . -15.69 -37.91 -25.66
C1A CLA BA . -14.42 -37.34 -25.79
C2A CLA BA . -13.88 -37.53 -27.20
C3A CLA BA . -15.01 -38.29 -27.94
C4A CLA BA . -16.07 -38.48 -26.85
CMA CLA BA . -15.51 -37.58 -29.17
CAA CLA BA . -12.64 -38.41 -27.19
NB CLA BA . -18.33 -39.04 -24.93
C1B CLA BA . -18.27 -39.43 -26.22
C2B CLA BA . -19.48 -40.22 -26.57
C3B CLA BA . -20.26 -40.26 -25.45
C4B CLA BA . -19.54 -39.51 -24.38
CMB CLA BA . -19.72 -40.79 -27.90
CAB CLA BA . -21.54 -40.89 -25.24
CBB CLA BA . -21.84 -41.76 -24.28
NC CLA BA . -18.03 -38.03 -22.21
C1C CLA BA . -19.25 -38.62 -22.08
C2C CLA BA . -19.74 -38.47 -20.71
C3C CLA BA . -18.76 -37.80 -20.00
C4C CLA BA . -17.67 -37.53 -20.95
CMC CLA BA . -21.03 -38.97 -20.24
CAC CLA BA . -18.77 -37.42 -18.59
CBC CLA BA . -17.87 -38.30 -17.75
ND CLA BA . -15.54 -36.94 -22.91
C1D CLA BA . -15.48 -36.58 -21.54
C2D CLA BA . -14.21 -35.87 -21.29
C3D CLA BA . -13.53 -35.87 -22.49
C4D CLA BA . -14.39 -36.58 -23.46
CMD CLA BA . -13.81 -35.30 -20.00
CAD CLA BA . -12.33 -35.47 -23.20
OBD CLA BA . -11.40 -34.78 -22.82
CBD CLA BA . -12.42 -36.06 -24.64
CGD CLA BA . -12.16 -34.96 -25.64
O1D CLA BA . -12.20 -33.75 -25.43
O2D CLA BA . -11.83 -35.38 -26.89
CED CLA BA . -11.99 -34.45 -27.95
MG CLA CA . -21.30 -24.53 -21.13
CHA CLA CA . -21.74 -24.56 -24.58
CHB CLA CA . -20.97 -21.14 -21.21
CHC CLA CA . -21.02 -24.56 -17.71
CHD CLA CA . -21.60 -28.04 -21.13
NA CLA CA . -21.34 -23.10 -22.67
C1A CLA CA . -21.55 -23.30 -24.03
C2A CLA CA . -21.50 -21.99 -24.80
C3A CLA CA . -21.16 -20.94 -23.71
C4A CLA CA . -21.16 -21.76 -22.42
CMA CLA CA . -19.82 -20.30 -23.96
CAA CLA CA . -22.86 -21.66 -25.40
CBA CLA CA . -23.99 -22.10 -24.49
CGA CLA CA . -24.32 -21.03 -23.51
O1A CLA CA . -24.05 -20.98 -22.30
O2A CLA CA . -25.03 -19.99 -24.06
NB CLA CA . -21.02 -23.12 -19.72
C1B CLA CA . -20.94 -21.78 -19.95
C2B CLA CA . -20.78 -21.06 -18.66
C3B CLA CA . -20.79 -22.02 -17.67
C4B CLA CA . -20.95 -23.35 -18.33
CMB CLA CA . -20.67 -19.61 -18.57
CAB CLA CA . -20.68 -21.88 -16.25
CBB CLA CA . -19.77 -21.14 -15.61
NC CLA CA . -21.32 -26.03 -19.69
C1C CLA CA . -21.20 -25.82 -18.34
C2C CLA CA . -21.28 -27.10 -17.64
C3C CLA CA . -21.42 -28.08 -18.61
C4C CLA CA . -21.45 -27.41 -19.90
CMC CLA CA . -21.21 -27.30 -16.20
CAC CLA CA . -21.57 -29.52 -18.39
CBC CLA CA . -23.01 -29.97 -18.46
ND CLA CA . -21.62 -25.99 -22.47
C1D CLA CA . -21.67 -27.41 -22.34
C2D CLA CA . -21.84 -28.02 -23.67
C3D CLA CA . -21.94 -26.97 -24.57
C4D CLA CA . -21.76 -25.73 -23.77
CMD CLA CA . -21.93 -29.47 -23.89
CAD CLA CA . -22.11 -26.56 -25.94
OBD CLA CA . -22.36 -27.26 -26.92
CBD CLA CA . -21.93 -25.02 -26.00
CGD CLA CA . -20.78 -24.63 -26.88
O1D CLA CA . -19.57 -24.66 -26.59
O2D CLA CA . -21.13 -24.21 -28.12
CED CLA CA . -20.11 -23.69 -28.96
MG CLA DA . -6.08 -26.47 -1.00
CHA CLA DA . -5.18 -26.45 2.33
CHB CLA DA . -8.21 -23.87 -0.44
CHC CLA DA . -6.84 -26.44 -4.34
CHD CLA DA . -3.88 -29.20 -1.52
NA CLA DA . -6.60 -25.36 0.69
C1A CLA DA . -6.10 -25.49 1.99
C2A CLA DA . -6.72 -24.47 2.92
C3A CLA DA . -7.76 -23.74 2.04
C4A CLA DA . -7.52 -24.35 0.65
CMA CLA DA . -9.16 -24.00 2.52
CAA CLA DA . -5.65 -23.49 3.40
CBA CLA DA . -5.11 -22.64 2.26
CGA CLA DA . -3.94 -23.31 1.62
O1A CLA DA . -2.85 -23.62 2.12
O2A CLA DA . -4.16 -23.61 0.30
NB CLA DA . -7.29 -25.36 -2.17
C1B CLA DA . -8.09 -24.34 -1.75
C2B CLA DA . -8.86 -23.80 -2.91
C3B CLA DA . -8.47 -24.52 -4.01
C4B CLA DA . -7.47 -25.53 -3.55
CMB CLA DA . -9.80 -22.70 -2.77
CAB CLA DA . -8.89 -24.44 -5.38
CBB CLA DA . -10.15 -24.35 -5.79
NC CLA DA . -5.47 -27.62 -2.62
C1C CLA DA . -5.90 -27.43 -3.91
C2C CLA DA . -5.26 -28.38 -4.80
C3C CLA DA . -4.42 -29.17 -4.00
C4C CLA DA . -4.57 -28.68 -2.63
CMC CLA DA . -5.47 -28.47 -6.24
CAC CLA DA . -3.56 -30.27 -4.43
CBC CLA DA . -2.11 -29.86 -4.53
ND CLA DA . -4.82 -27.61 0.09
C1D CLA DA . -3.99 -28.71 -0.24
C2D CLA DA . -3.30 -29.18 0.99
C3D CLA DA . -3.71 -28.34 2.00
C4D CLA DA . -4.66 -27.38 1.39
CMD CLA DA . -2.38 -30.30 1.04
CAD CLA DA . -3.61 -28.01 3.41
OBD CLA DA . -2.93 -28.52 4.28
CBD CLA DA . -4.56 -26.80 3.66
CGD CLA DA . -5.67 -27.14 4.61
O1D CLA DA . -6.88 -26.93 4.48
O2D CLA DA . -5.26 -27.79 5.72
CED CLA DA . -6.24 -28.68 6.24
C1 CLA DA . -3.15 -24.43 -0.35
C2 CLA DA . -3.48 -24.46 -1.79
MG CLA EA . 0.37 -11.97 5.42
CHA CLA EA . -1.45 -13.05 8.16
CHB CLA EA . 1.54 -9.35 7.23
CHC CLA EA . 2.15 -10.94 2.66
CHD CLA EA . -0.99 -14.64 3.53
NA CLA EA . 0.08 -11.33 7.38
C1A CLA EA . -0.71 -11.92 8.38
C2A CLA EA . -0.65 -11.12 9.67
C3A CLA EA . 0.18 -9.86 9.28
C4A CLA EA . 0.66 -10.19 7.87
CMA CLA EA . -0.67 -8.62 9.31
CAA CLA EA . 0.08 -11.90 10.74
CBA CLA EA . -0.79 -12.22 11.92
CGA CLA EA . -1.34 -10.96 12.51
O1A CLA EA . -2.48 -10.74 12.95
O2A CLA EA . -0.42 -9.95 12.57
NB CLA EA . 1.59 -10.42 5.01
C1B CLA EA . 2.03 -9.51 5.92
C2B CLA EA . 3.13 -8.70 5.32
C3B CLA EA . 3.30 -9.14 4.04
C4B CLA EA . 2.32 -10.24 3.81
CMB CLA EA . 3.80 -7.62 6.04
CAB CLA EA . 4.20 -8.69 3.01
NC CLA EA . 0.54 -12.67 3.45
C1C CLA EA . 1.32 -12.08 2.49
C2C CLA EA . 1.18 -12.80 1.24
C3C CLA EA . 0.31 -13.85 1.48
C4C CLA EA . -0.09 -13.76 2.89
CMC CLA EA . 1.85 -12.45 -0.01
CAC CLA EA . -0.13 -14.86 0.51
CBC CLA EA . -1.48 -14.52 -0.10
ND CLA EA . -0.88 -13.53 5.71
C1D CLA EA . -1.35 -14.55 4.85
C2D CLA EA . -2.29 -15.41 5.61
C3D CLA EA . -2.36 -14.89 6.88
C4D CLA EA . -1.47 -13.71 6.89
CMD CLA EA . -2.97 -16.58 5.06
CAD CLA EA . -2.95 -15.00 8.19
OBD CLA EA . -3.77 -15.82 8.59
CBD CLA EA . -2.39 -13.84 9.05
CGD CLA EA . -3.47 -12.99 9.65
O1D CLA EA . -3.56 -11.75 9.67
O2D CLA EA . -4.46 -13.70 10.25
CED CLA EA . -4.92 -13.25 11.53
MG CLA FA . -12.07 -13.56 -10.48
CHA CLA FA . -14.02 -13.60 -13.35
CHB CLA FA . -11.21 -10.33 -11.14
CHC CLA FA . -10.52 -13.44 -7.45
CHD CLA FA . -12.95 -16.93 -9.90
NA CLA FA . -12.52 -12.22 -12.03
C1A CLA FA . -13.38 -12.42 -13.12
C2A CLA FA . -13.44 -11.17 -13.99
C3A CLA FA . -12.30 -10.29 -13.42
C4A CLA FA . -11.99 -10.96 -12.08
CMA CLA FA . -11.10 -10.28 -14.34
CAA CLA FA . -14.78 -10.50 -13.79
CBA CLA FA . -15.33 -10.72 -12.38
CGA CLA FA . -16.62 -10.02 -12.15
O1A CLA FA . -17.48 -9.69 -12.98
O2A CLA FA . -16.84 -9.69 -10.84
NB CLA FA . -11.00 -12.17 -9.51
C1B CLA FA . -10.88 -10.88 -9.89
C2B CLA FA . -10.33 -10.08 -8.76
C3B CLA FA . -10.15 -10.94 -7.71
C4B CLA FA . -10.55 -12.29 -8.18
CMB CLA FA . -10.07 -8.64 -8.89
CAB CLA FA . -9.66 -10.73 -6.36
CBB CLA FA . -9.39 -9.56 -5.79
NC CLA FA . -11.73 -14.96 -8.99
C1C CLA FA . -11.05 -14.71 -7.83
C2C CLA FA . -11.00 -15.90 -7.01
C3C CLA FA . -11.71 -16.89 -7.68
C4C CLA FA . -12.16 -16.29 -8.94
CMC CLA FA . -10.36 -15.99 -5.70
CAC CLA FA . -11.96 -18.27 -7.25
CBC CLA FA . -10.79 -19.18 -7.55
ND CLA FA . -13.15 -15.01 -11.40
C1D CLA FA . -13.43 -16.35 -11.04
C2D CLA FA . -14.31 -16.94 -12.07
C3D CLA FA . -14.59 -15.93 -12.97
C4D CLA FA . -13.84 -14.75 -12.51
CMD CLA FA . -14.78 -18.32 -12.03
CAD CLA FA . -15.26 -15.54 -14.20
OBD CLA FA . -15.95 -16.21 -14.96
CBD CLA FA . -14.94 -14.04 -14.46
CGD CLA FA . -14.33 -13.83 -15.81
O1D CLA FA . -13.13 -13.75 -16.07
O2D CLA FA . -15.23 -13.72 -16.82
CED CLA FA . -16.52 -13.16 -16.55
C1 CLA FA . -17.38 -10.69 -9.94
C2 CLA FA . -18.83 -10.77 -10.20
C3 CLA FA . -19.68 -11.52 -9.48
C4 CLA FA . -21.13 -11.56 -9.78
C5 CLA FA . -19.24 -12.37 -8.33
C6 CLA FA . -19.99 -13.68 -8.34
C7 CLA FA . -19.62 -14.60 -7.20
C8 CLA FA . -20.42 -15.90 -7.22
C9 CLA FA . -21.77 -15.71 -7.85
C10 CLA FA . -20.58 -16.48 -5.82
C11 CLA FA . -19.53 -15.94 -4.88
C12 CLA FA . -19.71 -16.42 -3.46
C13 CLA FA . -18.59 -15.88 -2.58
C14 CLA FA . -18.42 -16.73 -1.34
MG CLA GA . -4.84 -26.20 -19.36
CHA CLA GA . -3.08 -24.00 -21.36
CHB CLA GA . -5.10 -28.37 -21.97
CHC CLA GA . -6.34 -28.46 -17.25
CHD CLA GA . -4.60 -23.89 -16.69
NA CLA GA . -4.22 -26.15 -21.34
C1A CLA GA . -3.46 -25.15 -21.97
C2A CLA GA . -3.19 -25.52 -23.43
C3A CLA GA . -4.00 -26.82 -23.63
C4A CLA GA . -4.47 -27.17 -22.22
CMA CLA GA . -5.15 -26.60 -24.58
CAA CLA GA . -1.71 -25.79 -23.59
CBA CLA GA . -1.09 -26.51 -22.41
CGA CLA GA . -1.32 -27.99 -22.48
O1A CLA GA . -1.53 -28.67 -23.48
O2A CLA GA . -1.29 -28.60 -21.27
NB CLA GA . -5.59 -28.06 -19.57
C1B CLA GA . -5.59 -28.78 -20.72
C2B CLA GA . -6.21 -30.12 -20.48
C3B CLA GA . -6.57 -30.15 -19.15
C4B CLA GA . -6.18 -28.84 -18.55
CMB CLA GA . -6.35 -31.12 -21.54
CAB CLA GA . -7.19 -31.19 -18.37
CBB CLA GA . -6.93 -32.49 -18.50
NC CLA GA . -5.38 -26.16 -17.34
C1C CLA GA . -5.96 -27.21 -16.67
C2C CLA GA . -6.13 -26.86 -15.27
C3C CLA GA . -5.68 -25.55 -15.12
C4C CLA GA . -5.21 -25.13 -16.43
CMC CLA GA . -6.65 -27.71 -14.21
CAC CLA GA . -5.65 -24.78 -13.88
CBC CLA GA . -4.31 -24.90 -13.19
ND CLA GA . -4.09 -24.36 -19.04
C1D CLA GA . -4.07 -23.51 -17.90
C2D CLA GA . -3.38 -22.25 -18.25
C3D CLA GA . -2.96 -22.39 -19.56
C4D CLA GA . -3.43 -23.71 -20.00
CMD CLA GA . -3.18 -21.13 -17.34
CAD CLA GA . -2.29 -21.77 -20.68
OBD CLA GA . -1.78 -20.65 -20.76
CBD CLA GA . -2.33 -22.79 -21.87
CGD CLA GA . -2.94 -22.22 -23.11
O1D CLA GA . -4.11 -22.33 -23.50
O2D CLA GA . -2.07 -21.50 -23.86
CED CLA GA . -1.18 -22.22 -24.72
C1 CLA GA . -0.51 -29.82 -21.20
C2 CLA GA . -1.19 -30.71 -20.23
C3 CLA GA . -2.10 -31.63 -20.62
C4 CLA GA . -2.47 -31.83 -22.04
C5 CLA GA . -2.76 -32.52 -19.61
C6 CLA GA . -1.76 -33.26 -18.76
C7 CLA GA . -2.40 -33.72 -17.46
C8 CLA GA . -1.82 -33.04 -16.21
C9 CLA GA . -0.79 -31.99 -16.56
C10 CLA GA . -1.23 -34.06 -15.26
MG CLA HA . -8.94 -37.62 -18.36
CHA CLA HA . -8.22 -37.68 -21.76
CHB CLA HA . -5.92 -36.18 -17.75
CHC CLA HA . -9.76 -37.46 -15.03
CHD CLA HA . -12.11 -39.02 -19.06
NA CLA HA . -7.33 -37.07 -19.57
C1A CLA HA . -7.23 -37.17 -20.97
C2A CLA HA . -5.88 -36.64 -21.46
C3A CLA HA . -5.14 -36.26 -20.14
C4A CLA HA . -6.19 -36.51 -19.07
CMA CLA HA . -3.90 -37.07 -19.94
CAA CLA HA . -6.02 -35.42 -22.35
CBA CLA HA . -4.69 -35.00 -22.91
CGA CLA HA . -4.47 -35.60 -24.27
NB CLA HA . -8.01 -36.98 -16.70
C1B CLA HA . -6.80 -36.37 -16.67
C2B CLA HA . -6.50 -35.90 -15.29
C3B CLA HA . -7.58 -36.25 -14.51
C4B CLA HA . -8.55 -36.95 -15.40
CMB CLA HA . -5.26 -35.20 -14.95
CAB CLA HA . -7.85 -36.07 -13.11
CBB CLA HA . -6.96 -35.86 -12.14
NC CLA HA . -10.62 -38.18 -17.24
C1C CLA HA . -10.73 -38.03 -15.89
C2C CLA HA . -12.02 -38.53 -15.45
C3C CLA HA . -12.71 -38.96 -16.60
C4C CLA HA . -11.81 -38.72 -17.72
CMC CLA HA . -12.49 -38.56 -14.07
CAC CLA HA . -14.06 -39.53 -16.67
CBC CLA HA . -14.05 -41.02 -16.91
ND CLA HA . -9.96 -38.27 -19.97
C1D CLA HA . -11.27 -38.82 -20.12
C2D CLA HA . -11.50 -39.11 -21.55
C3D CLA HA . -10.36 -38.70 -22.23
C4D CLA HA . -9.44 -38.18 -21.19
CMD CLA HA . -12.73 -39.70 -22.08
CAD CLA HA . -9.70 -38.59 -23.51
OBD CLA HA . -10.07 -38.95 -24.62
CBD CLA HA . -8.32 -37.89 -23.25
CGD CLA HA . -7.17 -38.69 -23.77
O1D CLA HA . -6.02 -38.31 -24.02
O2D CLA HA . -7.46 -40.01 -24.00
CED CLA HA . -6.50 -40.98 -23.60
MG CLA IA . -25.17 -36.52 -7.18
CHA CLA IA . -26.58 -38.69 -4.86
CHB CLA IA . -22.57 -38.67 -7.59
CHC CLA IA . -23.83 -34.35 -9.47
CHD CLA IA . -27.87 -34.30 -6.65
NA CLA IA . -24.68 -38.38 -6.35
C1A CLA IA . -25.40 -39.12 -5.40
C2A CLA IA . -24.69 -40.43 -5.07
C3A CLA IA . -23.36 -40.34 -5.89
C4A CLA IA . -23.53 -39.05 -6.69
CMA CLA IA . -22.17 -40.27 -4.98
CAA CLA IA . -25.50 -41.62 -5.54
NB CLA IA . -23.50 -36.49 -8.29
C1B CLA IA . -22.59 -37.50 -8.38
C2B CLA IA . -21.58 -37.19 -9.42
C3B CLA IA . -21.93 -35.96 -9.96
C4B CLA IA . -23.16 -35.52 -9.25
CMB CLA IA . -20.47 -38.10 -9.72
CAB CLA IA . -21.33 -35.18 -11.00
CBB CLA IA . -20.06 -35.25 -11.42
NC CLA IA . -25.76 -34.67 -7.92
C1C CLA IA . -25.05 -33.95 -8.86
C2C CLA IA . -25.74 -32.70 -9.14
C3C CLA IA . -26.89 -32.68 -8.34
C4C CLA IA . -26.88 -33.92 -7.58
CMC CLA IA . -25.27 -31.69 -10.09
ND CLA IA . -26.87 -36.47 -6.09
C1D CLA IA . -27.89 -35.49 -5.95
C2D CLA IA . -28.88 -35.96 -4.96
C3D CLA IA . -28.44 -37.19 -4.53
C4D CLA IA . -27.18 -37.45 -5.24
CMD CLA IA . -30.08 -35.22 -4.58
CAD CLA IA . -28.70 -38.34 -3.66
OBD CLA IA . -29.65 -38.55 -2.93
CBD CLA IA . -27.49 -39.30 -3.81
CGD CLA IA . -26.77 -39.50 -2.50
MG CLA JA . 1.57 -19.31 -10.85
CHA CLA JA . 1.65 -20.62 -14.06
CHB CLA JA . -1.82 -19.20 -10.98
CHC CLA JA . 1.56 -18.00 -7.67
CHD CLA JA . 5.11 -19.40 -10.78
NA CLA JA . 0.17 -19.85 -12.30
C1A CLA JA . 0.40 -20.38 -13.57
C2A CLA JA . -0.92 -20.63 -14.31
C3A CLA JA . -1.99 -20.12 -13.32
C4A CLA JA . -1.18 -19.70 -12.10
CMA CLA JA . -2.76 -18.96 -13.91
CAA CLA JA . -1.11 -22.12 -14.53
NB CLA JA . 0.14 -18.71 -9.57
C1B CLA JA . -1.20 -18.76 -9.80
C2B CLA JA . -1.93 -18.23 -8.62
C3B CLA JA . -0.99 -17.89 -7.69
C4B CLA JA . 0.35 -18.20 -8.27
CMB CLA JA . -3.38 -18.13 -8.56
CAB CLA JA . -1.16 -17.33 -6.37
CBB CLA JA . -0.87 -17.97 -5.23
NC CLA JA . 3.07 -18.81 -9.48
C1C CLA JA . 2.83 -18.29 -8.24
C2C CLA JA . 4.10 -18.05 -7.55
C3C CLA JA . 5.10 -18.44 -8.43
C4C CLA JA . 4.45 -18.92 -9.64
CMC CLA JA . 4.23 -17.50 -6.20
CAC CLA JA . 6.55 -18.39 -8.19
CBC CLA JA . 7.15 -19.75 -7.89
ND CLA JA . 3.07 -19.89 -12.07
C1D CLA JA . 4.48 -19.87 -11.92
C2D CLA JA . 5.11 -20.39 -13.16
C3D CLA JA . 4.06 -20.68 -14.02
C4D CLA JA . 2.82 -20.34 -13.29
CMD CLA JA . 6.55 -20.52 -13.38
CAD CLA JA . 3.69 -21.18 -15.33
OBD CLA JA . 4.40 -21.55 -16.24
CBD CLA JA . 2.13 -21.15 -15.40
CGD CLA JA . 1.64 -20.30 -16.54
MG CLA KA . -29.67 -29.20 -0.25
CHA CLA KA . -30.71 -28.92 3.03
CHB CLA KA . -32.34 -31.20 -0.92
CHC CLA KA . -28.63 -29.43 -3.52
CHD CLA KA . -26.91 -27.11 0.47
NA CLA KA . -31.25 -29.93 0.89
C1A CLA KA . -31.52 -29.69 2.25
C2A CLA KA . -32.79 -30.40 2.69
C3A CLA KA . -33.24 -31.17 1.43
C4A CLA KA . -32.22 -30.75 0.38
CMA CLA KA . -33.23 -32.67 1.65
CAA CLA KA . -33.86 -29.40 3.08
NB CLA KA . -30.33 -30.16 -1.89
C1B CLA KA . -31.47 -30.89 -1.98
C2B CLA KA . -31.69 -31.34 -3.38
C3B CLA KA . -30.63 -30.84 -4.13
C4B CLA KA . -29.77 -30.09 -3.19
CMB CLA KA . -32.84 -32.14 -3.77
CAB CLA KA . -30.32 -30.95 -5.53
CBB CLA KA . -31.20 -31.08 -6.53
NC CLA KA . -28.06 -28.41 -1.32
C1C CLA KA . -27.83 -28.64 -2.65
C2C CLA KA . -26.62 -27.94 -3.08
C3C CLA KA . -26.14 -27.27 -1.94
C4C CLA KA . -27.05 -27.58 -0.85
CMC CLA KA . -26.10 -27.96 -4.44
CAC CLA KA . -24.97 -26.40 -1.86
CBC CLA KA . -23.68 -27.17 -2.01
ND CLA KA . -28.95 -28.20 1.33
C1D CLA KA . -27.79 -27.39 1.51
C2D CLA KA . -27.73 -26.94 2.91
C3D CLA KA . -28.83 -27.50 3.54
C4D CLA KA . -29.55 -28.27 2.52
CMD CLA KA . -26.70 -26.08 3.47
CAD CLA KA . -29.58 -27.62 4.78
OBD CLA KA . -29.36 -27.11 5.87
CBD CLA KA . -30.78 -28.56 4.50
CGD CLA KA . -30.73 -29.80 5.35
MG CLA LA . -15.79 -46.03 -6.52
CHA CLA LA . -18.99 -44.79 -6.02
CHB CLA LA . -16.42 -48.52 -4.28
CHC CLA LA . -12.57 -47.15 -6.96
CHD CLA LA . -15.15 -43.34 -8.72
NA CLA LA . -17.46 -46.56 -5.38
C1A CLA LA . -18.70 -45.92 -5.31
C2A CLA LA . -19.64 -46.64 -4.34
C3A CLA LA . -18.78 -47.80 -3.80
C4A CLA LA . -17.45 -47.65 -4.53
CMA CLA LA . -18.61 -47.71 -2.30
CAA CLA LA . -20.85 -47.19 -5.07
NB CLA LA . -14.71 -47.54 -5.76
C1B CLA LA . -15.13 -48.47 -4.88
C2B CLA LA . -14.05 -49.44 -4.60
C3B CLA LA . -12.97 -49.06 -5.35
C4B CLA LA . -13.37 -47.85 -6.10
CMB CLA LA . -14.21 -50.57 -3.67
CAB CLA LA . -11.66 -49.65 -5.47
CBB CLA LA . -11.41 -50.90 -5.86
NC CLA LA . -14.17 -45.37 -7.66
C1C CLA LA . -12.96 -45.99 -7.71
C2C CLA LA . -12.06 -45.27 -8.60
C3C CLA LA . -12.78 -44.17 -9.09
C4C CLA LA . -14.11 -44.25 -8.49
CMC CLA LA . -10.68 -45.65 -8.88
CAC CLA LA . -12.29 -43.15 -10.02
CBC CLA LA . -12.90 -43.25 -11.40
ND CLA LA . -16.80 -44.47 -7.30
C1D CLA LA . -16.41 -43.42 -8.18
C2D CLA LA . -17.55 -42.49 -8.37
C3D CLA LA . -18.57 -42.98 -7.56
C4D CLA LA . -18.05 -44.19 -6.91
CMD CLA LA . -17.54 -41.33 -9.25
CAD CLA LA . -19.93 -42.80 -7.11
OBD CLA LA . -20.74 -41.94 -7.44
CBD CLA LA . -20.23 -43.92 -6.07
CGD CLA LA . -20.54 -43.36 -4.71
MG CLA MA . -2.57 -38.01 -2.13
CHA CLA MA . -3.00 -41.24 -0.93
CHB CLA MA . 0.23 -37.69 -0.25
CHC CLA MA . -2.14 -34.85 -3.41
CHD CLA MA . -5.41 -38.45 -4.21
NA CLA MA . -1.58 -39.27 -0.79
C1A CLA MA . -1.93 -40.57 -0.42
C2A CLA MA . -0.92 -41.13 0.59
C3A CLA MA . 0.01 -39.93 0.87
C4A CLA MA . -0.46 -38.87 -0.12
CMA CLA MA . -0.09 -39.45 2.30
CAA CLA MA . -0.14 -42.28 -0.01
NB CLA MA . -1.25 -36.52 -1.82
C1B CLA MA . -0.10 -36.63 -1.12
C2B CLA MA . 0.79 -35.48 -1.39
C3B CLA MA . 0.13 -34.66 -2.29
C4B CLA MA . -1.19 -35.32 -2.56
CMB CLA MA . 2.11 -35.34 -0.77
CAB CLA MA . 0.50 -33.42 -2.90
CBB CLA MA . 1.74 -33.03 -3.21
NC CLA MA . -3.63 -36.84 -3.50
C1C CLA MA . -3.29 -35.56 -3.85
C2C CLA MA . -4.27 -35.03 -4.79
C3C CLA MA . -5.17 -36.06 -5.06
C4C CLA MA . -4.76 -37.20 -4.24
CMC CLA MA . -4.23 -33.69 -5.37
CAC CLA MA . -6.33 -36.02 -5.96
CBC CLA MA . -6.03 -36.60 -7.31
ND CLA MA . -3.93 -39.45 -2.52
C1D CLA MA . -5.01 -39.52 -3.43
C2D CLA MA . -5.64 -40.86 -3.33
C3D CLA MA . -4.95 -41.53 -2.34
C4D CLA MA . -3.88 -40.62 -1.89
CMD CLA MA . -6.80 -41.30 -4.11
CAD CLA MA . -4.83 -42.75 -1.57
OBD CLA MA . -5.57 -43.74 -1.53
CBD CLA MA . -3.54 -42.62 -0.70
CGD CLA MA . -3.79 -42.89 0.76
O1D CLA MA . -3.53 -42.14 1.71
O2D CLA MA . -4.36 -44.09 1.03
CED CLA MA . -5.01 -44.24 2.30
MG CLA NA . -19.88 -18.09 -10.71
CHA CLA NA . -19.84 -15.43 -12.93
CHB CLA NA . -22.50 -19.44 -12.39
CHC CLA NA . -19.84 -20.72 -8.51
CHD CLA NA . -17.10 -16.66 -9.05
NA CLA NA . -20.98 -17.51 -12.39
C1A CLA NA . -20.80 -16.37 -13.18
C2A CLA NA . -21.81 -16.33 -14.33
C3A CLA NA . -22.64 -17.61 -14.12
C4A CLA NA . -22.02 -18.25 -12.88
CMA CLA NA . -24.10 -17.31 -13.92
CAA CLA NA . -21.09 -16.38 -15.67
CBA CLA NA . -22.05 -16.52 -16.84
CGA CLA NA . -22.82 -15.26 -17.02
O1A CLA NA . -23.93 -14.96 -16.57
O2A CLA NA . -22.16 -14.33 -17.77
NB CLA NA . -20.93 -19.79 -10.53
C1B CLA NA . -22.02 -20.12 -11.26
C2B CLA NA . -22.68 -21.32 -10.68
C3B CLA NA . -21.93 -21.69 -9.58
C4B CLA NA . -20.80 -20.71 -9.47
CMB CLA NA . -23.88 -21.91 -11.24
CAB CLA NA . -22.12 -22.78 -8.66
NC CLA NA . -18.69 -18.58 -9.07
C1C CLA NA . -18.84 -19.72 -8.32
C2C CLA NA . -17.83 -19.76 -7.28
C3C CLA NA . -17.05 -18.61 -7.43
C4C CLA NA . -17.59 -17.88 -8.56
CMC CLA NA . -17.70 -20.83 -6.29
CAC CLA NA . -15.89 -18.22 -6.61
CBC CLA NA . -16.21 -17.14 -5.61
ND CLA NA . -18.75 -16.42 -10.84
C1D CLA NA . -17.62 -15.97 -10.10
C2D CLA NA . -17.17 -14.68 -10.67
C3D CLA NA . -18.00 -14.41 -11.75
C4D CLA NA . -18.95 -15.54 -11.82
CMD CLA NA . -16.05 -13.91 -10.13
CAD CLA NA . -18.33 -13.51 -12.83
OBD CLA NA . -17.84 -12.44 -13.13
CBD CLA NA . -19.49 -14.15 -13.64
CGD CLA NA . -20.70 -13.26 -13.70
O1D CLA NA . -21.68 -13.28 -12.96
O2D CLA NA . -20.70 -12.34 -14.71
CED CLA NA . -21.98 -12.13 -15.31
C A86 OA . -24.58 -5.57 3.43
O A86 OA . -15.91 2.33 -1.83
C1 A86 OA . -23.52 -5.92 4.43
C10 A86 OA . -18.21 0.23 -0.46
C11 A86 OA . -16.97 0.50 -0.84
C12 A86 OA . -15.84 -0.13 -0.09
C13 A86 OA . -16.69 1.40 -1.94
C14 A86 OA . -17.42 1.14 -3.24
C15 A86 OA . -16.90 1.97 -4.40
C16 A86 OA . -15.76 1.23 -5.15
C17 A86 OA . -15.09 1.99 -6.30
C18 A86 OA . -16.16 2.36 -7.28
C19 A86 OA . -17.08 3.38 -6.64
C2 A86 OA . -22.34 -5.31 4.41
C20 A86 OA . -17.59 3.02 -5.24
C21 A86 OA . -18.43 4.08 -4.55
C22 A86 OA . -16.40 -0.01 -5.75
C23 A86 OA . -14.64 0.71 -4.26
C24 A86 OA . -23.74 -6.96 5.43
C25 A86 OA . -24.88 -7.61 5.47
C26 A86 OA . -25.02 -8.61 6.51
C27 A86 OA . -26.15 -9.34 6.60
C28 A86 OA . -27.28 -9.12 5.62
C29 A86 OA . -26.23 -10.34 7.69
C3 A86 OA . -22.12 -4.28 3.42
C30 A86 OA . -27.27 -11.03 7.81
C31 A86 OA . -28.30 -11.72 7.93
C32 A86 OA . -28.41 -12.99 7.09
C33 A86 OA . -29.87 -13.38 6.90
C34 A86 OA . -30.46 -13.61 8.29
C35 A86 OA . -30.46 -12.22 8.90
C36 A86 OA . -29.12 -11.59 9.18
C37 A86 OA . -29.24 -10.12 9.55
C38 A86 OA . -32.62 -14.23 9.32
C39 A86 OA . -33.13 -15.60 9.63
C4 A86 OA . -20.93 -3.69 3.33
C40 A86 OA . -27.65 -14.08 7.83
C41 A86 OA . -27.77 -12.77 5.74
C5 A86 OA . -20.79 -2.69 2.28
C6 A86 OA . -19.61 -2.13 2.06
C7 A86 OA . -18.41 -2.47 2.88
C8 A86 OA . -19.52 -1.15 0.98
C9 A86 OA . -18.34 -0.70 0.63
O1 A86 OA . -18.09 1.70 -5.16
O2 A86 OA . -15.55 2.96 -8.42
O3 A86 OA . -28.42 -12.28 10.24
O4 A86 OA . -31.80 -14.06 8.12
O5 A86 OA . -32.89 -13.28 10.06
C DD6 PA . -7.29 2.81 0.59
C1 DD6 PA . -6.65 3.01 1.93
C10 DD6 PA . 0.55 7.93 -2.48
C11 DD6 PA . 1.35 8.98 -2.26
C12 DD6 PA . 1.46 9.52 -0.87
C13 DD6 PA . 2.13 9.64 -3.33
C14 DD6 PA . 2.51 9.06 -4.45
C15 DD6 PA . 3.31 9.87 -5.46
C16 DD6 PA . 2.62 10.35 -6.73
C17 DD6 PA . 3.59 10.28 -7.90
C18 DD6 PA . 4.87 11.03 -7.58
C19 DD6 PA . 5.67 10.25 -6.56
C2 DD6 PA . -5.44 3.57 1.98
C20 DD6 PA . 4.82 9.86 -5.36
C21 DD6 PA . 5.46 9.04 -4.24
C22 DD6 PA . 2.14 11.77 -6.55
C23 DD6 PA . 1.44 9.45 -7.01
C24 DD6 PA . -7.39 2.58 3.13
C25 DD6 PA . -8.58 2.00 3.04
C26 DD6 PA . -9.31 1.58 4.25
C27 DD6 PA . -10.28 0.67 4.21
C28 DD6 PA . -10.63 0.02 2.90
C29 DD6 PA . -10.90 0.32 5.25
C3 DD6 PA . -4.76 3.99 0.76
C30 DD6 PA . -11.47 -0.03 6.23
C31 DD6 PA . -12.09 -0.41 7.25
C32 DD6 PA . -11.61 -1.68 7.93
C33 DD6 PA . -12.44 -2.06 9.14
C34 DD6 PA . -12.94 -0.84 9.87
C35 DD6 PA . -13.91 -0.14 8.92
C36 DD6 PA . -13.14 0.27 7.69
C37 DD6 PA . -13.60 1.48 6.95
C4 DD6 PA . -3.66 4.76 0.81
C40 DD6 PA . -11.68 -2.81 6.91
C41 DD6 PA . -10.17 -1.47 8.37
C5 DD6 PA . -2.96 5.18 -0.40
C6 DD6 PA . -2.00 6.12 -0.31
C7 DD6 PA . -1.70 6.73 1.03
C8 DD6 PA . -1.26 6.60 -1.49
C9 DD6 PA . -0.19 7.40 -1.33
O1 DD6 PA . 4.04 10.93 -4.85
O2 DD6 PA . 5.66 11.14 -8.78
O4 DD6 PA . -13.62 -1.22 11.06
C DD6 QA . -12.21 14.28 3.75
C1 DD6 QA . -12.77 13.16 4.55
C10 DD6 QA . -19.87 13.03 -1.68
C11 DD6 QA . -20.43 12.10 -2.47
C12 DD6 QA . -20.34 10.66 -2.08
C13 DD6 QA . -21.14 12.47 -3.70
C14 DD6 QA . -22.34 11.95 -3.84
C15 DD6 QA . -23.20 12.23 -5.04
C16 DD6 QA . -24.43 13.09 -4.88
C17 DD6 QA . -25.64 12.19 -5.02
C18 DD6 QA . -25.74 11.71 -6.46
C19 DD6 QA . -24.55 10.85 -6.85
C2 DD6 QA . -13.82 12.47 4.09
C20 DD6 QA . -23.32 11.05 -5.99
C21 DD6 QA . -22.39 9.86 -5.73
C22 DD6 QA . -24.43 13.72 -3.50
C23 DD6 QA . -24.45 14.18 -5.94
C24 DD6 QA . -12.15 12.88 5.83
C25 DD6 QA . -11.08 13.57 6.18
C26 DD6 QA . -10.54 13.26 7.50
C27 DD6 QA . -9.51 13.91 8.05
C28 DD6 QA . -8.81 15.03 7.35
C29 DD6 QA . -9.21 13.51 9.19
C3 DD6 QA . -14.40 12.85 2.82
C30 DD6 QA . -9.05 13.09 10.27
C31 DD6 QA . -8.97 12.59 11.40
C32 DD6 QA . -9.92 13.02 12.48
C33 DD6 QA . -9.23 12.91 13.83
C34 DD6 QA . -8.70 11.50 13.97
C35 DD6 QA . -7.57 11.33 12.97
C36 DD6 QA . -8.07 11.63 11.60
C37 DD6 QA . -7.54 10.85 10.44
C4 DD6 QA . -15.69 13.06 2.78
C40 DD6 QA . -10.36 14.45 12.23
C41 DD6 QA . -11.12 12.09 12.45
C5 DD6 QA . -16.38 13.46 1.57
C6 DD6 QA . -17.34 12.69 1.06
C7 DD6 QA . -17.74 11.42 1.75
C8 DD6 QA . -18.02 13.11 -0.17
C9 DD6 QA . -19.20 12.60 -0.47
O1 DD6 QA . -22.58 12.22 -6.31
O2 DD6 QA . -26.94 10.93 -6.58
O4 DD6 QA . -8.19 11.33 15.29
MG CLA RA . -5.86 23.78 -1.01
CHA CLA RA . -8.86 23.44 -2.69
CHB CLA RA . -5.30 26.72 -2.62
CHC CLA RA . -2.98 24.17 0.82
CHD CLA RA . -6.52 20.75 0.69
NA CLA RA . -6.91 24.87 -2.45
C1A CLA RA . -8.16 24.56 -3.01
C2A CLA RA . -8.58 25.63 -4.03
C3A CLA RA . -7.35 26.59 -4.07
C4A CLA RA . -6.44 26.05 -2.97
CMA CLA RA . -6.68 26.59 -5.41
CAA CLA RA . -9.80 26.38 -3.54
NB CLA RA . -4.39 25.16 -0.95
C1B CLA RA . -4.38 26.33 -1.63
C2B CLA RA . -3.23 27.17 -1.18
C3B CLA RA . -2.57 26.45 -0.21
C4B CLA RA . -3.29 25.16 -0.06
CMB CLA RA . -2.95 28.49 -1.72
CAB CLA RA . -1.41 26.78 0.57
CBB CLA RA . -1.31 27.86 1.36
NC CLA RA . -4.90 22.64 0.45
C1C CLA RA . -3.72 22.97 1.05
C2C CLA RA . -3.34 21.96 2.01
C3C CLA RA . -4.35 21.00 2.01
C4C CLA RA . -5.34 21.44 1.02
CMC CLA RA . -2.13 21.98 2.83
CAC CLA RA . -4.43 19.77 2.81
CBC CLA RA . -5.21 19.98 4.08
ND CLA RA . -7.29 22.37 -0.98
C1D CLA RA . -7.44 21.17 -0.24
C2D CLA RA . -8.71 20.50 -0.64
C3D CLA RA . -9.29 21.34 -1.57
C4D CLA RA . -8.37 22.48 -1.76
CMD CLA RA . -9.19 19.24 -0.10
CAD CLA RA . -10.41 21.54 -2.48
OBD CLA RA . -11.37 20.82 -2.70
CBD CLA RA . -10.19 22.90 -3.19
CGD CLA RA . -10.23 22.75 -4.68
O1D CLA RA . -9.83 21.80 -5.34
O2D CLA RA . -10.78 23.81 -5.33
CED CLA RA . -10.52 23.93 -6.73
MG CLA SA . -1.36 11.41 -6.96
CHA CLA SA . -0.67 13.61 -9.54
CHB CLA SA . -1.72 8.87 -9.21
CHC CLA SA . -1.89 9.26 -4.35
CHD CLA SA . -0.99 14.08 -4.66
NA CLA SA . -1.23 11.30 -9.03
C1A CLA SA . -0.91 12.32 -9.93
C2A CLA SA . -0.91 11.79 -11.37
C3A CLA SA . -1.34 10.32 -11.23
C4A CLA SA . -1.44 10.12 -9.71
CMA CLA SA . -2.64 10.04 -11.92
CAA CLA SA . 0.50 11.86 -11.95
CBA CLA SA . 1.55 11.49 -10.92
CGA CLA SA . 1.81 10.01 -10.94
O1A CLA SA . 1.34 9.14 -10.21
O2A CLA SA . 2.69 9.64 -11.91
NB CLA SA . -1.72 9.44 -6.81
C1B CLA SA . -1.86 8.57 -7.84
C2B CLA SA . -2.21 7.22 -7.32
C3B CLA SA . -2.25 7.32 -5.95
C4B CLA SA . -1.95 8.73 -5.60
CMB CLA SA . -2.43 6.05 -8.20
CAB CLA SA . -2.53 6.31 -4.96
CBB CLA SA . -2.02 5.08 -4.91
NC CLA SA . -1.44 11.64 -4.88
C1C CLA SA . -1.65 10.63 -3.98
C2C CLA SA . -1.60 11.15 -2.63
C3C CLA SA . -1.35 12.51 -2.73
C4C CLA SA . -1.25 12.81 -4.15
CMC CLA SA . -1.78 10.43 -1.36
CAC CLA SA . -1.22 13.45 -1.61
CBC CLA SA . 0.23 13.75 -1.30
ND CLA SA . -0.99 13.38 -7.01
C1D CLA SA . -0.86 14.37 -6.00
C2D CLA SA . -0.58 15.68 -6.62
C3D CLA SA . -0.48 15.44 -7.97
C4D CLA SA . -0.73 14.00 -8.16
CMD CLA SA . -0.43 16.92 -5.87
CAD CLA SA . -0.25 16.03 -9.28
OBD CLA SA . -0.03 17.18 -9.58
CBD CLA SA . -0.34 14.86 -10.32
CGD CLA SA . -1.35 15.16 -11.38
O1D CLA SA . -2.45 15.73 -11.24
O2D CLA SA . -1.00 14.77 -12.62
CED CLA SA . -1.64 15.40 -13.72
MG CLA TA . -3.23 -0.03 -3.33
CHA CLA TA . -3.26 -0.70 -6.72
CHB CLA TA . -0.55 2.03 -3.79
CHC CLA TA . -3.34 0.77 0.01
CHD CLA TA . -6.13 -2.01 -2.95
NA CLA TA . -2.09 0.52 -5.00
C1A CLA TA . -2.28 0.16 -6.33
C2A CLA TA . -1.25 0.80 -7.25
C3A CLA TA . -0.34 1.58 -6.27
C4A CLA TA . -1.02 1.38 -4.92
CMA CLA TA . 1.06 1.04 -6.28
CAA CLA TA . -1.96 1.77 -8.17
CBA CLA TA . -1.00 2.57 -9.03
CGA CLA TA . -0.19 1.65 -9.89
O1A CLA TA . 0.93 1.18 -9.67
O2A CLA TA . -0.82 1.32 -11.05
NB CLA TA . -2.17 1.20 -2.13
C1B CLA TA . -1.08 1.92 -2.50
C2B CLA TA . -0.49 2.57 -1.30
C3B CLA TA . -1.27 2.22 -0.23
C4B CLA TA . -2.35 1.34 -0.74
CMB CLA TA . 0.71 3.41 -1.36
CAB CLA TA . -1.14 2.58 1.16
NC CLA TA . -4.49 -0.57 -1.76
C1C CLA TA . -4.34 -0.14 -0.47
C2C CLA TA . -5.40 -0.69 0.37
C3C CLA TA . -6.21 -1.46 -0.47
C4C CLA TA . -5.64 -1.36 -1.81
CMC CLA TA . -5.54 -0.45 1.80
CAC CLA TA . -7.42 -2.20 -0.09
CBC CLA TA . -7.30 -3.69 -0.25
ND CLA TA . -4.37 -1.24 -4.48
C1D CLA TA . -5.56 -1.96 -4.21
C2D CLA TA . -6.00 -2.63 -5.45
C3D CLA TA . -5.13 -2.20 -6.44
C4D CLA TA . -4.18 -1.31 -5.79
CMD CLA TA . -7.14 -3.54 -5.54
CAD CLA TA . -4.75 -2.30 -7.82
OBD CLA TA . -5.12 -3.04 -8.71
CBD CLA TA . -3.63 -1.25 -8.08
CGD CLA TA . -2.46 -1.89 -8.76
O1D CLA TA . -1.36 -2.17 -8.27
O2D CLA TA . -2.69 -2.19 -10.07
CED CLA TA . -1.68 -1.83 -11.00
MG CLA UA . -18.95 0.59 8.05
CHA CLA UA . -20.16 -1.42 10.59
CHB CLA UA . -16.83 -1.90 7.10
CHC CLA UA . -17.90 2.57 5.45
CHD CLA UA . -21.25 3.11 9.02
NA CLA UA . -18.57 -1.32 8.76
C1A CLA UA . -19.20 -1.99 9.82
C2A CLA UA . -18.63 -3.40 9.99
C3A CLA UA . -17.51 -3.48 8.93
C4A CLA UA . -17.63 -2.15 8.19
CMA CLA UA . -16.16 -3.65 9.57
CAA CLA UA . -19.71 -4.43 9.66
CBA CLA UA . -20.04 -4.44 8.18
CGA CLA UA . -21.15 -3.48 7.86
O1A CLA UA . -22.30 -3.47 8.30
O2A CLA UA . -20.79 -2.51 6.96
NB CLA UA . -17.65 0.37 6.54
C1B CLA UA . -16.84 -0.71 6.34
C2B CLA UA . -15.93 -0.46 5.20
C3B CLA UA . -16.23 0.80 4.72
C4B CLA UA . -17.32 1.35 5.58
CMB CLA UA . -14.94 -1.45 4.76
CAB CLA UA . -15.65 1.55 3.65
CBB CLA UA . -14.36 1.59 3.32
NC CLA UA . -19.46 2.51 7.39
C1C CLA UA . -18.90 3.12 6.30
C2C CLA UA . -19.51 4.43 6.12
C3C CLA UA . -20.45 4.58 7.12
C4C CLA UA . -20.43 3.37 7.91
CMC CLA UA . -19.14 5.38 5.05
CAC CLA UA . -21.34 5.74 7.34
CBC CLA UA . -22.74 5.49 6.85
ND CLA UA . -20.30 0.90 9.52
C1D CLA UA . -21.20 1.96 9.79
C2D CLA UA . -22.02 1.63 10.97
C3D CLA UA . -21.64 0.35 11.34
C4D CLA UA . -20.60 -0.07 10.38
CMD CLA UA . -23.01 2.51 11.58
CAD CLA UA . -21.82 -0.74 12.28
OBD CLA UA . -22.50 -0.77 13.30
CBD CLA UA . -20.96 -1.93 11.77
CGD CLA UA . -20.08 -2.52 12.83
O1D CLA UA . -19.71 -3.70 12.93
O2D CLA UA . -19.67 -1.63 13.77
CED CLA UA . -18.30 -1.70 14.17
C1 CLA UA . -21.68 -1.37 6.87
C2 CLA UA . -21.44 -0.73 5.56
MG CLA VA . -25.23 -13.88 3.11
CHA CLA VA . -23.73 -14.77 6.11
CHB CLA VA . -26.52 -17.01 2.84
CHC CLA VA . -26.69 -12.94 0.16
CHD CLA VA . -23.77 -10.67 3.40
NA CLA VA . -25.14 -15.60 4.30
C1A CLA VA . -24.46 -15.76 5.52
C2A CLA VA . -24.65 -17.18 6.06
C3A CLA VA . -25.49 -17.88 4.96
C4A CLA VA . -25.75 -16.76 3.95
CMA CLA VA . -24.74 -19.03 4.33
CAA CLA VA . -25.42 -17.15 7.37
CBA CLA VA . -24.87 -18.18 8.34
CGA CLA VA . -25.30 -19.54 7.91
O1A CLA VA . -24.68 -20.60 7.94
O2A CLA VA . -26.58 -19.56 7.43
NB CLA VA . -26.38 -14.81 1.75
C1B CLA VA . -26.83 -16.08 1.83
C2B CLA VA . -27.69 -16.38 0.65
C3B CLA VA . -27.75 -15.24 -0.11
C4B CLA VA . -26.91 -14.22 0.58
CMB CLA VA . -28.33 -17.68 0.43
CAB CLA VA . -28.45 -14.98 -1.34
NC CLA VA . -25.23 -12.12 2.00
C1C CLA VA . -25.91 -11.95 0.82
C2C CLA VA . -25.70 -10.61 0.31
C3C CLA VA . -24.86 -9.96 1.22
C4C CLA VA . -24.58 -10.92 2.28
CMC CLA VA . -26.27 -10.08 -0.93
CAC CLA VA . -24.37 -8.58 1.15
CBC CLA VA . -22.94 -8.53 0.65
ND CLA VA . -24.06 -12.88 4.42
C1D CLA VA . -23.51 -11.56 4.42
C2D CLA VA . -22.68 -11.38 5.62
C3D CLA VA . -22.74 -12.58 6.31
C4D CLA VA . -23.59 -13.48 5.51
CMD CLA VA . -21.96 -10.17 5.97
CAD CLA VA . -22.29 -13.31 7.48
OBD CLA VA . -21.56 -12.95 8.39
CBD CLA VA . -22.90 -14.75 7.38
CGD CLA VA . -21.82 -15.79 7.31
O1D CLA VA . -21.11 -16.08 6.36
O2D CLA VA . -21.64 -16.48 8.48
CED CLA VA . -21.05 -17.78 8.39
MG CLA WA . -11.25 -3.64 -6.59
CHA CLA WA . -9.02 -1.89 -8.58
CHB CLA WA . -12.05 -5.62 -9.24
CHC CLA WA . -13.11 -5.60 -4.48
CHD CLA WA . -10.46 -1.50 -3.89
NA CLA WA . -10.66 -3.70 -8.60
C1A CLA WA . -9.68 -2.90 -9.23
C2A CLA WA . -9.57 -3.31 -10.70
C3A CLA WA . -10.78 -4.23 -10.91
C4A CLA WA . -11.19 -4.57 -9.48
CMA CLA WA . -11.88 -3.53 -11.68
CAA CLA WA . -8.34 -4.16 -10.98
CBA CLA WA . -7.41 -4.40 -9.81
CGA CLA WA . -7.74 -5.59 -8.97
O1A CLA WA . -8.81 -5.88 -8.42
O2A CLA WA . -6.68 -6.43 -8.78
NB CLA WA . -12.41 -5.27 -6.82
C1B CLA WA . -12.50 -6.02 -7.96
C2B CLA WA . -13.14 -7.32 -7.65
C3B CLA WA . -13.43 -7.32 -6.31
C4B CLA WA . -12.99 -6.00 -5.78
CMB CLA WA . -13.42 -8.35 -8.67
CAB CLA WA . -14.06 -8.33 -5.49
CBB CLA WA . -13.75 -9.62 -5.51
NC CLA WA . -11.75 -3.51 -4.58
C1C CLA WA . -12.56 -4.41 -3.93
C2C CLA WA . -12.70 -4.03 -2.53
C3C CLA WA . -11.93 -2.89 -2.35
C4C CLA WA . -11.33 -2.57 -3.65
CMC CLA WA . -13.49 -4.75 -1.54
CAC CLA WA . -11.75 -2.13 -1.11
CBC CLA WA . -12.64 -0.92 -1.08
ND CLA WA . -10.11 -2.01 -6.27
C1D CLA WA . -9.87 -1.23 -5.11
C2D CLA WA . -8.90 -0.17 -5.43
C3D CLA WA . -8.50 -0.39 -6.75
C4D CLA WA . -9.29 -1.55 -7.22
CMD CLA WA . -8.44 0.84 -4.49
CAD CLA WA . -7.70 0.06 -7.86
OBD CLA WA . -6.94 1.01 -7.92
CBD CLA WA . -7.97 -0.90 -9.06
CGD CLA WA . -8.40 -0.17 -10.29
O1D CLA WA . -9.54 0.27 -10.53
O2D CLA WA . -7.44 0.02 -11.24
CED CLA WA . -6.07 0.13 -10.85
C1 CLA WA . -6.16 -6.53 -7.43
C2 CLA WA . -4.70 -6.35 -7.51
C3 CLA WA . -3.90 -6.16 -6.43
C4 CLA WA . -2.44 -5.99 -6.57
C5 CLA WA . -4.46 -6.12 -5.05
C6 CLA WA . -3.74 -5.11 -4.16
C7 CLA WA . -3.71 -5.59 -2.72
C8 CLA WA . -3.53 -4.44 -1.73
C9 CLA WA . -2.38 -3.56 -2.15
C10 CLA WA . -3.30 -4.96 -0.32
C11 CLA WA . -4.42 -5.86 0.15
C12 CLA WA . -4.80 -5.62 1.60
C13 CLA WA . -5.72 -6.69 2.16
C14 CLA WA . -5.52 -8.00 1.43
C15 CLA WA . -7.19 -6.29 2.08
C16 CLA WA . -7.68 -5.68 3.38
C17 CLA WA . -8.94 -4.87 3.17
C18 CLA WA . -10.20 -5.73 3.20
C19 CLA WA . -10.30 -6.48 4.51
C20 CLA WA . -11.43 -4.87 3.01
MG CLA XA . -18.16 12.18 -6.23
CHA CLA XA . -19.81 11.87 -9.25
CHB CLA XA . -17.85 15.53 -6.74
CHC CLA XA . -16.70 12.46 -3.13
CHD CLA XA . -18.55 8.70 -5.71
NA CLA XA . -18.72 13.46 -7.77
C1A CLA XA . -19.43 13.15 -8.94
C2A CLA XA . -19.65 14.38 -9.80
C3A CLA XA . -18.82 15.46 -9.07
C4A CLA XA . -18.44 14.80 -7.76
CMA CLA XA . -17.60 15.84 -9.87
CAA CLA XA . -21.12 14.77 -9.82
CBA CLA XA . -21.77 14.59 -8.46
CGA CLA XA . -21.62 15.81 -7.61
O1A CLA XA . -21.86 16.99 -7.90
O2A CLA XA . -21.15 15.54 -6.35
NB CLA XA . -17.41 13.70 -5.14
C1B CLA XA . -17.43 15.01 -5.51
C2B CLA XA . -16.87 15.85 -4.41
C3B CLA XA . -16.53 14.98 -3.38
C4B CLA XA . -16.87 13.61 -3.85
CMB CLA XA . -16.73 17.30 -4.51
CAB CLA XA . -15.97 15.24 -2.09
CBB CLA XA . -16.28 16.25 -1.29
NC CLA XA . -17.68 10.81 -4.73
C1C CLA XA . -17.07 11.15 -3.55
C2C CLA XA . -16.88 9.96 -2.73
C3C CLA XA . -17.43 8.90 -3.45
C4C CLA XA . -17.93 9.44 -4.70
CMC CLA XA . -16.26 9.94 -1.41
CAC CLA XA . -17.50 7.48 -3.05
CBC CLA XA . -18.87 7.12 -2.54
ND CLA XA . -18.89 10.59 -7.24
C1D CLA XA . -19.00 9.21 -6.91
C2D CLA XA . -19.67 8.50 -8.03
C3D CLA XA . -19.99 9.47 -8.96
C4D CLA XA . -19.51 10.76 -8.41
CMD CLA XA . -19.91 7.07 -8.08
CAD CLA XA . -20.57 9.76 -10.26
OBD CLA XA . -21.00 8.97 -11.10
CBD CLA XA . -20.54 11.30 -10.45
CGD CLA XA . -19.88 11.68 -11.74
O1D CLA XA . -18.69 11.96 -11.93
O2D CLA XA . -20.74 11.73 -12.80
CED CLA XA . -21.34 12.98 -13.11
C1 CLA XA . -21.06 16.67 -5.46
C2 CLA XA . -20.67 16.16 -4.11
C3 CLA XA . -20.75 16.92 -3.01
C4 CLA XA . -21.21 18.33 -3.06
C5 CLA XA . -20.37 16.38 -1.67
C6 CLA XA . -21.45 16.57 -0.64
C7 CLA XA . -21.23 15.67 0.56
C8 CLA XA . -22.20 14.49 0.61
C9 CLA XA . -23.57 14.88 0.10
C10 CLA XA . -22.30 13.94 2.03
MG CLA YA . -14.35 20.16 2.29
CHA CLA YA . -14.70 22.42 -0.31
CHB CLA YA . -17.42 18.88 1.60
CHC CLA YA . -13.90 17.87 4.82
CHD CLA YA . -11.14 21.50 2.95
NA CLA YA . -15.81 20.60 0.86
C1A CLA YA . -15.77 21.58 -0.14
C2A CLA YA . -17.06 21.57 -0.97
C3A CLA YA . -17.93 20.50 -0.27
C4A CLA YA . -17.00 19.93 0.81
CMA CLA YA . -19.18 21.07 0.31
CAA CLA YA . -16.79 21.17 -2.40
NB CLA YA . -15.45 18.67 3.07
C1B CLA YA . -16.67 18.28 2.63
C2B CLA YA . -17.14 17.09 3.41
C3B CLA YA . -16.14 16.81 4.32
C4B CLA YA . -15.06 17.81 4.11
CMB CLA YA . -18.43 16.45 3.15
CAB CLA YA . -16.03 15.78 5.32
CBB CLA YA . -16.67 14.61 5.35
NC CLA YA . -12.81 19.78 3.65
C1C CLA YA . -12.84 18.80 4.60
C2C CLA YA . -11.61 18.83 5.38
C3C CLA YA . -10.82 19.83 4.84
C4C CLA YA . -11.58 20.43 3.75
CMC CLA YA . -11.31 17.92 6.49
CAC CLA YA . -9.47 20.25 5.29
CBC CLA YA . -9.50 21.50 6.15
ND CLA YA . -13.16 21.61 1.55
C1D CLA YA . -11.86 22.07 1.92
C2D CLA YA . -11.47 23.18 1.03
C3D CLA YA . -12.53 23.36 0.16
C4D CLA YA . -13.55 22.35 0.52
CMD CLA YA . -10.20 23.90 1.12
CAD CLA YA . -13.04 24.12 -0.97
OBD CLA YA . -12.52 25.05 -1.58
CBD CLA YA . -14.45 23.54 -1.30
CGD CLA YA . -15.50 24.60 -1.19
O1D CLA YA . -15.49 25.60 -0.46
O2D CLA YA . -16.59 24.40 -1.99
CED CLA YA . -16.49 24.84 -3.34
MG CLA ZA . 0.29 11.39 11.87
CHA CLA ZA . 1.78 11.20 15.01
CHB CLA ZA . -2.06 13.51 13.10
CHC CLA ZA . -1.07 11.61 8.73
CHD CLA ZA . 2.77 9.18 10.63
NA CLA ZA . -0.07 12.20 13.76
C1A CLA ZA . 0.66 12.00 14.94
C2A CLA ZA . 0.05 12.78 16.10
C3A CLA ZA . -1.24 13.39 15.49
C4A CLA ZA . -1.12 13.02 14.01
CMA CLA ZA . -2.48 12.82 16.12
CAA CLA ZA . 0.99 13.89 16.56
NB CLA ZA . -1.31 12.31 11.08
C1B CLA ZA . -2.07 13.24 11.73
C2B CLA ZA . -2.94 13.94 10.75
C3B CLA ZA . -2.67 13.41 9.51
C4B CLA ZA . -1.62 12.36 9.70
CMB CLA ZA . -3.87 15.01 11.13
CAB CLA ZA . -3.21 13.72 8.22
CBB CLA ZA . -4.49 13.53 7.88
NC CLA ZA . 0.76 10.53 10.03
C1C CLA ZA . 0.06 10.75 8.87
C2C CLA ZA . 0.64 9.97 7.78
C3C CLA ZA . 1.74 9.30 8.32
C4C CLA ZA . 1.81 9.66 9.73
CMC CLA ZA . 0.14 9.96 6.41
CAC CLA ZA . 2.65 8.40 7.61
CBC CLA ZA . 2.14 6.98 7.56
ND CLA ZA . 1.92 10.42 12.58
C1D CLA ZA . 2.84 9.53 11.97
C2D CLA ZA . 3.82 9.08 12.98
C3D CLA ZA . 3.47 9.70 14.16
C4D CLA ZA . 2.28 10.51 13.86
CMD CLA ZA . 4.92 8.16 12.71
CAD CLA ZA . 3.77 9.87 15.57
OBD CLA ZA . 4.68 9.38 16.23
CBD CLA ZA . 2.69 10.84 16.15
CGD CLA ZA . 1.94 10.20 17.30
O1D CLA ZA . 1.13 10.74 18.06
O2D CLA ZA . 2.23 8.88 17.49
MG CLA AB . -25.38 2.03 -4.77
CHA CLA AB . -24.97 5.14 -6.26
CHB CLA AB . -22.00 1.64 -4.67
CHC CLA AB . -25.83 -1.06 -3.34
CHD CLA AB . -28.89 2.42 -5.04
NA CLA AB . -23.77 3.22 -5.35
C1A CLA AB . -23.81 4.49 -5.96
C2A CLA AB . -22.40 5.01 -6.22
C3A CLA AB . -21.50 3.83 -5.82
C4A CLA AB . -22.47 2.82 -5.22
CMA CLA AB . -20.81 3.25 -7.03
CAA CLA AB . -22.13 6.20 -5.31
NB CLA AB . -24.16 0.57 -4.14
C1B CLA AB . -22.80 0.62 -4.13
C2B CLA AB . -22.26 -0.61 -3.47
C3B CLA AB . -23.33 -1.38 -3.10
C4B CLA AB . -24.56 -0.64 -3.51
CMB CLA AB . -20.82 -0.84 -3.32
CAB CLA AB . -23.42 -2.66 -2.45
CBB CLA AB . -22.51 -3.20 -1.63
NC CLA AB . -27.06 0.90 -4.27
C1C CLA AB . -27.01 -0.34 -3.69
C2C CLA AB . -28.36 -0.84 -3.49
C3C CLA AB . -29.23 0.14 -3.97
C4C CLA AB . -28.41 1.23 -4.46
CMC CLA AB . -28.69 -2.13 -2.90
CAC CLA AB . -30.70 0.08 -3.99
CBC CLA AB . -31.31 0.80 -2.81
ND CLA AB . -26.68 3.43 -5.42
C1D CLA AB . -28.10 3.46 -5.49
C2D CLA AB . -28.52 4.74 -6.10
C3D CLA AB . -27.36 5.42 -6.42
C4D CLA AB . -26.25 4.56 -5.98
CMD CLA AB . -29.92 5.14 -6.32
CAD CLA AB . -26.78 6.62 -6.98
OBD CLA AB . -27.35 7.61 -7.44
CBD CLA AB . -25.23 6.46 -6.94
CGD CLA AB . -24.64 6.50 -8.32
MG CLA BB . 4.45 0.89 12.24
CHA CLA BB . 5.41 -1.35 14.73
CHB CLA BB . 7.14 2.84 12.97
CHC CLA BB . 3.43 3.10 9.82
CHD CLA BB . 1.65 -1.16 11.55
NA CLA BB . 6.03 0.73 13.62
C1A CLA BB . 6.25 -0.27 14.57
C2A CLA BB . 7.53 0.00 15.37
C3A CLA BB . 8.04 1.34 14.78
C4A CLA BB . 7.01 1.68 13.70
CMA CLA BB . 8.11 2.42 15.84
CAA CLA BB . 8.55 -1.09 15.12
NB CLA BB . 5.15 2.64 11.53
C1B CLA BB . 6.27 3.27 11.95
C2B CLA BB . 6.46 4.53 11.18
C3B CLA BB . 5.40 4.61 10.29
C4B CLA BB . 4.57 3.41 10.50
CMB CLA BB . 7.58 5.43 11.40
CAB CLA BB . 5.09 5.61 9.30
CBB CLA BB . 5.97 6.20 8.49
NC CLA BB . 2.85 0.94 10.92
C1C CLA BB . 2.63 1.94 10.01
C2C CLA BB . 1.42 1.67 9.24
C3C CLA BB . 0.91 0.46 9.73
C4C CLA BB . 1.81 0.02 10.79
CMC CLA BB . 0.88 2.51 8.18
CAC CLA BB . -0.30 -0.25 9.28
CBC CLA BB . -1.56 0.33 9.85
ND CLA BB . 3.69 -0.87 12.89
C1D CLA BB . 2.51 -1.58 12.54
C2D CLA BB . 2.41 -2.78 13.39
C3D CLA BB . 3.49 -2.74 14.25
C4D CLA BB . 4.25 -1.52 13.90
CMD CLA BB . 1.35 -3.78 13.30
CAD CLA BB . 4.20 -3.40 15.33
OBD CLA BB . 3.95 -4.46 15.90
CBD CLA BB . 5.42 -2.50 15.70
CGD CLA BB . 5.33 -2.02 17.12
MG CLA CB . -9.42 18.21 17.72
CHA CLA CB . -6.20 16.90 17.83
CHB CLA CB . -9.31 18.78 21.06
CHC CLA CB . -12.65 19.37 17.58
CHD CLA CB . -9.55 17.46 14.26
NA CLA CB . -7.96 17.91 19.19
C1A CLA CB . -6.69 17.34 19.04
C2A CLA CB . -5.95 17.31 20.37
C3A CLA CB . -6.97 17.88 21.37
C4A CLA CB . -8.17 18.23 20.49
CMA CLA CB . -7.34 16.87 22.43
CAA CLA CB . -4.71 18.18 20.33
NB CLA CB . -10.73 18.92 19.06
C1B CLA CB . -10.48 19.13 20.38
C2B CLA CB . -11.65 19.78 21.03
C3B CLA CB . -12.59 19.96 20.05
C4B CLA CB . -12.03 19.40 18.79
CMB CLA CB . -11.69 20.14 22.44
CAB CLA CB . -13.92 20.53 20.13
CBB CLA CB . -14.23 21.75 19.69
NC CLA CB . -10.83 18.41 16.18
C1C CLA CB . -12.08 18.92 16.35
C2C CLA CB . -12.80 18.89 15.09
C3C CLA CB . -11.93 18.34 14.14
C4C CLA CB . -10.69 18.04 14.85
CMC CLA CB . -14.18 19.36 14.88
CAC CLA CB . -12.20 18.11 12.71
CBC CLA CB . -11.48 19.09 11.82
ND CLA CB . -8.18 17.47 16.30
C1D CLA CB . -8.37 17.19 14.92
C2D CLA CB . -7.14 16.57 14.38
C3D CLA CB . -6.27 16.46 15.46
C4D CLA CB . -6.98 17.00 16.63
CMD CLA CB . -6.94 16.19 12.99
CAD CLA CB . -4.96 16.02 15.90
OBD CLA CB . -4.03 15.56 15.25
CBD CLA CB . -4.91 16.23 17.44
CGD CLA CB . -4.70 14.94 18.18
#